data_4DKM
#
_entry.id   4DKM
#
_cell.length_a   158.760
_cell.length_b   130.460
_cell.length_c   106.330
_cell.angle_alpha   90.00
_cell.angle_beta   128.39
_cell.angle_gamma   90.00
#
_symmetry.space_group_name_H-M   'C 1 2 1'
#
loop_
_entity.id
_entity.type
_entity.pdbx_description
1 polymer 'Amphioxus Green Fluorescent Protein, GFPc1a'
2 water water
#
_entity_poly.entity_id   1
_entity_poly.type   'polypeptide(L)'
_entity_poly.pdbx_seq_one_letter_code
;LPTTHEVHVYGSINGVEFDLVGSGKGNPKDGSEEIQVKSTKGPLGFSPYIVVPNI(CR2)FHQYLPFPDGMSPFQAAADD
GSGYVVHRTIQFEDGASLTGNYRYSYDGGHIKGEFHVVGSGFPADGPVMTKSLTAVDWSVATMLFPNDTTVVSTIDWTCP
TTSGKRYHATLRTNYTFAKPIAATILQKQPMFVFRKTEVKASDAEINLKEWQKAFHDL
;
_entity_poly.pdbx_strand_id   A,B,C,D,E,F,G,H
#
# COMPACT_ATOMS: atom_id res chain seq x y z
N LEU A 1 -35.25 -9.46 -12.12
CA LEU A 1 -34.05 -8.72 -11.65
C LEU A 1 -33.81 -8.94 -10.17
N PRO A 2 -32.53 -9.10 -9.76
CA PRO A 2 -32.13 -9.31 -8.38
C PRO A 2 -32.30 -8.09 -7.48
N THR A 3 -32.75 -8.33 -6.26
CA THR A 3 -32.97 -7.25 -5.29
C THR A 3 -32.24 -7.53 -3.98
N THR A 4 -32.18 -8.81 -3.61
CA THR A 4 -31.50 -9.23 -2.38
C THR A 4 -30.73 -10.52 -2.64
N HIS A 5 -29.76 -10.80 -1.78
CA HIS A 5 -28.96 -12.01 -1.94
C HIS A 5 -28.32 -12.45 -0.63
N GLU A 6 -27.79 -13.66 -0.62
CA GLU A 6 -27.11 -14.21 0.53
C GLU A 6 -25.96 -15.06 0.04
N VAL A 7 -24.94 -15.26 0.87
CA VAL A 7 -23.77 -16.04 0.47
C VAL A 7 -23.30 -17.00 1.53
N HIS A 8 -22.62 -18.03 1.07
CA HIS A 8 -22.02 -19.02 1.93
C HIS A 8 -20.69 -19.32 1.29
N VAL A 9 -19.61 -18.85 1.89
CA VAL A 9 -18.28 -19.10 1.36
C VAL A 9 -17.64 -20.11 2.30
N TYR A 10 -17.02 -21.14 1.72
CA TYR A 10 -16.38 -22.16 2.53
C TYR A 10 -15.14 -22.64 1.80
N GLY A 11 -14.22 -23.24 2.52
CA GLY A 11 -12.99 -23.71 1.92
C GLY A 11 -11.86 -23.58 2.91
N SER A 12 -10.70 -23.13 2.45
CA SER A 12 -9.56 -23.01 3.33
C SER A 12 -8.52 -22.01 2.84
N ILE A 13 -7.68 -21.57 3.77
CA ILE A 13 -6.58 -20.66 3.48
C ILE A 13 -5.34 -21.23 4.13
N ASN A 14 -4.34 -21.58 3.32
CA ASN A 14 -3.13 -22.17 3.85
C ASN A 14 -3.44 -23.43 4.66
N GLY A 15 -4.38 -24.21 4.16
CA GLY A 15 -4.75 -25.45 4.83
C GLY A 15 -5.70 -25.33 6.01
N VAL A 16 -6.02 -24.11 6.41
CA VAL A 16 -6.91 -23.90 7.54
C VAL A 16 -8.32 -23.56 7.06
N GLU A 17 -9.28 -24.44 7.36
CA GLU A 17 -10.66 -24.23 6.95
C GLU A 17 -11.28 -22.96 7.52
N PHE A 18 -12.22 -22.41 6.78
CA PHE A 18 -12.94 -21.23 7.22
C PHE A 18 -14.32 -21.30 6.61
N ASP A 19 -15.27 -20.59 7.19
CA ASP A 19 -16.64 -20.62 6.68
C ASP A 19 -17.33 -19.30 6.99
N LEU A 20 -17.89 -18.68 5.94
CA LEU A 20 -18.58 -17.41 6.08
C LEU A 20 -20.04 -17.48 5.62
N VAL A 21 -20.91 -16.76 6.30
CA VAL A 21 -22.33 -16.74 5.94
C VAL A 21 -22.84 -15.32 6.14
N GLY A 22 -23.77 -14.91 5.29
CA GLY A 22 -24.31 -13.57 5.41
C GLY A 22 -25.27 -13.21 4.29
N SER A 23 -25.84 -12.03 4.35
CA SER A 23 -26.78 -11.60 3.33
C SER A 23 -26.69 -10.10 3.06
N GLY A 24 -27.34 -9.66 1.99
CA GLY A 24 -27.32 -8.26 1.64
C GLY A 24 -28.32 -7.92 0.56
N LYS A 25 -28.17 -6.74 -0.03
CA LYS A 25 -29.07 -6.31 -1.08
C LYS A 25 -28.29 -5.60 -2.18
N GLY A 26 -28.99 -5.17 -3.21
CA GLY A 26 -28.33 -4.47 -4.32
C GLY A 26 -29.32 -3.80 -5.23
N ASN A 27 -28.84 -2.84 -6.01
CA ASN A 27 -29.71 -2.13 -6.94
C ASN A 27 -29.35 -2.49 -8.36
N PRO A 28 -30.13 -3.37 -9.00
CA PRO A 28 -29.88 -3.80 -10.38
C PRO A 28 -29.89 -2.65 -11.38
N LYS A 29 -30.30 -1.46 -10.91
CA LYS A 29 -30.37 -0.27 -11.75
C LYS A 29 -29.03 0.45 -11.88
N ASP A 30 -28.23 0.44 -10.81
CA ASP A 30 -26.93 1.12 -10.83
C ASP A 30 -25.73 0.27 -10.46
N GLY A 31 -25.94 -1.01 -10.22
CA GLY A 31 -24.82 -1.89 -9.88
C GLY A 31 -24.32 -1.82 -8.45
N SER A 32 -24.95 -1.00 -7.61
CA SER A 32 -24.53 -0.89 -6.22
C SER A 32 -24.87 -2.21 -5.54
N GLU A 33 -24.12 -2.55 -4.50
CA GLU A 33 -24.31 -3.82 -3.82
C GLU A 33 -23.71 -3.73 -2.44
N GLU A 34 -24.35 -4.35 -1.46
CA GLU A 34 -23.82 -4.34 -0.10
C GLU A 34 -24.14 -5.65 0.61
N ILE A 35 -23.27 -6.07 1.52
CA ILE A 35 -23.48 -7.32 2.21
C ILE A 35 -22.69 -7.40 3.50
N GLN A 36 -23.13 -8.26 4.41
CA GLN A 36 -22.45 -8.46 5.67
C GLN A 36 -22.31 -9.96 5.86
N VAL A 37 -21.10 -10.40 6.17
CA VAL A 37 -20.84 -11.81 6.37
C VAL A 37 -20.16 -12.02 7.71
N LYS A 38 -20.38 -13.19 8.30
CA LYS A 38 -19.79 -13.51 9.60
C LYS A 38 -19.24 -14.92 9.59
N SER A 39 -18.11 -15.11 10.26
CA SER A 39 -17.48 -16.42 10.34
C SER A 39 -18.29 -17.34 11.24
N THR A 40 -18.29 -18.62 10.91
CA THR A 40 -19.01 -19.62 11.68
C THR A 40 -18.02 -20.61 12.29
N LYS A 41 -16.73 -20.27 12.21
CA LYS A 41 -15.68 -21.14 12.75
C LYS A 41 -14.63 -20.38 13.54
N GLY A 42 -15.03 -19.27 14.16
CA GLY A 42 -14.10 -18.49 14.95
C GLY A 42 -13.46 -17.37 14.17
N PRO A 43 -12.53 -16.63 14.79
CA PRO A 43 -11.86 -15.52 14.10
C PRO A 43 -11.08 -15.99 12.87
N LEU A 44 -11.08 -15.14 11.85
CA LEU A 44 -10.36 -15.43 10.60
C LEU A 44 -8.86 -15.22 10.79
N GLY A 45 -8.06 -16.20 10.39
CA GLY A 45 -6.63 -16.08 10.53
C GLY A 45 -5.93 -15.37 9.38
N PHE A 46 -6.70 -14.69 8.54
CA PHE A 46 -6.12 -14.00 7.37
C PHE A 46 -6.83 -12.69 7.08
N SER A 47 -6.19 -11.85 6.27
CA SER A 47 -6.76 -10.55 5.94
C SER A 47 -8.13 -10.67 5.31
N PRO A 48 -9.09 -9.88 5.78
CA PRO A 48 -10.44 -9.94 5.22
C PRO A 48 -10.53 -9.37 3.80
N TYR A 49 -9.53 -8.58 3.42
CA TYR A 49 -9.54 -7.96 2.10
C TYR A 49 -9.44 -8.95 0.94
N ILE A 50 -8.91 -10.14 1.18
CA ILE A 50 -8.85 -11.10 0.08
C ILE A 50 -10.21 -11.76 -0.11
N VAL A 51 -11.12 -11.58 0.86
CA VAL A 51 -12.45 -12.18 0.71
C VAL A 51 -13.38 -11.24 -0.05
N VAL A 52 -13.02 -9.96 -0.14
CA VAL A 52 -13.87 -8.99 -0.83
C VAL A 52 -14.43 -9.47 -2.17
N PRO A 53 -13.56 -9.88 -3.12
CA PRO A 53 -14.05 -10.34 -4.42
C PRO A 53 -14.90 -11.61 -4.26
N ASN A 54 -14.56 -12.40 -3.26
CA ASN A 54 -15.28 -13.63 -2.97
C ASN A 54 -16.57 -13.39 -2.19
N ILE A 55 -16.97 -12.14 -2.06
CA ILE A 55 -18.19 -11.84 -1.33
C ILE A 55 -19.09 -10.85 -2.07
N1 CR2 A 56 -18.59 -9.99 -2.94
CA1 CR2 A 56 -19.04 -9.28 -4.14
C1 CR2 A 56 -18.21 -9.49 -5.37
N2 CR2 A 56 -17.20 -8.74 -5.74
N3 CR2 A 56 -18.43 -10.48 -6.21
C2 CR2 A 56 -17.55 -10.36 -7.11
O2 CR2 A 56 -17.32 -11.00 -8.10
CA2 CR2 A 56 -16.74 -9.19 -6.75
CA3 CR2 A 56 -19.47 -11.46 -6.02
C3 CR2 A 56 -20.63 -11.85 -6.90
O3 CR2 A 56 -21.22 -12.92 -6.70
CB2 CR2 A 56 -15.62 -8.69 -7.52
CG2 CR2 A 56 -14.60 -7.61 -7.48
CD1 CR2 A 56 -13.57 -7.53 -8.36
CD2 CR2 A 56 -14.68 -6.69 -6.44
CE1 CR2 A 56 -12.61 -6.56 -8.23
CE2 CR2 A 56 -13.73 -5.72 -6.31
CZ CR2 A 56 -12.74 -5.68 -7.19
OH CR2 A 56 -11.89 -4.77 -7.01
N PHE A 57 -21.36 -10.75 -6.95
CA PHE A 57 -22.75 -10.76 -7.41
C PHE A 57 -22.95 -9.78 -8.55
N HIS A 58 -22.41 -10.15 -9.71
CA HIS A 58 -22.48 -9.34 -10.91
C HIS A 58 -23.87 -9.26 -11.51
N GLN A 59 -24.81 -10.07 -11.01
CA GLN A 59 -26.17 -10.01 -11.56
C GLN A 59 -26.81 -8.64 -11.26
N TYR A 60 -26.19 -7.87 -10.39
CA TYR A 60 -26.70 -6.53 -10.06
C TYR A 60 -26.16 -5.51 -11.05
N LEU A 61 -25.19 -5.94 -11.86
CA LEU A 61 -24.55 -5.05 -12.83
C LEU A 61 -25.32 -4.83 -14.12
N PRO A 62 -25.72 -3.58 -14.38
CA PRO A 62 -26.44 -3.34 -15.62
C PRO A 62 -25.41 -2.84 -16.62
N PHE A 63 -25.78 -2.77 -17.90
CA PHE A 63 -24.89 -2.26 -18.94
C PHE A 63 -25.48 -0.94 -19.42
N PRO A 64 -24.68 -0.13 -20.12
CA PRO A 64 -25.19 1.16 -20.61
C PRO A 64 -26.45 1.01 -21.45
N ASP A 65 -26.42 0.11 -22.43
CA ASP A 65 -27.56 -0.09 -23.32
C ASP A 65 -28.48 -1.24 -22.95
N GLY A 66 -28.35 -1.74 -21.73
CA GLY A 66 -29.22 -2.83 -21.31
C GLY A 66 -28.66 -3.61 -20.15
N MET A 67 -28.98 -4.89 -20.09
CA MET A 67 -28.48 -5.73 -19.02
C MET A 67 -27.11 -6.29 -19.34
N SER A 68 -26.38 -6.64 -18.30
CA SER A 68 -25.09 -7.27 -18.46
C SER A 68 -25.45 -8.74 -18.67
N PRO A 69 -24.53 -9.52 -19.24
CA PRO A 69 -24.87 -10.92 -19.44
C PRO A 69 -25.16 -11.63 -18.12
N PHE A 70 -24.52 -11.18 -17.04
CA PHE A 70 -24.73 -11.77 -15.72
C PHE A 70 -26.14 -11.49 -15.24
N GLN A 71 -26.56 -10.23 -15.42
CA GLN A 71 -27.88 -9.78 -14.99
C GLN A 71 -29.00 -10.41 -15.81
N ALA A 72 -28.75 -10.59 -17.11
CA ALA A 72 -29.74 -11.18 -18.00
C ALA A 72 -29.94 -12.64 -17.66
N ALA A 73 -28.84 -13.31 -17.28
CA ALA A 73 -28.89 -14.72 -16.93
C ALA A 73 -29.57 -14.91 -15.59
N ALA A 74 -29.57 -13.85 -14.77
CA ALA A 74 -30.21 -13.91 -13.47
C ALA A 74 -31.71 -13.70 -13.64
N ASP A 75 -32.06 -12.68 -14.42
CA ASP A 75 -33.45 -12.32 -14.71
C ASP A 75 -34.10 -13.49 -15.44
N ASP A 76 -33.29 -14.17 -16.24
CA ASP A 76 -33.67 -15.31 -17.05
C ASP A 76 -33.89 -16.53 -16.17
N GLY A 77 -33.03 -16.69 -15.17
CA GLY A 77 -33.13 -17.84 -14.27
C GLY A 77 -32.17 -18.92 -14.73
N SER A 78 -31.70 -18.83 -15.97
CA SER A 78 -30.76 -19.82 -16.51
C SER A 78 -29.43 -19.80 -15.77
N GLY A 79 -28.99 -18.60 -15.39
CA GLY A 79 -27.75 -18.44 -14.65
C GLY A 79 -26.42 -18.77 -15.32
N TYR A 80 -25.39 -18.82 -14.49
CA TYR A 80 -24.04 -19.11 -14.94
C TYR A 80 -23.21 -19.59 -13.76
N VAL A 81 -22.09 -20.23 -14.06
CA VAL A 81 -21.18 -20.71 -13.04
C VAL A 81 -19.91 -19.85 -13.16
N VAL A 82 -19.18 -19.70 -12.06
CA VAL A 82 -17.98 -18.88 -12.08
C VAL A 82 -16.72 -19.61 -11.65
N HIS A 83 -15.65 -19.45 -12.44
CA HIS A 83 -14.36 -20.07 -12.10
C HIS A 83 -13.35 -18.93 -12.01
N ARG A 84 -12.94 -18.58 -10.80
CA ARG A 84 -11.99 -17.49 -10.59
C ARG A 84 -10.63 -17.92 -10.10
N THR A 85 -9.59 -17.31 -10.66
CA THR A 85 -8.23 -17.58 -10.27
C THR A 85 -7.54 -16.26 -9.95
N ILE A 86 -6.97 -16.17 -8.76
CA ILE A 86 -6.24 -14.98 -8.32
C ILE A 86 -4.82 -15.40 -8.00
N GLN A 87 -3.85 -14.76 -8.62
CA GLN A 87 -2.46 -15.06 -8.37
C GLN A 87 -1.79 -13.81 -7.79
N PHE A 88 -1.24 -13.93 -6.58
CA PHE A 88 -0.58 -12.80 -5.92
C PHE A 88 0.91 -12.74 -6.22
N GLU A 89 1.48 -11.53 -6.23
CA GLU A 89 2.91 -11.35 -6.52
C GLU A 89 3.73 -12.20 -5.59
N ASP A 90 3.10 -12.51 -4.45
CA ASP A 90 3.64 -13.31 -3.38
C ASP A 90 3.90 -14.76 -3.74
N GLY A 91 3.11 -15.29 -4.67
CA GLY A 91 3.25 -16.67 -5.06
C GLY A 91 2.00 -17.39 -4.57
N ALA A 92 1.23 -16.72 -3.73
CA ALA A 92 -0.01 -17.30 -3.20
C ALA A 92 -1.06 -17.43 -4.28
N SER A 93 -1.88 -18.47 -4.18
CA SER A 93 -2.94 -18.72 -5.16
C SER A 93 -4.28 -18.75 -4.44
N LEU A 94 -5.30 -18.21 -5.08
CA LEU A 94 -6.64 -18.21 -4.50
C LEU A 94 -7.65 -18.57 -5.59
N THR A 95 -8.30 -19.71 -5.44
CA THR A 95 -9.28 -20.17 -6.42
C THR A 95 -10.72 -20.07 -5.93
N GLY A 96 -11.62 -19.69 -6.82
CA GLY A 96 -13.01 -19.59 -6.45
C GLY A 96 -13.94 -20.29 -7.42
N ASN A 97 -14.89 -21.04 -6.88
CA ASN A 97 -15.90 -21.74 -7.68
C ASN A 97 -17.25 -21.28 -7.17
N TYR A 98 -17.95 -20.48 -7.95
CA TYR A 98 -19.26 -19.98 -7.50
C TYR A 98 -20.43 -20.58 -8.26
N ARG A 99 -21.53 -20.79 -7.55
CA ARG A 99 -22.77 -21.31 -8.11
C ARG A 99 -23.89 -20.53 -7.45
N TYR A 100 -24.93 -20.22 -8.22
CA TYR A 100 -26.04 -19.45 -7.69
C TYR A 100 -27.39 -20.14 -7.86
N SER A 101 -28.36 -19.65 -7.10
CA SER A 101 -29.73 -20.13 -7.13
C SER A 101 -30.61 -18.89 -7.17
N TYR A 102 -31.66 -18.90 -7.97
CA TYR A 102 -32.53 -17.75 -8.06
C TYR A 102 -33.97 -18.02 -7.64
N ASP A 103 -34.56 -17.06 -6.96
CA ASP A 103 -35.92 -17.19 -6.48
C ASP A 103 -36.56 -15.81 -6.28
N GLY A 104 -37.31 -15.38 -7.28
CA GLY A 104 -38.00 -14.10 -7.23
C GLY A 104 -37.22 -12.89 -6.72
N GLY A 105 -36.15 -12.54 -7.41
CA GLY A 105 -35.38 -11.38 -7.01
C GLY A 105 -34.39 -11.63 -5.89
N HIS A 106 -34.35 -12.86 -5.40
CA HIS A 106 -33.42 -13.20 -4.33
C HIS A 106 -32.39 -14.20 -4.83
N ILE A 107 -31.12 -13.90 -4.62
CA ILE A 107 -30.03 -14.76 -5.04
C ILE A 107 -29.35 -15.46 -3.87
N LYS A 108 -29.07 -16.74 -4.05
CA LYS A 108 -28.38 -17.52 -3.04
C LYS A 108 -27.08 -18.00 -3.65
N GLY A 109 -25.97 -17.56 -3.08
CA GLY A 109 -24.67 -17.95 -3.61
C GLY A 109 -23.96 -18.97 -2.75
N GLU A 110 -23.32 -19.92 -3.41
CA GLU A 110 -22.57 -20.99 -2.75
C GLU A 110 -21.17 -20.92 -3.35
N PHE A 111 -20.22 -20.36 -2.60
CA PHE A 111 -18.84 -20.18 -3.07
C PHE A 111 -17.78 -21.05 -2.40
N HIS A 112 -17.10 -21.87 -3.20
CA HIS A 112 -16.03 -22.71 -2.68
C HIS A 112 -14.73 -21.96 -2.98
N VAL A 113 -14.05 -21.52 -1.93
CA VAL A 113 -12.80 -20.77 -2.09
C VAL A 113 -11.60 -21.41 -1.40
N VAL A 114 -10.54 -21.65 -2.16
CA VAL A 114 -9.33 -22.24 -1.59
C VAL A 114 -8.16 -21.32 -1.87
N GLY A 115 -7.39 -21.03 -0.83
CA GLY A 115 -6.22 -20.17 -0.96
C GLY A 115 -5.01 -20.88 -0.37
N SER A 116 -3.86 -20.71 -1.00
CA SER A 116 -2.65 -21.35 -0.50
C SER A 116 -1.39 -20.57 -0.84
N GLY A 117 -0.30 -20.94 -0.17
CA GLY A 117 0.98 -20.31 -0.42
C GLY A 117 1.15 -18.89 0.07
N PHE A 118 0.31 -18.43 0.99
CA PHE A 118 0.46 -17.08 1.52
C PHE A 118 1.59 -17.13 2.56
N PRO A 119 2.68 -16.36 2.35
CA PRO A 119 3.80 -16.36 3.30
C PRO A 119 3.33 -16.06 4.73
N ALA A 120 3.87 -16.78 5.70
CA ALA A 120 3.50 -16.58 7.10
C ALA A 120 3.75 -15.14 7.53
N ASP A 121 4.79 -14.53 6.97
CA ASP A 121 5.15 -13.14 7.29
C ASP A 121 4.62 -12.16 6.24
N GLY A 122 3.75 -12.64 5.37
CA GLY A 122 3.20 -11.80 4.33
C GLY A 122 2.05 -10.95 4.79
N PRO A 123 1.64 -9.96 3.99
CA PRO A 123 0.55 -9.00 4.24
C PRO A 123 -0.79 -9.66 4.53
N VAL A 124 -1.05 -10.79 3.90
CA VAL A 124 -2.31 -11.49 4.10
C VAL A 124 -2.42 -12.21 5.45
N MET A 125 -1.42 -12.99 5.79
CA MET A 125 -1.45 -13.73 7.05
C MET A 125 -1.24 -12.84 8.29
N THR A 126 -0.61 -11.69 8.12
CA THR A 126 -0.37 -10.78 9.25
C THR A 126 -1.40 -9.67 9.25
N LYS A 127 -2.40 -9.78 8.38
CA LYS A 127 -3.47 -8.79 8.26
C LYS A 127 -2.96 -7.35 8.12
N SER A 128 -2.01 -7.15 7.21
CA SER A 128 -1.43 -5.84 6.97
C SER A 128 -2.09 -5.08 5.82
N LEU A 129 -3.06 -5.70 5.17
CA LEU A 129 -3.76 -5.05 4.08
C LEU A 129 -4.74 -4.09 4.72
N THR A 130 -4.89 -2.91 4.14
CA THR A 130 -5.81 -1.93 4.70
C THR A 130 -7.07 -1.70 3.89
N ALA A 131 -7.04 -2.09 2.62
CA ALA A 131 -8.20 -1.94 1.75
C ALA A 131 -7.94 -2.51 0.36
N VAL A 132 -8.99 -2.49 -0.46
CA VAL A 132 -8.88 -2.97 -1.83
C VAL A 132 -8.91 -1.73 -2.70
N ASP A 133 -7.91 -1.56 -3.57
CA ASP A 133 -7.89 -0.41 -4.46
C ASP A 133 -9.00 -0.51 -5.49
N TRP A 134 -9.51 0.63 -5.92
CA TRP A 134 -10.55 0.66 -6.93
C TRP A 134 -9.90 -0.03 -8.13
N SER A 135 -10.74 -0.70 -8.94
CA SER A 135 -10.22 -1.44 -10.08
C SER A 135 -11.08 -1.34 -11.32
N VAL A 136 -10.50 -1.70 -12.46
CA VAL A 136 -11.22 -1.71 -13.73
C VAL A 136 -10.96 -3.07 -14.37
N ALA A 137 -12.03 -3.81 -14.64
CA ALA A 137 -11.88 -5.12 -15.29
C ALA A 137 -12.10 -5.00 -16.79
N THR A 138 -11.38 -5.81 -17.56
CA THR A 138 -11.53 -5.84 -19.01
C THR A 138 -12.24 -7.18 -19.31
N MET A 139 -13.43 -7.09 -19.91
CA MET A 139 -14.24 -8.27 -20.22
C MET A 139 -14.42 -8.50 -21.70
N LEU A 140 -14.35 -9.77 -22.10
CA LEU A 140 -14.53 -10.17 -23.48
C LEU A 140 -15.50 -11.36 -23.49
N PHE A 141 -16.13 -11.60 -24.63
CA PHE A 141 -17.08 -12.71 -24.77
C PHE A 141 -16.61 -13.52 -25.96
N PRO A 142 -15.66 -14.45 -25.74
CA PRO A 142 -15.09 -15.30 -26.80
C PRO A 142 -16.13 -16.14 -27.56
N ASN A 143 -17.25 -16.45 -26.92
CA ASN A 143 -18.32 -17.21 -27.59
C ASN A 143 -19.62 -16.89 -26.88
N ASP A 144 -20.75 -17.31 -27.44
CA ASP A 144 -22.05 -16.95 -26.83
C ASP A 144 -22.39 -17.54 -25.47
N THR A 145 -21.51 -18.35 -24.92
CA THR A 145 -21.76 -18.93 -23.61
C THR A 145 -20.64 -18.66 -22.63
N THR A 146 -19.74 -17.73 -22.99
CA THR A 146 -18.59 -17.44 -22.14
C THR A 146 -18.23 -15.97 -21.98
N VAL A 147 -17.86 -15.59 -20.75
CA VAL A 147 -17.42 -14.25 -20.44
C VAL A 147 -16.10 -14.42 -19.72
N VAL A 148 -15.06 -13.72 -20.17
CA VAL A 148 -13.74 -13.78 -19.54
C VAL A 148 -13.46 -12.35 -19.01
N SER A 149 -13.04 -12.25 -17.75
CA SER A 149 -12.75 -10.96 -17.11
C SER A 149 -11.38 -11.00 -16.44
N THR A 150 -10.53 -10.02 -16.76
CA THR A 150 -9.20 -9.96 -16.17
C THR A 150 -9.04 -8.62 -15.47
N ILE A 151 -8.43 -8.65 -14.30
CA ILE A 151 -8.22 -7.47 -13.50
C ILE A 151 -6.82 -7.36 -12.87
N ASP A 152 -6.21 -6.19 -13.01
CA ASP A 152 -4.92 -5.93 -12.36
C ASP A 152 -5.40 -5.37 -11.01
N TRP A 153 -5.10 -6.11 -9.95
CA TRP A 153 -5.59 -5.82 -8.61
C TRP A 153 -4.51 -5.45 -7.59
N THR A 154 -4.85 -4.53 -6.68
CA THR A 154 -3.91 -4.14 -5.62
C THR A 154 -4.64 -3.81 -4.32
N CYS A 155 -3.96 -4.07 -3.22
CA CYS A 155 -4.45 -3.77 -1.87
C CYS A 155 -3.32 -3.05 -1.14
N PRO A 156 -3.59 -1.85 -0.61
CA PRO A 156 -2.55 -1.13 0.11
C PRO A 156 -2.21 -1.86 1.41
N THR A 157 -0.99 -1.75 1.88
CA THR A 157 -0.60 -2.39 3.14
C THR A 157 -0.26 -1.30 4.18
N THR A 158 -0.02 -1.74 5.40
CA THR A 158 0.33 -0.85 6.50
C THR A 158 1.58 -0.06 6.14
N SER A 159 2.57 -0.77 5.58
CA SER A 159 3.84 -0.16 5.18
C SER A 159 3.76 0.81 4.01
N GLY A 160 2.55 1.07 3.52
CA GLY A 160 2.40 2.00 2.40
C GLY A 160 2.54 1.39 1.01
N LYS A 161 3.27 0.29 0.89
CA LYS A 161 3.44 -0.36 -0.41
C LYS A 161 2.19 -1.14 -0.77
N ARG A 162 1.94 -1.34 -2.06
CA ARG A 162 0.76 -2.08 -2.47
C ARG A 162 1.09 -3.55 -2.71
N TYR A 163 0.12 -4.41 -2.43
CA TYR A 163 0.26 -5.85 -2.60
C TYR A 163 -0.46 -6.15 -3.93
N HIS A 164 0.28 -6.69 -4.90
CA HIS A 164 -0.24 -6.96 -6.24
C HIS A 164 -0.77 -8.37 -6.53
N ALA A 165 -1.75 -8.43 -7.42
CA ALA A 165 -2.34 -9.71 -7.83
C ALA A 165 -3.04 -9.53 -9.18
N THR A 166 -3.34 -10.63 -9.83
CA THR A 166 -4.07 -10.57 -11.08
C THR A 166 -5.24 -11.50 -10.90
N LEU A 167 -6.42 -11.06 -11.32
CA LEU A 167 -7.63 -11.88 -11.23
C LEU A 167 -8.05 -12.26 -12.62
N ARG A 168 -8.41 -13.53 -12.77
CA ARG A 168 -8.88 -14.05 -14.03
C ARG A 168 -10.15 -14.80 -13.69
N THR A 169 -11.27 -14.36 -14.23
CA THR A 169 -12.52 -15.00 -13.95
C THR A 169 -13.21 -15.46 -15.23
N ASN A 170 -13.53 -16.75 -15.28
CA ASN A 170 -14.21 -17.32 -16.45
C ASN A 170 -15.64 -17.65 -16.05
N TYR A 171 -16.60 -17.08 -16.78
CA TYR A 171 -18.02 -17.28 -16.54
C TYR A 171 -18.60 -18.16 -17.64
N THR A 172 -19.24 -19.26 -17.25
CA THR A 172 -19.85 -20.17 -18.21
C THR A 172 -21.37 -20.13 -18.05
N PHE A 173 -22.07 -19.71 -19.09
CA PHE A 173 -23.52 -19.58 -19.06
C PHE A 173 -24.27 -20.81 -19.55
N ALA A 174 -25.46 -21.02 -18.99
CA ALA A 174 -26.31 -22.16 -19.35
C ALA A 174 -27.02 -21.91 -20.68
N LYS A 175 -27.37 -20.65 -20.93
CA LYS A 175 -28.04 -20.26 -22.17
C LYS A 175 -27.23 -19.22 -22.92
N PRO A 176 -27.33 -19.19 -24.25
CA PRO A 176 -26.58 -18.22 -25.06
C PRO A 176 -26.85 -16.78 -24.62
N ILE A 177 -25.80 -15.98 -24.63
CA ILE A 177 -25.89 -14.56 -24.28
C ILE A 177 -26.50 -13.81 -25.46
N ALA A 178 -27.40 -12.87 -25.18
CA ALA A 178 -28.07 -12.09 -26.23
C ALA A 178 -27.09 -11.52 -27.25
N ALA A 179 -27.46 -11.63 -28.53
CA ALA A 179 -26.64 -11.13 -29.61
C ALA A 179 -26.31 -9.65 -29.40
N THR A 180 -27.24 -8.92 -28.79
CA THR A 180 -27.05 -7.48 -28.53
C THR A 180 -25.80 -7.25 -27.70
N ILE A 181 -25.67 -8.02 -26.63
CA ILE A 181 -24.52 -7.90 -25.73
C ILE A 181 -23.22 -8.32 -26.40
N LEU A 182 -23.20 -9.50 -27.01
CA LEU A 182 -22.00 -10.00 -27.67
C LEU A 182 -21.46 -9.03 -28.72
N GLN A 183 -22.29 -8.11 -29.16
CA GLN A 183 -21.88 -7.15 -30.17
C GLN A 183 -20.88 -6.09 -29.67
N LYS A 184 -21.05 -5.62 -28.45
CA LYS A 184 -20.14 -4.61 -27.89
C LYS A 184 -19.03 -5.19 -27.04
N GLN A 185 -17.81 -5.20 -27.58
CA GLN A 185 -16.63 -5.71 -26.88
C GLN A 185 -15.42 -4.85 -27.20
N PRO A 186 -14.52 -4.66 -26.23
CA PRO A 186 -14.59 -5.20 -24.87
C PRO A 186 -15.51 -4.34 -24.00
N MET A 187 -15.85 -4.85 -22.82
CA MET A 187 -16.69 -4.11 -21.88
C MET A 187 -15.83 -3.97 -20.63
N PHE A 188 -15.73 -2.77 -20.10
CA PHE A 188 -14.95 -2.54 -18.90
C PHE A 188 -15.84 -2.30 -17.68
N VAL A 189 -15.40 -2.72 -16.50
CA VAL A 189 -16.21 -2.53 -15.29
C VAL A 189 -15.36 -1.89 -14.20
N PHE A 190 -15.76 -0.67 -13.79
CA PHE A 190 -15.05 0.06 -12.75
C PHE A 190 -15.72 -0.27 -11.42
N ARG A 191 -14.93 -0.69 -10.44
CA ARG A 191 -15.45 -1.03 -9.12
C ARG A 191 -14.77 -0.30 -7.98
N LYS A 192 -15.57 0.00 -6.96
CA LYS A 192 -15.10 0.68 -5.75
C LYS A 192 -15.69 -0.09 -4.58
N THR A 193 -14.92 -0.25 -3.51
CA THR A 193 -15.43 -0.94 -2.34
C THR A 193 -15.13 -0.17 -1.05
N GLU A 194 -16.00 -0.35 -0.07
CA GLU A 194 -15.84 0.25 1.25
C GLU A 194 -15.99 -0.91 2.21
N VAL A 195 -14.99 -1.14 3.03
CA VAL A 195 -15.02 -2.26 3.96
C VAL A 195 -14.82 -1.90 5.43
N LYS A 196 -15.68 -2.47 6.27
CA LYS A 196 -15.60 -2.30 7.71
C LYS A 196 -15.60 -3.71 8.22
N ALA A 197 -14.54 -4.11 8.91
CA ALA A 197 -14.48 -5.48 9.39
C ALA A 197 -13.76 -5.72 10.71
N SER A 198 -14.17 -6.80 11.37
CA SER A 198 -13.60 -7.23 12.64
C SER A 198 -13.03 -8.62 12.38
N ASP A 199 -12.78 -9.37 13.44
CA ASP A 199 -12.21 -10.71 13.33
C ASP A 199 -13.16 -11.77 12.80
N ALA A 200 -14.45 -11.60 13.08
CA ALA A 200 -15.42 -12.57 12.62
C ALA A 200 -16.55 -11.96 11.81
N GLU A 201 -16.42 -10.68 11.46
CA GLU A 201 -17.44 -10.01 10.67
C GLU A 201 -16.88 -9.05 9.62
N ILE A 202 -17.39 -9.17 8.40
CA ILE A 202 -16.96 -8.31 7.31
C ILE A 202 -18.18 -7.63 6.70
N ASN A 203 -18.11 -6.32 6.56
CA ASN A 203 -19.19 -5.54 5.97
C ASN A 203 -18.65 -4.91 4.69
N LEU A 204 -19.36 -5.14 3.58
CA LEU A 204 -18.92 -4.62 2.30
C LEU A 204 -19.97 -3.84 1.54
N LYS A 205 -19.50 -2.75 0.92
CA LYS A 205 -20.32 -1.89 0.09
C LYS A 205 -19.52 -1.84 -1.21
N GLU A 206 -20.17 -2.16 -2.32
CA GLU A 206 -19.51 -2.17 -3.60
C GLU A 206 -20.29 -1.38 -4.63
N TRP A 207 -19.57 -0.68 -5.49
CA TRP A 207 -20.16 0.13 -6.54
C TRP A 207 -19.54 -0.38 -7.84
N GLN A 208 -20.38 -0.65 -8.84
CA GLN A 208 -19.90 -1.16 -10.12
C GLN A 208 -20.45 -0.30 -11.24
N LYS A 209 -19.64 -0.04 -12.25
CA LYS A 209 -20.09 0.73 -13.37
C LYS A 209 -19.42 0.22 -14.64
N ALA A 210 -20.24 -0.33 -15.53
CA ALA A 210 -19.74 -0.86 -16.78
C ALA A 210 -19.75 0.22 -17.83
N PHE A 211 -18.81 0.11 -18.78
CA PHE A 211 -18.75 1.07 -19.87
C PHE A 211 -18.01 0.48 -21.06
N HIS A 212 -18.38 0.93 -22.26
CA HIS A 212 -17.77 0.47 -23.50
C HIS A 212 -16.93 1.60 -24.05
N ASP A 213 -17.44 2.82 -23.86
CA ASP A 213 -16.79 4.02 -24.35
C ASP A 213 -16.81 5.09 -23.24
N LEU A 214 -15.88 6.04 -23.31
CA LEU A 214 -15.78 7.17 -22.37
C LEU A 214 -15.50 8.45 -23.18
N LEU B 1 3.67 23.05 -22.68
CA LEU B 1 2.78 21.95 -23.15
C LEU B 1 3.06 21.57 -24.59
N PRO B 2 3.02 20.26 -24.90
CA PRO B 2 3.25 19.72 -26.24
C PRO B 2 2.14 20.03 -27.23
N THR B 3 2.52 20.31 -28.46
CA THR B 3 1.57 20.64 -29.52
C THR B 3 1.82 19.76 -30.75
N THR B 4 3.10 19.48 -31.02
CA THR B 4 3.47 18.67 -32.16
C THR B 4 4.59 17.72 -31.77
N HIS B 5 4.77 16.67 -32.54
CA HIS B 5 5.81 15.69 -32.24
C HIS B 5 6.23 14.88 -33.47
N GLU B 6 7.33 14.16 -33.34
CA GLU B 6 7.84 13.33 -34.42
C GLU B 6 8.46 12.09 -33.78
N VAL B 7 8.52 11.00 -34.54
CA VAL B 7 9.07 9.77 -34.00
C VAL B 7 10.03 9.07 -34.96
N HIS B 8 10.89 8.25 -34.36
CA HIS B 8 11.81 7.44 -35.12
C HIS B 8 11.85 6.13 -34.36
N VAL B 9 11.24 5.11 -34.95
CA VAL B 9 11.24 3.80 -34.32
C VAL B 9 12.19 2.93 -35.13
N TYR B 10 13.07 2.22 -34.44
CA TYR B 10 14.03 1.36 -35.12
C TYR B 10 14.24 0.11 -34.29
N GLY B 11 14.72 -0.95 -34.93
CA GLY B 11 14.96 -2.19 -34.22
C GLY B 11 14.72 -3.37 -35.14
N SER B 12 14.05 -4.40 -34.62
CA SER B 12 13.81 -5.58 -35.43
C SER B 12 12.63 -6.41 -34.94
N ILE B 13 12.11 -7.24 -35.85
CA ILE B 13 11.02 -8.13 -35.55
C ILE B 13 11.42 -9.50 -36.09
N ASN B 14 11.53 -10.46 -35.20
CA ASN B 14 11.93 -11.81 -35.59
C ASN B 14 13.26 -11.77 -36.31
N GLY B 15 14.15 -10.90 -35.84
CA GLY B 15 15.48 -10.79 -36.42
C GLY B 15 15.61 -9.93 -37.66
N VAL B 16 14.48 -9.46 -38.18
CA VAL B 16 14.50 -8.63 -39.38
C VAL B 16 14.35 -7.16 -39.03
N GLU B 17 15.39 -6.38 -39.31
CA GLU B 17 15.40 -4.95 -39.00
C GLU B 17 14.30 -4.18 -39.71
N PHE B 18 13.87 -3.10 -39.08
CA PHE B 18 12.83 -2.24 -39.65
C PHE B 18 13.11 -0.85 -39.12
N ASP B 19 12.60 0.16 -39.81
CA ASP B 19 12.81 1.53 -39.38
C ASP B 19 11.63 2.40 -39.83
N LEU B 20 11.07 3.14 -38.89
CA LEU B 20 9.93 4.01 -39.16
C LEU B 20 10.21 5.46 -38.77
N VAL B 21 9.69 6.39 -39.56
CA VAL B 21 9.88 7.81 -39.28
C VAL B 21 8.59 8.54 -39.62
N GLY B 22 8.29 9.61 -38.90
CA GLY B 22 7.08 10.35 -39.16
C GLY B 22 6.81 11.41 -38.12
N SER B 23 5.74 12.17 -38.30
CA SER B 23 5.38 13.22 -37.37
C SER B 23 3.88 13.40 -37.22
N GLY B 24 3.48 14.20 -36.24
CA GLY B 24 2.07 14.43 -36.01
C GLY B 24 1.84 15.53 -35.00
N LYS B 25 0.61 15.63 -34.51
CA LYS B 25 0.26 16.64 -33.54
C LYS B 25 -0.64 16.08 -32.44
N GLY B 26 -1.02 16.93 -31.49
CA GLY B 26 -1.87 16.48 -30.41
C GLY B 26 -2.41 17.63 -29.60
N ASN B 27 -3.49 17.37 -28.87
CA ASN B 27 -4.11 18.39 -28.06
C ASN B 27 -3.90 18.09 -26.57
N PRO B 28 -2.94 18.77 -25.93
CA PRO B 28 -2.66 18.56 -24.51
C PRO B 28 -3.86 18.85 -23.61
N LYS B 29 -4.91 19.39 -24.19
CA LYS B 29 -6.13 19.71 -23.44
C LYS B 29 -7.07 18.50 -23.29
N ASP B 30 -7.11 17.63 -24.30
CA ASP B 30 -8.00 16.47 -24.25
C ASP B 30 -7.34 15.11 -24.46
N GLY B 31 -6.02 15.10 -24.65
CA GLY B 31 -5.32 13.85 -24.85
C GLY B 31 -5.38 13.25 -26.25
N SER B 32 -6.04 13.94 -27.18
CA SER B 32 -6.13 13.43 -28.54
C SER B 32 -4.74 13.51 -29.14
N GLU B 33 -4.46 12.63 -30.09
CA GLU B 33 -3.14 12.57 -30.68
C GLU B 33 -3.24 11.90 -32.04
N GLU B 34 -2.45 12.36 -33.02
CA GLU B 34 -2.47 11.74 -34.33
C GLU B 34 -1.09 11.80 -34.97
N ILE B 35 -0.77 10.80 -35.78
CA ILE B 35 0.55 10.76 -36.39
C ILE B 35 0.58 9.89 -37.62
N GLN B 36 1.56 10.11 -38.47
CA GLN B 36 1.75 9.31 -39.67
C GLN B 36 3.20 8.90 -39.74
N VAL B 37 3.45 7.61 -39.93
CA VAL B 37 4.81 7.12 -39.99
C VAL B 37 5.00 6.30 -41.28
N LYS B 38 6.23 6.31 -41.80
CA LYS B 38 6.52 5.58 -43.02
C LYS B 38 7.82 4.79 -42.88
N SER B 39 7.85 3.61 -43.46
CA SER B 39 9.04 2.75 -43.42
C SER B 39 10.14 3.34 -44.29
N THR B 40 11.38 3.16 -43.86
CA THR B 40 12.52 3.66 -44.61
C THR B 40 13.36 2.48 -45.08
N LYS B 41 12.83 1.28 -44.90
CA LYS B 41 13.55 0.07 -45.31
C LYS B 41 12.68 -0.91 -46.09
N GLY B 42 11.69 -0.38 -46.82
CA GLY B 42 10.83 -1.24 -47.60
C GLY B 42 9.56 -1.63 -46.88
N PRO B 43 8.73 -2.49 -47.49
CA PRO B 43 7.48 -2.92 -46.86
C PRO B 43 7.73 -3.67 -45.55
N LEU B 44 6.83 -3.46 -44.59
CA LEU B 44 6.93 -4.10 -43.28
C LEU B 44 6.48 -5.56 -43.39
N GLY B 45 7.28 -6.46 -42.85
CA GLY B 45 6.95 -7.87 -42.91
C GLY B 45 6.08 -8.37 -41.77
N PHE B 46 5.46 -7.46 -41.03
CA PHE B 46 4.62 -7.83 -39.90
C PHE B 46 3.41 -6.90 -39.75
N SER B 47 2.43 -7.32 -38.97
CA SER B 47 1.22 -6.51 -38.78
C SER B 47 1.52 -5.13 -38.21
N PRO B 48 0.93 -4.09 -38.80
CA PRO B 48 1.17 -2.74 -38.33
C PRO B 48 0.53 -2.45 -36.96
N TYR B 49 -0.41 -3.29 -36.57
CA TYR B 49 -1.09 -3.06 -35.31
C TYR B 49 -0.23 -3.23 -34.07
N ILE B 50 0.88 -3.95 -34.18
CA ILE B 50 1.74 -4.10 -33.03
C ILE B 50 2.61 -2.85 -32.88
N VAL B 51 2.62 -1.99 -33.90
CA VAL B 51 3.41 -0.77 -33.81
C VAL B 51 2.61 0.36 -33.19
N VAL B 52 1.29 0.23 -33.16
CA VAL B 52 0.43 1.26 -32.61
C VAL B 52 0.91 1.83 -31.27
N PRO B 53 1.10 0.98 -30.25
CA PRO B 53 1.56 1.48 -28.95
C PRO B 53 2.94 2.09 -29.07
N ASN B 54 3.72 1.57 -30.01
CA ASN B 54 5.07 2.06 -30.22
C ASN B 54 5.10 3.31 -31.10
N ILE B 55 3.96 3.91 -31.35
CA ILE B 55 3.88 5.10 -32.19
C ILE B 55 3.04 6.20 -31.54
N1 CR2 B 56 2.21 5.76 -30.61
CA1 CR2 B 56 1.36 6.51 -29.69
C1 CR2 B 56 1.35 5.79 -28.35
N2 CR2 B 56 0.43 4.94 -27.95
N3 CR2 B 56 2.30 5.91 -27.44
C2 CR2 B 56 1.98 5.13 -26.49
O2 CR2 B 56 2.53 4.89 -25.44
CA2 CR2 B 56 0.72 4.50 -26.87
CA3 CR2 B 56 3.44 6.76 -27.61
C3 CR2 B 56 3.97 7.89 -26.76
O3 CR2 B 56 5.13 8.27 -26.89
CB2 CR2 B 56 0.00 3.52 -26.08
CG2 CR2 B 56 -1.23 2.69 -26.16
CD1 CR2 B 56 -1.53 1.75 -25.21
CD2 CR2 B 56 -2.06 2.84 -27.25
CE1 CR2 B 56 -2.65 0.96 -25.34
CE2 CR2 B 56 -3.16 2.06 -27.39
CZ CR2 B 56 -3.43 1.14 -26.44
OH CR2 B 56 -4.46 0.45 -26.62
N PHE B 57 3.02 8.81 -26.89
CA PHE B 57 3.22 10.19 -26.50
C PHE B 57 2.19 10.62 -25.45
N HIS B 58 2.39 10.12 -24.24
CA HIS B 58 1.53 10.42 -23.10
C HIS B 58 1.64 11.86 -22.60
N GLN B 59 2.63 12.61 -23.08
CA GLN B 59 2.76 14.00 -22.63
C GLN B 59 1.56 14.82 -23.06
N TYR B 60 0.73 14.27 -23.95
CA TYR B 60 -0.46 14.96 -24.41
C TYR B 60 -1.61 14.68 -23.46
N LEU B 61 -1.40 13.71 -22.57
CA LEU B 61 -2.44 13.30 -21.64
C LEU B 61 -2.63 14.18 -20.41
N PRO B 62 -3.82 14.78 -20.28
CA PRO B 62 -4.04 15.62 -19.10
C PRO B 62 -4.77 14.78 -18.06
N PHE B 63 -4.82 15.25 -16.82
CA PHE B 63 -5.54 14.54 -15.78
C PHE B 63 -6.77 15.36 -15.45
N PRO B 64 -7.75 14.76 -14.75
CA PRO B 64 -8.95 15.50 -14.41
C PRO B 64 -8.67 16.81 -13.64
N ASP B 65 -7.85 16.71 -12.60
CA ASP B 65 -7.52 17.86 -11.77
C ASP B 65 -6.22 18.56 -12.13
N GLY B 66 -5.66 18.25 -13.30
CA GLY B 66 -4.42 18.89 -13.68
C GLY B 66 -3.66 18.13 -14.74
N MET B 67 -2.34 18.23 -14.70
CA MET B 67 -1.53 17.53 -15.69
C MET B 67 -1.22 16.12 -15.24
N SER B 68 -0.92 15.26 -16.21
CA SER B 68 -0.54 13.89 -15.91
C SER B 68 0.94 14.03 -15.62
N PRO B 69 1.53 13.05 -14.92
CA PRO B 69 2.96 13.16 -14.64
C PRO B 69 3.79 13.25 -15.92
N PHE B 70 3.30 12.62 -16.99
CA PHE B 70 4.01 12.62 -18.28
C PHE B 70 3.97 14.02 -18.88
N GLN B 71 2.80 14.65 -18.81
CA GLN B 71 2.61 15.99 -19.36
C GLN B 71 3.36 17.05 -18.55
N ALA B 72 3.40 16.89 -17.23
CA ALA B 72 4.10 17.82 -16.36
C ALA B 72 5.59 17.74 -16.61
N ALA B 73 6.09 16.53 -16.86
CA ALA B 73 7.51 16.32 -17.11
C ALA B 73 7.90 16.85 -18.48
N ALA B 74 6.92 16.97 -19.38
CA ALA B 74 7.16 17.49 -20.72
C ALA B 74 7.18 19.01 -20.65
N ASP B 75 6.19 19.58 -19.97
CA ASP B 75 6.05 21.02 -19.80
C ASP B 75 7.27 21.54 -19.04
N ASP B 76 7.73 20.69 -18.13
CA ASP B 76 8.87 20.94 -17.26
C ASP B 76 10.17 20.91 -18.06
N GLY B 77 10.27 19.95 -18.98
CA GLY B 77 11.46 19.81 -19.78
C GLY B 77 12.36 18.72 -19.19
N SER B 78 12.10 18.36 -17.94
CA SER B 78 12.89 17.32 -17.26
C SER B 78 12.68 15.95 -17.91
N GLY B 79 11.45 15.70 -18.34
CA GLY B 79 11.13 14.44 -19.02
C GLY B 79 11.19 13.13 -18.25
N TYR B 80 11.14 12.04 -19.01
CA TYR B 80 11.17 10.70 -18.45
C TYR B 80 11.56 9.70 -19.53
N VAL B 81 12.02 8.54 -19.11
CA VAL B 81 12.42 7.50 -20.04
C VAL B 81 11.34 6.41 -19.90
N VAL B 82 11.16 5.60 -20.94
CA VAL B 82 10.13 4.56 -20.91
C VAL B 82 10.65 3.17 -21.23
N HIS B 83 10.30 2.21 -20.39
CA HIS B 83 10.70 0.83 -20.61
C HIS B 83 9.41 0.02 -20.71
N ARG B 84 9.08 -0.43 -21.92
CA ARG B 84 7.86 -1.20 -22.15
C ARG B 84 8.07 -2.64 -22.55
N THR B 85 7.31 -3.53 -21.93
CA THR B 85 7.38 -4.95 -22.23
C THR B 85 5.98 -5.43 -22.61
N ILE B 86 5.87 -6.07 -23.76
CA ILE B 86 4.61 -6.64 -24.24
C ILE B 86 4.80 -8.15 -24.43
N GLN B 87 3.95 -8.94 -23.80
CA GLN B 87 4.07 -10.38 -23.93
C GLN B 87 2.78 -10.87 -24.57
N PHE B 88 2.88 -11.54 -25.70
CA PHE B 88 1.70 -12.06 -26.41
C PHE B 88 1.39 -13.51 -26.03
N GLU B 89 0.10 -13.87 -26.06
CA GLU B 89 -0.34 -15.22 -25.68
C GLU B 89 0.41 -16.24 -26.51
N ASP B 90 0.90 -15.75 -27.63
CA ASP B 90 1.65 -16.49 -28.63
C ASP B 90 3.01 -16.97 -28.14
N GLY B 91 3.59 -16.20 -27.22
CA GLY B 91 4.90 -16.52 -26.72
C GLY B 91 5.84 -15.44 -27.21
N ALA B 92 5.38 -14.65 -28.18
CA ALA B 92 6.18 -13.57 -28.74
C ALA B 92 6.41 -12.47 -27.71
N SER B 93 7.57 -11.83 -27.78
CA SER B 93 7.94 -10.74 -26.88
C SER B 93 8.25 -9.49 -27.68
N LEU B 94 7.85 -8.34 -27.16
CA LEU B 94 8.10 -7.06 -27.82
C LEU B 94 8.54 -6.04 -26.78
N THR B 95 9.80 -5.61 -26.85
CA THR B 95 10.34 -4.64 -25.91
C THR B 95 10.51 -3.26 -26.52
N GLY B 96 10.22 -2.25 -25.72
CA GLY B 96 10.37 -0.89 -26.19
C GLY B 96 11.13 0.00 -25.22
N ASN B 97 12.05 0.78 -25.75
CA ASN B 97 12.86 1.72 -24.96
C ASN B 97 12.65 3.08 -25.60
N TYR B 98 11.93 3.98 -24.94
CA TYR B 98 11.70 5.30 -25.49
C TYR B 98 12.44 6.41 -24.76
N ARG B 99 12.86 7.41 -25.53
CA ARG B 99 13.55 8.58 -25.00
C ARG B 99 13.02 9.76 -25.79
N TYR B 100 12.82 10.89 -25.11
CA TYR B 100 12.29 12.06 -25.77
C TYR B 100 13.18 13.30 -25.63
N SER B 101 12.91 14.29 -26.48
CA SER B 101 13.61 15.55 -26.53
C SER B 101 12.53 16.62 -26.63
N TYR B 102 12.68 17.71 -25.89
CA TYR B 102 11.66 18.77 -25.94
C TYR B 102 12.20 20.10 -26.44
N ASP B 103 11.38 20.79 -27.21
CA ASP B 103 11.76 22.07 -27.77
C ASP B 103 10.53 22.90 -28.12
N GLY B 104 10.15 23.77 -27.19
CA GLY B 104 9.02 24.65 -27.38
C GLY B 104 7.74 24.05 -27.93
N GLY B 105 7.16 23.11 -27.19
CA GLY B 105 5.92 22.50 -27.65
C GLY B 105 6.08 21.40 -28.69
N HIS B 106 7.31 21.12 -29.07
CA HIS B 106 7.56 20.08 -30.05
C HIS B 106 8.36 18.93 -29.43
N ILE B 107 7.84 17.71 -29.59
CA ILE B 107 8.48 16.54 -29.03
C ILE B 107 9.15 15.68 -30.09
N LYS B 108 10.34 15.21 -29.80
CA LYS B 108 11.06 14.33 -30.71
C LYS B 108 11.28 13.01 -29.96
N GLY B 109 10.71 11.94 -30.51
CA GLY B 109 10.84 10.64 -29.88
C GLY B 109 11.79 9.70 -30.60
N GLU B 110 12.58 8.98 -29.81
CA GLU B 110 13.55 8.03 -30.33
C GLU B 110 13.22 6.69 -29.67
N PHE B 111 12.54 5.81 -30.40
CA PHE B 111 12.12 4.52 -29.86
C PHE B 111 12.85 3.29 -30.40
N HIS B 112 13.49 2.55 -29.50
CA HIS B 112 14.17 1.32 -29.88
C HIS B 112 13.21 0.18 -29.54
N VAL B 113 12.74 -0.51 -30.57
CA VAL B 113 11.78 -1.60 -30.39
C VAL B 113 12.25 -2.94 -30.96
N VAL B 114 12.26 -3.97 -30.12
CA VAL B 114 12.66 -5.30 -30.55
C VAL B 114 11.57 -6.30 -30.28
N GLY B 115 11.20 -7.06 -31.30
CA GLY B 115 10.18 -8.07 -31.16
C GLY B 115 10.69 -9.43 -31.60
N SER B 116 10.29 -10.50 -30.92
CA SER B 116 10.75 -11.81 -31.29
C SER B 116 9.77 -12.92 -30.95
N GLY B 117 10.01 -14.10 -31.50
CA GLY B 117 9.16 -15.23 -31.23
C GLY B 117 7.75 -15.20 -31.81
N PHE B 118 7.51 -14.37 -32.82
CA PHE B 118 6.19 -14.34 -33.44
C PHE B 118 6.11 -15.54 -34.40
N PRO B 119 5.17 -16.46 -34.18
CA PRO B 119 5.05 -17.63 -35.05
C PRO B 119 4.91 -17.25 -36.51
N ALA B 120 5.61 -17.96 -37.39
CA ALA B 120 5.55 -17.67 -38.82
C ALA B 120 4.11 -17.73 -39.34
N ASP B 121 3.30 -18.60 -38.76
CA ASP B 121 1.91 -18.76 -39.16
C ASP B 121 0.96 -18.00 -38.24
N GLY B 122 1.52 -17.18 -37.36
CA GLY B 122 0.71 -16.41 -36.44
C GLY B 122 0.09 -15.16 -37.04
N PRO B 123 -0.88 -14.55 -36.34
CA PRO B 123 -1.61 -13.34 -36.73
C PRO B 123 -0.74 -12.13 -37.06
N VAL B 124 0.40 -12.02 -36.38
CA VAL B 124 1.30 -10.91 -36.59
C VAL B 124 2.11 -11.02 -37.87
N MET B 125 2.74 -12.16 -38.08
CA MET B 125 3.55 -12.34 -39.29
C MET B 125 2.73 -12.51 -40.57
N THR B 126 1.48 -12.94 -40.46
CA THR B 126 0.62 -13.09 -41.63
C THR B 126 -0.32 -11.89 -41.79
N LYS B 127 -0.09 -10.87 -40.98
CA LYS B 127 -0.89 -9.65 -41.00
C LYS B 127 -2.39 -9.93 -40.95
N SER B 128 -2.80 -10.74 -39.98
CA SER B 128 -4.21 -11.09 -39.82
C SER B 128 -4.92 -10.23 -38.77
N LEU B 129 -4.19 -9.32 -38.13
CA LEU B 129 -4.81 -8.46 -37.14
C LEU B 129 -5.54 -7.38 -37.91
N THR B 130 -6.72 -7.00 -37.44
CA THR B 130 -7.51 -5.99 -38.13
C THR B 130 -7.57 -4.63 -37.43
N ALA B 131 -7.25 -4.62 -36.14
CA ALA B 131 -7.27 -3.39 -35.35
C ALA B 131 -6.84 -3.62 -33.91
N VAL B 132 -6.72 -2.55 -33.15
CA VAL B 132 -6.35 -2.62 -31.74
C VAL B 132 -7.63 -2.32 -30.95
N ASP B 133 -8.03 -3.21 -30.06
CA ASP B 133 -9.24 -2.97 -29.27
C ASP B 133 -9.03 -1.83 -28.30
N TRP B 134 -10.09 -1.10 -28.01
CA TRP B 134 -10.00 -0.03 -27.06
C TRP B 134 -9.50 -0.66 -25.76
N SER B 135 -8.75 0.08 -24.97
CA SER B 135 -8.19 -0.46 -23.74
C SER B 135 -8.21 0.51 -22.57
N VAL B 136 -8.05 -0.05 -21.38
CA VAL B 136 -7.98 0.75 -20.14
C VAL B 136 -6.74 0.31 -19.39
N ALA B 137 -5.86 1.27 -19.10
CA ALA B 137 -4.64 0.99 -18.37
C ALA B 137 -4.80 1.35 -16.89
N THR B 138 -4.16 0.58 -16.03
CA THR B 138 -4.17 0.82 -14.59
C THR B 138 -2.78 1.36 -14.24
N MET B 139 -2.72 2.58 -13.71
CA MET B 139 -1.45 3.20 -13.38
C MET B 139 -1.28 3.45 -11.89
N LEU B 140 -0.07 3.19 -11.42
CA LEU B 140 0.28 3.40 -10.02
C LEU B 140 1.59 4.17 -9.99
N PHE B 141 1.84 4.85 -8.87
CA PHE B 141 3.08 5.61 -8.72
C PHE B 141 3.73 5.12 -7.43
N PRO B 142 4.52 4.03 -7.51
CA PRO B 142 5.20 3.40 -6.36
C PRO B 142 6.15 4.34 -5.58
N ASN B 143 6.70 5.33 -6.27
CA ASN B 143 7.57 6.33 -5.62
C ASN B 143 7.49 7.61 -6.46
N ASP B 144 8.01 8.72 -5.95
CA ASP B 144 7.89 9.99 -6.66
C ASP B 144 8.62 10.13 -8.00
N THR B 145 9.34 9.11 -8.41
CA THR B 145 10.04 9.18 -9.69
C THR B 145 9.66 8.03 -10.62
N THR B 146 8.57 7.33 -10.27
CA THR B 146 8.15 6.16 -11.07
C THR B 146 6.66 6.02 -11.32
N VAL B 147 6.33 5.64 -12.55
CA VAL B 147 4.94 5.39 -12.91
C VAL B 147 4.93 3.98 -13.53
N VAL B 148 4.00 3.15 -13.07
CA VAL B 148 3.89 1.80 -13.61
C VAL B 148 2.49 1.69 -14.23
N SER B 149 2.42 1.22 -15.47
CA SER B 149 1.16 1.08 -16.19
C SER B 149 1.01 -0.33 -16.77
N THR B 150 -0.10 -1.00 -16.46
CA THR B 150 -0.35 -2.35 -16.97
C THR B 150 -1.63 -2.35 -17.76
N ILE B 151 -1.63 -3.04 -18.89
CA ILE B 151 -2.80 -3.09 -19.75
C ILE B 151 -3.10 -4.50 -20.31
N ASP B 152 -4.36 -4.90 -20.21
CA ASP B 152 -4.80 -6.17 -20.80
C ASP B 152 -5.18 -5.73 -22.22
N TRP B 153 -4.40 -6.19 -23.19
CA TRP B 153 -4.54 -5.78 -24.57
C TRP B 153 -5.01 -6.86 -25.56
N THR B 154 -5.81 -6.46 -26.53
CA THR B 154 -6.29 -7.40 -27.57
C THR B 154 -6.42 -6.71 -28.92
N CYS B 155 -6.20 -7.50 -29.96
CA CYS B 155 -6.31 -7.09 -31.37
C CYS B 155 -7.16 -8.16 -32.07
N PRO B 156 -8.26 -7.75 -32.69
CA PRO B 156 -9.12 -8.72 -33.39
C PRO B 156 -8.37 -9.24 -34.63
N THR B 157 -8.68 -10.48 -35.03
CA THR B 157 -8.02 -11.05 -36.21
C THR B 157 -9.07 -11.29 -37.30
N THR B 158 -8.59 -11.68 -38.47
CA THR B 158 -9.46 -11.97 -39.61
C THR B 158 -10.46 -13.06 -39.23
N SER B 159 -9.96 -14.08 -38.54
CA SER B 159 -10.78 -15.22 -38.13
C SER B 159 -11.81 -14.90 -37.05
N GLY B 160 -11.89 -13.63 -36.64
CA GLY B 160 -12.86 -13.25 -35.62
C GLY B 160 -12.38 -13.38 -34.16
N LYS B 161 -11.41 -14.26 -33.91
CA LYS B 161 -10.88 -14.43 -32.56
C LYS B 161 -9.93 -13.30 -32.23
N ARG B 162 -9.78 -12.99 -30.94
CA ARG B 162 -8.88 -11.93 -30.54
C ARG B 162 -7.51 -12.47 -30.19
N TYR B 163 -6.49 -11.66 -30.47
CA TYR B 163 -5.11 -12.01 -30.18
C TYR B 163 -4.76 -11.26 -28.87
N HIS B 164 -4.43 -12.01 -27.81
CA HIS B 164 -4.14 -11.42 -26.50
C HIS B 164 -2.67 -11.12 -26.17
N ALA B 165 -2.50 -10.09 -25.35
CA ALA B 165 -1.18 -9.67 -24.88
C ALA B 165 -1.34 -8.84 -23.61
N THR B 166 -0.25 -8.69 -22.87
CA THR B 166 -0.29 -7.87 -21.68
C THR B 166 0.84 -6.87 -21.88
N LEU B 167 0.57 -5.62 -21.54
CA LEU B 167 1.57 -4.57 -21.65
C LEU B 167 1.96 -4.12 -20.25
N ARG B 168 3.25 -3.95 -20.05
CA ARG B 168 3.77 -3.49 -18.78
C ARG B 168 4.74 -2.39 -19.16
N THR B 169 4.43 -1.18 -18.72
CA THR B 169 5.29 -0.04 -19.03
C THR B 169 5.75 0.66 -17.76
N ASN B 170 7.07 0.79 -17.62
CA ASN B 170 7.66 1.45 -16.46
C ASN B 170 8.25 2.78 -16.91
N TYR B 171 7.79 3.86 -16.30
CA TYR B 171 8.26 5.21 -16.62
C TYR B 171 9.15 5.72 -15.49
N THR B 172 10.36 6.16 -15.84
CA THR B 172 11.31 6.68 -14.86
C THR B 172 11.54 8.17 -15.10
N PHE B 173 11.14 8.99 -14.14
CA PHE B 173 11.28 10.45 -14.28
C PHE B 173 12.58 11.03 -13.74
N ALA B 174 13.01 12.12 -14.37
CA ALA B 174 14.25 12.79 -13.98
C ALA B 174 14.03 13.62 -12.72
N LYS B 175 12.83 14.19 -12.59
CA LYS B 175 12.49 14.99 -11.43
C LYS B 175 11.27 14.43 -10.72
N PRO B 176 11.18 14.63 -9.40
CA PRO B 176 10.05 14.13 -8.62
C PRO B 176 8.70 14.60 -9.16
N ILE B 177 7.72 13.69 -9.16
CA ILE B 177 6.39 13.97 -9.63
C ILE B 177 5.66 14.77 -8.55
N ALA B 178 4.91 15.79 -8.96
CA ALA B 178 4.17 16.64 -8.02
C ALA B 178 3.38 15.87 -6.98
N ALA B 179 3.48 16.30 -5.73
CA ALA B 179 2.78 15.64 -4.63
C ALA B 179 1.28 15.56 -4.92
N THR B 180 0.76 16.53 -5.68
CA THR B 180 -0.66 16.54 -6.01
C THR B 180 -1.06 15.29 -6.75
N ILE B 181 -0.26 14.95 -7.77
CA ILE B 181 -0.51 13.78 -8.59
C ILE B 181 -0.35 12.48 -7.79
N LEU B 182 0.78 12.31 -7.14
CA LEU B 182 1.05 11.11 -6.34
C LEU B 182 -0.07 10.80 -5.34
N GLN B 183 -0.87 11.81 -5.04
CA GLN B 183 -1.95 11.63 -4.07
C GLN B 183 -3.12 10.78 -4.57
N LYS B 184 -3.48 10.92 -5.85
CA LYS B 184 -4.59 10.15 -6.40
C LYS B 184 -4.16 8.88 -7.14
N GLN B 185 -4.35 7.74 -6.50
CA GLN B 185 -4.00 6.44 -7.10
C GLN B 185 -5.08 5.41 -6.77
N PRO B 186 -5.35 4.49 -7.69
CA PRO B 186 -4.71 4.37 -9.00
C PRO B 186 -5.35 5.34 -9.99
N MET B 187 -4.72 5.53 -11.12
CA MET B 187 -5.23 6.39 -12.18
C MET B 187 -5.44 5.47 -13.38
N PHE B 188 -6.60 5.54 -14.02
CA PHE B 188 -6.89 4.69 -15.18
C PHE B 188 -6.92 5.53 -16.45
N VAL B 189 -6.49 4.94 -17.56
CA VAL B 189 -6.50 5.66 -18.82
C VAL B 189 -7.19 4.83 -19.92
N PHE B 190 -8.30 5.35 -20.41
CA PHE B 190 -9.06 4.71 -21.47
C PHE B 190 -8.53 5.22 -22.81
N ARG B 191 -8.23 4.30 -23.73
CA ARG B 191 -7.71 4.69 -25.04
C ARG B 191 -8.45 4.05 -26.20
N LYS B 192 -8.58 4.82 -27.28
CA LYS B 192 -9.23 4.37 -28.50
C LYS B 192 -8.29 4.75 -29.64
N THR B 193 -8.20 3.89 -30.65
CA THR B 193 -7.36 4.18 -31.81
C THR B 193 -8.06 3.91 -33.12
N GLU B 194 -7.67 4.66 -34.15
CA GLU B 194 -8.22 4.50 -35.49
C GLU B 194 -6.98 4.40 -36.37
N VAL B 195 -6.88 3.31 -37.12
CA VAL B 195 -5.72 3.09 -37.95
C VAL B 195 -6.00 2.84 -39.41
N LYS B 196 -5.23 3.53 -40.27
CA LYS B 196 -5.32 3.37 -41.71
C LYS B 196 -3.89 3.10 -42.10
N ALA B 197 -3.63 1.95 -42.71
CA ALA B 197 -2.26 1.63 -43.08
C ALA B 197 -2.07 0.80 -44.34
N SER B 198 -0.89 0.97 -44.93
CA SER B 198 -0.49 0.25 -46.12
C SER B 198 0.76 -0.53 -45.72
N ASP B 199 1.52 -0.97 -46.71
CA ASP B 199 2.74 -1.74 -46.45
C ASP B 199 3.90 -0.93 -45.91
N ALA B 200 3.96 0.35 -46.28
CA ALA B 200 5.06 1.20 -45.83
C ALA B 200 4.58 2.46 -45.15
N GLU B 201 3.28 2.56 -44.87
CA GLU B 201 2.76 3.74 -44.21
C GLU B 201 1.65 3.42 -43.21
N ILE B 202 1.76 3.99 -42.01
CA ILE B 202 0.78 3.78 -40.96
C ILE B 202 0.27 5.13 -40.47
N ASN B 203 -1.04 5.28 -40.43
CA ASN B 203 -1.66 6.52 -39.96
C ASN B 203 -2.44 6.19 -38.70
N LEU B 204 -2.19 6.93 -37.64
CA LEU B 204 -2.85 6.69 -36.37
C LEU B 204 -3.52 7.89 -35.76
N LYS B 205 -4.70 7.65 -35.20
CA LYS B 205 -5.45 8.65 -34.47
C LYS B 205 -5.71 7.97 -33.14
N GLU B 206 -5.36 8.64 -32.05
CA GLU B 206 -5.54 8.09 -30.72
C GLU B 206 -6.25 9.07 -29.79
N TRP B 207 -7.13 8.54 -28.96
CA TRP B 207 -7.87 9.34 -28.00
C TRP B 207 -7.59 8.75 -26.63
N GLN B 208 -7.22 9.60 -25.67
CA GLN B 208 -6.90 9.12 -24.33
C GLN B 208 -7.72 9.88 -23.31
N LYS B 209 -8.16 9.19 -22.27
CA LYS B 209 -8.93 9.84 -21.23
C LYS B 209 -8.61 9.20 -19.89
N ALA B 210 -7.99 9.99 -19.02
CA ALA B 210 -7.63 9.52 -17.71
C ALA B 210 -8.76 9.78 -16.74
N PHE B 211 -8.88 8.92 -15.73
CA PHE B 211 -9.89 9.08 -14.72
C PHE B 211 -9.51 8.35 -13.45
N HIS B 212 -9.97 8.88 -12.32
CA HIS B 212 -9.69 8.31 -11.01
C HIS B 212 -10.99 7.70 -10.49
N ASP B 213 -12.10 8.35 -10.80
CA ASP B 213 -13.42 7.89 -10.35
C ASP B 213 -14.35 7.80 -11.56
N LEU B 214 -15.54 7.25 -11.33
CA LEU B 214 -16.55 7.11 -12.36
C LEU B 214 -17.95 7.12 -11.74
N LEU C 1 -5.96 47.35 -16.83
CA LEU C 1 -6.02 46.03 -16.14
C LEU C 1 -4.64 45.55 -15.72
N PRO C 2 -4.54 44.95 -14.53
CA PRO C 2 -3.29 44.42 -13.97
C PRO C 2 -2.77 43.18 -14.68
N THR C 3 -1.45 43.13 -14.85
CA THR C 3 -0.82 42.00 -15.51
C THR C 3 0.29 41.41 -14.65
N THR C 4 1.00 42.27 -13.93
CA THR C 4 2.08 41.85 -13.06
C THR C 4 2.04 42.65 -11.77
N HIS C 5 2.66 42.11 -10.72
CA HIS C 5 2.67 42.80 -9.44
C HIS C 5 3.86 42.37 -8.57
N GLU C 6 4.08 43.12 -7.50
CA GLU C 6 5.15 42.84 -6.56
C GLU C 6 4.64 43.18 -5.15
N VAL C 7 5.22 42.56 -4.13
CA VAL C 7 4.79 42.81 -2.77
C VAL C 7 5.92 43.00 -1.79
N HIS C 8 5.62 43.71 -0.72
CA HIS C 8 6.56 43.91 0.36
C HIS C 8 5.71 43.80 1.61
N VAL C 9 5.88 42.71 2.34
CA VAL C 9 5.15 42.50 3.57
C VAL C 9 6.14 42.69 4.70
N TYR C 10 5.77 43.47 5.69
CA TYR C 10 6.65 43.71 6.82
C TYR C 10 5.80 43.80 8.08
N GLY C 11 6.44 43.58 9.22
CA GLY C 11 5.72 43.65 10.48
C GLY C 11 6.33 42.68 11.48
N SER C 12 5.48 41.97 12.20
CA SER C 12 5.97 41.02 13.20
C SER C 12 4.99 39.93 13.56
N ILE C 13 5.51 38.86 14.13
CA ILE C 13 4.69 37.74 14.56
C ILE C 13 5.18 37.41 15.96
N ASN C 14 4.29 37.53 16.93
CA ASN C 14 4.64 37.26 18.31
C ASN C 14 5.82 38.11 18.73
N GLY C 15 5.81 39.35 18.27
CA GLY C 15 6.86 40.29 18.63
C GLY C 15 8.16 40.19 17.85
N VAL C 16 8.25 39.20 16.97
CA VAL C 16 9.47 39.00 16.18
C VAL C 16 9.28 39.52 14.76
N GLU C 17 10.02 40.57 14.42
CA GLU C 17 9.94 41.17 13.10
C GLU C 17 10.25 40.20 11.96
N PHE C 18 9.66 40.47 10.80
CA PHE C 18 9.88 39.66 9.62
C PHE C 18 9.67 40.58 8.43
N ASP C 19 10.24 40.20 7.29
CA ASP C 19 10.10 41.03 6.11
C ASP C 19 10.18 40.16 4.85
N LEU C 20 9.18 40.30 3.99
CA LEU C 20 9.11 39.51 2.77
C LEU C 20 9.06 40.41 1.54
N VAL C 21 9.70 39.97 0.46
CA VAL C 21 9.70 40.72 -0.79
C VAL C 21 9.61 39.74 -1.94
N GLY C 22 8.93 40.12 -3.02
CA GLY C 22 8.79 39.23 -4.15
C GLY C 22 7.90 39.81 -5.23
N SER C 23 7.70 39.06 -6.31
CA SER C 23 6.88 39.51 -7.41
C SER C 23 6.19 38.35 -8.11
N GLY C 24 5.25 38.69 -8.98
CA GLY C 24 4.51 37.67 -9.69
C GLY C 24 3.65 38.26 -10.79
N LYS C 25 2.74 37.44 -11.30
CA LYS C 25 1.85 37.89 -12.37
C LYS C 25 0.43 37.36 -12.15
N GLY C 26 -0.47 37.73 -13.03
CA GLY C 26 -1.84 37.27 -12.91
C GLY C 26 -2.65 37.53 -14.18
N ASN C 27 -3.76 36.80 -14.30
CA ASN C 27 -4.62 36.97 -15.46
C ASN C 27 -5.93 37.64 -15.06
N PRO C 28 -6.06 38.95 -15.32
CA PRO C 28 -7.28 39.68 -14.98
C PRO C 28 -8.53 39.12 -15.66
N LYS C 29 -8.34 38.17 -16.57
CA LYS C 29 -9.45 37.55 -17.29
C LYS C 29 -10.08 36.40 -16.51
N ASP C 30 -9.30 35.66 -15.74
CA ASP C 30 -9.83 34.53 -15.00
C ASP C 30 -9.55 34.54 -13.50
N GLY C 31 -8.89 35.59 -13.01
CA GLY C 31 -8.61 35.65 -11.58
C GLY C 31 -7.43 34.85 -11.09
N SER C 32 -6.73 34.15 -11.99
CA SER C 32 -5.57 33.36 -11.58
C SER C 32 -4.47 34.34 -11.16
N GLU C 33 -3.61 33.89 -10.26
CA GLU C 33 -2.57 34.76 -9.73
C GLU C 33 -1.44 33.89 -9.18
N GLU C 34 -0.20 34.33 -9.31
CA GLU C 34 0.92 33.58 -8.79
C GLU C 34 2.02 34.53 -8.36
N ILE C 35 2.77 34.14 -7.35
CA ILE C 35 3.83 34.99 -6.85
C ILE C 35 4.84 34.20 -6.03
N GLN C 36 6.04 34.76 -5.89
CA GLN C 36 7.11 34.16 -5.12
C GLN C 36 7.67 35.22 -4.21
N VAL C 37 7.78 34.91 -2.93
CA VAL C 37 8.31 35.87 -1.97
C VAL C 37 9.44 35.24 -1.19
N LYS C 38 10.39 36.07 -0.75
CA LYS C 38 11.54 35.59 0.00
C LYS C 38 11.81 36.49 1.18
N SER C 39 12.23 35.88 2.28
CA SER C 39 12.52 36.63 3.50
C SER C 39 13.80 37.42 3.34
N THR C 40 13.85 38.58 3.96
CA THR C 40 15.05 39.42 3.90
C THR C 40 15.65 39.54 5.29
N LYS C 41 15.15 38.74 6.23
CA LYS C 41 15.63 38.77 7.61
C LYS C 41 15.88 37.38 8.19
N GLY C 42 16.23 36.44 7.33
CA GLY C 42 16.51 35.10 7.80
C GLY C 42 15.32 34.17 7.73
N PRO C 43 15.46 32.92 8.20
CA PRO C 43 14.35 31.97 8.16
C PRO C 43 13.14 32.45 8.98
N LEU C 44 11.96 32.15 8.48
CA LEU C 44 10.72 32.53 9.14
C LEU C 44 10.46 31.61 10.33
N GLY C 45 10.19 32.22 11.49
CA GLY C 45 9.93 31.43 12.68
C GLY C 45 8.48 30.97 12.84
N PHE C 46 7.68 31.07 11.77
CA PHE C 46 6.28 30.66 11.83
C PHE C 46 5.80 30.01 10.54
N SER C 47 4.66 29.32 10.60
CA SER C 47 4.12 28.64 9.42
C SER C 47 3.88 29.62 8.27
N PRO C 48 4.32 29.24 7.06
CA PRO C 48 4.14 30.10 5.91
C PRO C 48 2.70 30.21 5.45
N TYR C 49 1.87 29.27 5.87
CA TYR C 49 0.48 29.28 5.45
C TYR C 49 -0.34 30.46 5.96
N ILE C 50 0.09 31.11 7.04
CA ILE C 50 -0.67 32.25 7.50
C ILE C 50 -0.30 33.46 6.64
N VAL C 51 0.76 33.36 5.84
CA VAL C 51 1.13 34.49 4.99
C VAL C 51 0.40 34.46 3.65
N VAL C 52 -0.16 33.29 3.32
CA VAL C 52 -0.87 33.14 2.05
C VAL C 52 -1.85 34.27 1.72
N PRO C 53 -2.80 34.57 2.62
CA PRO C 53 -3.75 35.64 2.34
C PRO C 53 -3.02 36.99 2.27
N ASN C 54 -1.94 37.09 3.02
CA ASN C 54 -1.16 38.32 3.05
C ASN C 54 -0.19 38.43 1.88
N ILE C 55 -0.34 37.54 0.90
CA ILE C 55 0.54 37.58 -0.24
C ILE C 55 -0.21 37.45 -1.56
N1 CR2 C 56 -1.39 36.85 -1.64
CA1 CR2 C 56 -2.58 36.93 -2.47
C1 CR2 C 56 -3.87 37.20 -1.74
N2 CR2 C 56 -4.68 36.27 -1.28
N3 CR2 C 56 -4.30 38.40 -1.47
C2 CR2 C 56 -5.40 38.23 -0.85
O2 CR2 C 56 -6.17 39.01 -0.37
CA2 CR2 C 56 -5.61 36.79 -0.73
CA3 CR2 C 56 -3.60 39.59 -1.85
C3 CR2 C 56 -4.03 40.75 -2.72
O3 CR2 C 56 -3.39 41.80 -2.70
CB2 CR2 C 56 -6.73 36.16 -0.07
CG2 CR2 C 56 -7.24 34.81 0.25
CD1 CR2 C 56 -8.33 34.62 1.05
CD2 CR2 C 56 -6.52 33.71 -0.21
CE1 CR2 C 56 -8.72 33.34 1.38
CE2 CR2 C 56 -6.92 32.46 0.13
CZ CR2 C 56 -7.99 32.30 0.90
OH CR2 C 56 -8.31 31.11 1.18
N PHE C 57 -4.24 40.21 -3.91
CA PHE C 57 -4.29 41.01 -5.12
C PHE C 57 -5.59 40.74 -5.87
N HIS C 58 -6.68 41.23 -5.29
CA HIS C 58 -8.00 41.05 -5.85
C HIS C 58 -8.25 41.83 -7.15
N GLN C 59 -7.34 42.73 -7.49
CA GLN C 59 -7.50 43.49 -8.72
C GLN C 59 -7.46 42.57 -9.96
N TYR C 60 -7.04 41.33 -9.76
CA TYR C 60 -6.98 40.35 -10.84
C TYR C 60 -8.34 39.64 -10.96
N LEU C 61 -9.19 39.85 -9.98
CA LEU C 61 -10.50 39.21 -9.94
C LEU C 61 -11.57 39.85 -10.82
N PRO C 62 -12.08 39.11 -11.80
CA PRO C 62 -13.12 39.69 -12.65
C PRO C 62 -14.46 39.20 -12.09
N PHE C 63 -15.55 39.81 -12.52
CA PHE C 63 -16.87 39.38 -12.09
C PHE C 63 -17.56 38.74 -13.29
N PRO C 64 -18.64 37.99 -13.06
CA PRO C 64 -19.32 37.35 -14.19
C PRO C 64 -19.75 38.35 -15.27
N ASP C 65 -20.40 39.42 -14.86
CA ASP C 65 -20.89 40.43 -15.80
C ASP C 65 -19.96 41.62 -16.00
N GLY C 66 -18.73 41.53 -15.52
CA GLY C 66 -17.82 42.64 -15.69
C GLY C 66 -16.67 42.59 -14.71
N MET C 67 -16.17 43.76 -14.33
CA MET C 67 -15.05 43.82 -13.41
C MET C 67 -15.53 43.79 -11.98
N SER C 68 -14.65 43.35 -11.09
CA SER C 68 -14.96 43.33 -9.67
C SER C 68 -14.63 44.75 -9.26
N PRO C 69 -15.17 45.21 -8.11
CA PRO C 69 -14.86 46.58 -7.69
C PRO C 69 -13.35 46.80 -7.50
N PHE C 70 -12.64 45.75 -7.09
CA PHE C 70 -11.19 45.84 -6.87
C PHE C 70 -10.48 46.05 -8.21
N GLN C 71 -10.89 45.27 -9.21
CA GLN C 71 -10.31 45.35 -10.55
C GLN C 71 -10.63 46.66 -11.24
N ALA C 72 -11.84 47.17 -11.02
CA ALA C 72 -12.25 48.43 -11.63
C ALA C 72 -11.46 49.58 -11.03
N ALA C 73 -11.19 49.49 -9.74
CA ALA C 73 -10.45 50.54 -9.04
C ALA C 73 -8.98 50.51 -9.44
N ALA C 74 -8.53 49.35 -9.91
CA ALA C 74 -7.14 49.19 -10.34
C ALA C 74 -7.01 49.77 -11.74
N ASP C 75 -7.93 49.36 -12.63
CA ASP C 75 -7.96 49.81 -14.02
C ASP C 75 -8.13 51.33 -14.03
N ASP C 76 -8.89 51.80 -13.05
CA ASP C 76 -9.21 53.20 -12.84
C ASP C 76 -8.00 53.99 -12.36
N GLY C 77 -7.23 53.37 -11.46
CA GLY C 77 -6.06 54.00 -10.90
C GLY C 77 -6.40 54.62 -9.55
N SER C 78 -7.69 54.80 -9.29
CA SER C 78 -8.14 55.38 -8.02
C SER C 78 -7.80 54.48 -6.84
N GLY C 79 -7.91 53.17 -7.03
CA GLY C 79 -7.56 52.21 -6.00
C GLY C 79 -8.40 52.12 -4.74
N TYR C 80 -7.87 51.39 -3.77
CA TYR C 80 -8.53 51.18 -2.50
C TYR C 80 -7.50 50.76 -1.46
N VAL C 81 -7.88 50.88 -0.19
CA VAL C 81 -7.00 50.48 0.91
C VAL C 81 -7.67 49.28 1.54
N VAL C 82 -6.90 48.42 2.19
CA VAL C 82 -7.45 47.21 2.78
C VAL C 82 -7.14 47.07 4.26
N HIS C 83 -8.16 46.74 5.06
CA HIS C 83 -7.98 46.52 6.49
C HIS C 83 -8.46 45.10 6.77
N ARG C 84 -7.53 44.19 7.05
CA ARG C 84 -7.91 42.81 7.30
C ARG C 84 -7.65 42.35 8.72
N THR C 85 -8.62 41.61 9.26
CA THR C 85 -8.51 41.08 10.60
C THR C 85 -8.76 39.58 10.55
N ILE C 86 -7.82 38.82 11.10
CA ILE C 86 -7.94 37.36 11.13
C ILE C 86 -7.86 36.93 12.58
N GLN C 87 -8.86 36.17 13.02
CA GLN C 87 -8.88 35.71 14.40
C GLN C 87 -8.86 34.19 14.38
N PHE C 88 -7.86 33.59 15.01
CA PHE C 88 -7.74 32.12 15.05
C PHE C 88 -8.38 31.52 16.30
N GLU C 89 -8.91 30.31 16.17
CA GLU C 89 -9.57 29.61 17.28
C GLU C 89 -8.66 29.57 18.48
N ASP C 90 -7.38 29.69 18.16
CA ASP C 90 -6.28 29.69 19.10
C ASP C 90 -6.26 30.88 20.05
N GLY C 91 -6.77 32.01 19.57
CA GLY C 91 -6.77 33.22 20.38
C GLY C 91 -5.80 34.18 19.72
N ALA C 92 -5.05 33.69 18.73
CA ALA C 92 -4.09 34.51 18.03
C ALA C 92 -4.79 35.51 17.11
N SER C 93 -4.21 36.68 16.97
CA SER C 93 -4.76 37.71 16.09
C SER C 93 -3.76 38.09 15.00
N LEU C 94 -4.25 38.34 13.80
CA LEU C 94 -3.39 38.74 12.69
C LEU C 94 -4.04 39.87 11.91
N THR C 95 -3.44 41.04 11.98
CA THR C 95 -3.95 42.22 11.30
C THR C 95 -3.17 42.61 10.05
N GLY C 96 -3.90 43.03 9.03
CA GLY C 96 -3.24 43.43 7.80
C GLY C 96 -3.71 44.76 7.27
N ASN C 97 -2.76 45.62 6.91
CA ASN C 97 -3.05 46.92 6.33
C ASN C 97 -2.36 46.95 4.96
N TYR C 98 -3.15 46.92 3.89
CA TYR C 98 -2.56 46.95 2.54
C TYR C 98 -2.82 48.26 1.79
N ARG C 99 -1.82 48.66 1.01
CA ARG C 99 -1.90 49.85 0.18
C ARG C 99 -1.23 49.48 -1.14
N TYR C 100 -1.79 49.97 -2.24
CA TYR C 100 -1.24 49.65 -3.54
C TYR C 100 -0.87 50.88 -4.36
N SER C 101 -0.07 50.64 -5.39
CA SER C 101 0.40 51.66 -6.31
C SER C 101 0.21 51.07 -7.71
N TYR C 102 -0.25 51.88 -8.66
CA TYR C 102 -0.46 51.35 -10.01
C TYR C 102 0.36 52.06 -11.07
N ASP C 103 0.85 51.27 -12.03
CA ASP C 103 1.66 51.81 -13.11
C ASP C 103 1.60 50.91 -14.32
N GLY C 104 0.74 51.28 -15.26
CA GLY C 104 0.59 50.53 -16.50
C GLY C 104 0.52 49.02 -16.41
N GLY C 105 -0.49 48.51 -15.72
CA GLY C 105 -0.63 47.07 -15.63
C GLY C 105 0.23 46.41 -14.57
N HIS C 106 1.04 47.21 -13.88
CA HIS C 106 1.89 46.68 -12.83
C HIS C 106 1.46 47.19 -11.46
N ILE C 107 1.26 46.28 -10.52
CA ILE C 107 0.84 46.65 -9.17
C ILE C 107 1.96 46.48 -8.15
N LYS C 108 2.11 47.48 -7.28
CA LYS C 108 3.09 47.42 -6.22
C LYS C 108 2.33 47.44 -4.90
N GLY C 109 2.46 46.36 -4.14
CA GLY C 109 1.77 46.27 -2.85
C GLY C 109 2.68 46.48 -1.66
N GLU C 110 2.18 47.22 -0.67
CA GLU C 110 2.92 47.51 0.55
C GLU C 110 2.01 47.04 1.70
N PHE C 111 2.30 45.87 2.25
CA PHE C 111 1.50 45.27 3.31
C PHE C 111 2.10 45.26 4.73
N HIS C 112 1.44 45.93 5.66
CA HIS C 112 1.89 45.94 7.05
C HIS C 112 1.09 44.87 7.78
N VAL C 113 1.76 43.80 8.20
CA VAL C 113 1.09 42.70 8.88
C VAL C 113 1.62 42.41 10.28
N VAL C 114 0.72 42.44 11.28
CA VAL C 114 1.11 42.14 12.65
C VAL C 114 0.30 40.97 13.16
N GLY C 115 0.99 40.00 13.76
CA GLY C 115 0.34 38.83 14.30
C GLY C 115 0.79 38.62 15.73
N SER C 116 -0.12 38.18 16.60
CA SER C 116 0.23 37.97 18.00
C SER C 116 -0.61 36.89 18.67
N GLY C 117 -0.14 36.45 19.84
CA GLY C 117 -0.87 35.46 20.59
C GLY C 117 -0.86 34.05 20.04
N PHE C 118 0.07 33.72 19.16
CA PHE C 118 0.14 32.37 18.64
C PHE C 118 0.83 31.53 19.70
N PRO C 119 0.15 30.49 20.20
CA PRO C 119 0.76 29.64 21.25
C PRO C 119 2.10 29.06 20.79
N ALA C 120 3.07 29.03 21.70
CA ALA C 120 4.40 28.51 21.38
C ALA C 120 4.32 27.07 20.88
N ASP C 121 3.37 26.31 21.42
CA ASP C 121 3.19 24.91 21.05
C ASP C 121 2.09 24.75 20.01
N GLY C 122 1.60 25.86 19.48
CA GLY C 122 0.54 25.82 18.50
C GLY C 122 1.01 25.47 17.09
N PRO C 123 0.06 25.12 16.19
CA PRO C 123 0.29 24.75 14.79
C PRO C 123 1.08 25.77 13.98
N VAL C 124 0.92 27.06 14.30
CA VAL C 124 1.60 28.12 13.59
C VAL C 124 3.06 28.27 13.96
N MET C 125 3.36 28.32 15.26
CA MET C 125 4.74 28.47 15.68
C MET C 125 5.58 27.19 15.50
N THR C 126 4.93 26.03 15.45
CA THR C 126 5.67 24.77 15.25
C THR C 126 5.61 24.33 13.80
N LYS C 127 5.07 25.19 12.95
CA LYS C 127 4.94 24.92 11.52
C LYS C 127 4.29 23.59 11.21
N SER C 128 3.15 23.33 11.86
CA SER C 128 2.40 22.08 11.68
C SER C 128 1.28 22.19 10.66
N LEU C 129 1.11 23.37 10.08
CA LEU C 129 0.07 23.55 9.08
C LEU C 129 0.63 23.00 7.79
N THR C 130 -0.19 22.30 7.02
CA THR C 130 0.27 21.71 5.77
C THR C 130 -0.25 22.40 4.51
N ALA C 131 -1.31 23.18 4.65
CA ALA C 131 -1.89 23.88 3.50
C ALA C 131 -3.08 24.75 3.93
N VAL C 132 -3.59 25.51 2.97
CA VAL C 132 -4.75 26.38 3.20
C VAL C 132 -5.91 25.71 2.49
N ASP C 133 -7.00 25.44 3.21
CA ASP C 133 -8.15 24.81 2.57
C ASP C 133 -8.81 25.77 1.60
N TRP C 134 -9.42 25.22 0.56
CA TRP C 134 -10.10 26.06 -0.41
C TRP C 134 -11.17 26.80 0.40
N SER C 135 -11.51 28.01 -0.03
CA SER C 135 -12.49 28.79 0.70
C SER C 135 -13.46 29.58 -0.17
N VAL C 136 -14.56 30.02 0.45
CA VAL C 136 -15.56 30.82 -0.24
C VAL C 136 -15.83 32.05 0.62
N ALA C 137 -15.61 33.22 0.05
CA ALA C 137 -15.85 34.45 0.78
C ALA C 137 -17.22 35.04 0.44
N THR C 138 -17.86 35.66 1.42
CA THR C 138 -19.15 36.31 1.20
C THR C 138 -18.86 37.81 1.19
N MET C 139 -19.19 38.49 0.09
CA MET C 139 -18.93 39.93 -0.01
C MET C 139 -20.20 40.76 -0.15
N LEU C 140 -20.22 41.90 0.53
CA LEU C 140 -21.34 42.84 0.50
C LEU C 140 -20.75 44.22 0.28
N PHE C 141 -21.56 45.11 -0.25
CA PHE C 141 -21.16 46.49 -0.49
C PHE C 141 -22.15 47.40 0.25
N PRO C 142 -21.91 47.64 1.56
CA PRO C 142 -22.78 48.48 2.42
C PRO C 142 -23.01 49.91 1.92
N ASN C 143 -22.07 50.45 1.14
CA ASN C 143 -22.20 51.78 0.56
C ASN C 143 -21.31 51.82 -0.68
N ASP C 144 -21.43 52.85 -1.49
CA ASP C 144 -20.66 52.91 -2.74
C ASP C 144 -19.13 53.05 -2.63
N THR C 145 -18.61 53.10 -1.42
CA THR C 145 -17.16 53.22 -1.24
C THR C 145 -16.62 52.13 -0.33
N THR C 146 -17.40 51.09 -0.09
CA THR C 146 -16.99 50.02 0.81
C THR C 146 -17.36 48.60 0.41
N VAL C 147 -16.40 47.70 0.60
CA VAL C 147 -16.63 46.28 0.33
C VAL C 147 -16.23 45.55 1.60
N VAL C 148 -17.09 44.65 2.07
CA VAL C 148 -16.83 43.88 3.26
C VAL C 148 -16.83 42.42 2.83
N SER C 149 -15.80 41.70 3.23
CA SER C 149 -15.65 40.30 2.87
C SER C 149 -15.35 39.46 4.10
N THR C 150 -16.13 38.42 4.32
CA THR C 150 -15.93 37.53 5.47
C THR C 150 -15.69 36.11 4.99
N ILE C 151 -14.75 35.42 5.63
CA ILE C 151 -14.41 34.07 5.26
C ILE C 151 -14.21 33.13 6.44
N ASP C 152 -14.82 31.94 6.35
CA ASP C 152 -14.60 30.91 7.36
C ASP C 152 -13.39 30.16 6.77
N TRP C 153 -12.27 30.26 7.47
CA TRP C 153 -10.99 29.72 7.01
C TRP C 153 -10.42 28.55 7.81
N THR C 154 -9.77 27.62 7.11
CA THR C 154 -9.13 26.48 7.79
C THR C 154 -7.84 26.05 7.10
N CYS C 155 -6.91 25.54 7.91
CA CYS C 155 -5.63 25.04 7.43
C CYS C 155 -5.45 23.68 8.07
N PRO C 156 -5.22 22.64 7.27
CA PRO C 156 -5.03 21.30 7.85
C PRO C 156 -3.69 21.25 8.58
N THR C 157 -3.60 20.42 9.62
CA THR C 157 -2.34 20.30 10.35
C THR C 157 -1.78 18.90 10.18
N THR C 158 -0.57 18.71 10.70
CA THR C 158 0.10 17.41 10.62
C THR C 158 -0.77 16.34 11.28
N SER C 159 -1.34 16.69 12.43
CA SER C 159 -2.18 15.78 13.20
C SER C 159 -3.52 15.45 12.53
N GLY C 160 -3.76 15.96 11.34
CA GLY C 160 -5.02 15.68 10.66
C GLY C 160 -6.17 16.63 10.99
N LYS C 161 -6.13 17.25 12.16
CA LYS C 161 -7.19 18.17 12.56
C LYS C 161 -6.99 19.51 11.86
N ARG C 162 -8.07 20.26 11.67
CA ARG C 162 -7.96 21.56 11.00
C ARG C 162 -7.83 22.68 11.99
N TYR C 163 -7.08 23.70 11.61
CA TYR C 163 -6.87 24.86 12.45
C TYR C 163 -7.85 25.93 11.92
N HIS C 164 -8.78 26.38 12.78
CA HIS C 164 -9.79 27.36 12.35
C HIS C 164 -9.51 28.83 12.59
N ALA C 165 -10.09 29.67 11.73
CA ALA C 165 -9.96 31.11 11.83
C ALA C 165 -11.07 31.79 11.03
N THR C 166 -11.27 33.07 11.27
CA THR C 166 -12.28 33.82 10.53
C THR C 166 -11.55 35.03 10.00
N LEU C 167 -11.81 35.37 8.75
CA LEU C 167 -11.19 36.54 8.15
C LEU C 167 -12.26 37.57 7.90
N ARG C 168 -11.94 38.80 8.21
CA ARG C 168 -12.85 39.89 8.00
C ARG C 168 -12.01 40.94 7.32
N THR C 169 -12.38 41.29 6.09
CA THR C 169 -11.63 42.27 5.35
C THR C 169 -12.52 43.42 4.91
N ASN C 170 -12.12 44.63 5.29
CA ASN C 170 -12.85 45.83 4.91
C ASN C 170 -12.05 46.61 3.87
N TYR C 171 -12.66 46.84 2.71
CA TYR C 171 -12.02 47.57 1.61
C TYR C 171 -12.64 48.97 1.49
N THR C 172 -11.79 49.99 1.53
CA THR C 172 -12.27 51.36 1.39
C THR C 172 -11.76 51.95 0.07
N PHE C 173 -12.69 52.31 -0.82
CA PHE C 173 -12.34 52.85 -2.12
C PHE C 173 -12.26 54.37 -2.17
N ALA C 174 -11.37 54.87 -3.04
CA ALA C 174 -11.19 56.30 -3.21
C ALA C 174 -12.31 56.91 -4.03
N LYS C 175 -12.83 56.14 -4.98
CA LYS C 175 -13.92 56.60 -5.84
C LYS C 175 -15.10 55.65 -5.73
N PRO C 176 -16.32 56.17 -5.93
CA PRO C 176 -17.53 55.35 -5.85
C PRO C 176 -17.48 54.15 -6.80
N ILE C 177 -17.96 53.02 -6.31
CA ILE C 177 -18.03 51.78 -7.07
C ILE C 177 -19.20 51.88 -8.06
N ALA C 178 -18.99 51.44 -9.29
CA ALA C 178 -20.02 51.49 -10.32
C ALA C 178 -21.38 50.95 -9.87
N ALA C 179 -22.43 51.70 -10.20
CA ALA C 179 -23.78 51.31 -9.84
C ALA C 179 -24.10 49.89 -10.30
N THR C 180 -23.50 49.49 -11.42
CA THR C 180 -23.73 48.14 -11.94
C THR C 180 -23.35 47.08 -10.93
N ILE C 181 -22.16 47.24 -10.35
CA ILE C 181 -21.64 46.29 -9.38
C ILE C 181 -22.48 46.29 -8.10
N LEU C 182 -22.68 47.47 -7.52
CA LEU C 182 -23.45 47.60 -6.28
C LEU C 182 -24.83 46.94 -6.37
N GLN C 183 -25.31 46.72 -7.59
CA GLN C 183 -26.62 46.13 -7.78
C GLN C 183 -26.70 44.65 -7.43
N LYS C 184 -25.65 43.88 -7.72
CA LYS C 184 -25.65 42.45 -7.42
C LYS C 184 -24.97 42.10 -6.11
N GLN C 185 -25.76 41.76 -5.10
CA GLN C 185 -25.24 41.37 -3.79
C GLN C 185 -26.10 40.25 -3.23
N PRO C 186 -25.49 39.33 -2.47
CA PRO C 186 -24.05 39.31 -2.15
C PRO C 186 -23.28 38.71 -3.33
N MET C 187 -21.96 38.86 -3.29
CA MET C 187 -21.08 38.29 -4.31
C MET C 187 -20.17 37.31 -3.54
N PHE C 188 -20.04 36.09 -4.05
CA PHE C 188 -19.20 35.09 -3.40
C PHE C 188 -17.94 34.85 -4.22
N VAL C 189 -16.83 34.55 -3.54
CA VAL C 189 -15.57 34.29 -4.23
C VAL C 189 -14.95 33.00 -3.75
N PHE C 190 -14.84 32.04 -4.66
CA PHE C 190 -14.24 30.74 -4.36
C PHE C 190 -12.75 30.82 -4.68
N ARG C 191 -11.92 30.39 -3.74
CA ARG C 191 -10.47 30.43 -3.93
C ARG C 191 -9.77 29.12 -3.64
N LYS C 192 -8.72 28.85 -4.41
CA LYS C 192 -7.90 27.65 -4.26
C LYS C 192 -6.46 28.12 -4.29
N THR C 193 -5.61 27.48 -3.48
CA THR C 193 -4.20 27.84 -3.48
C THR C 193 -3.31 26.62 -3.52
N GLU C 194 -2.13 26.80 -4.09
CA GLU C 194 -1.11 25.74 -4.19
C GLU C 194 0.14 26.40 -3.65
N VAL C 195 0.71 25.82 -2.61
CA VAL C 195 1.90 26.39 -2.01
C VAL C 195 3.11 25.47 -1.91
N LYS C 196 4.26 26.01 -2.31
CA LYS C 196 5.53 25.31 -2.23
C LYS C 196 6.39 26.28 -1.47
N ALA C 197 6.91 25.87 -0.32
CA ALA C 197 7.73 26.77 0.47
C ALA C 197 8.84 26.15 1.29
N SER C 198 9.88 26.96 1.53
CA SER C 198 11.03 26.58 2.32
C SER C 198 11.04 27.54 3.51
N ASP C 199 12.19 27.65 4.17
CA ASP C 199 12.32 28.51 5.33
C ASP C 199 12.37 30.00 5.02
N ALA C 200 12.89 30.34 3.85
CA ALA C 200 13.00 31.74 3.47
C ALA C 200 12.33 32.06 2.14
N GLU C 201 11.61 31.10 1.58
CA GLU C 201 10.94 31.31 0.31
C GLU C 201 9.56 30.66 0.22
N ILE C 202 8.58 31.44 -0.25
CA ILE C 202 7.23 30.95 -0.39
C ILE C 202 6.77 31.18 -1.82
N ASN C 203 6.22 30.14 -2.43
CA ASN C 203 5.72 30.21 -3.79
C ASN C 203 4.24 29.94 -3.73
N LEU C 204 3.46 30.84 -4.33
CA LEU C 204 2.01 30.70 -4.30
C LEU C 204 1.33 30.81 -5.64
N LYS C 205 0.34 29.93 -5.83
CA LYS C 205 -0.48 29.93 -7.02
C LYS C 205 -1.89 30.00 -6.46
N GLU C 206 -2.67 30.96 -6.94
CA GLU C 206 -4.03 31.16 -6.44
C GLU C 206 -5.01 31.27 -7.58
N TRP C 207 -6.18 30.65 -7.38
CA TRP C 207 -7.24 30.67 -8.36
C TRP C 207 -8.47 31.29 -7.67
N GLN C 208 -9.07 32.28 -8.29
CA GLN C 208 -10.24 32.95 -7.72
C GLN C 208 -11.39 32.93 -8.72
N LYS C 209 -12.59 32.70 -8.22
CA LYS C 209 -13.77 32.69 -9.08
C LYS C 209 -14.96 33.28 -8.35
N ALA C 210 -15.41 34.44 -8.82
CA ALA C 210 -16.54 35.12 -8.21
C ALA C 210 -17.84 34.64 -8.85
N PHE C 211 -18.91 34.64 -8.06
CA PHE C 211 -20.21 34.23 -8.57
C PHE C 211 -21.32 34.83 -7.72
N HIS C 212 -22.46 35.06 -8.34
CA HIS C 212 -23.62 35.64 -7.68
C HIS C 212 -24.67 34.55 -7.57
N ASP C 213 -24.76 33.73 -8.61
CA ASP C 213 -25.74 32.65 -8.65
C ASP C 213 -25.01 31.38 -9.03
N LEU C 214 -25.60 30.22 -8.70
CA LEU C 214 -25.03 28.92 -9.02
C LEU C 214 -26.10 27.99 -9.57
N LEU D 1 23.91 9.28 2.75
CA LEU D 1 23.93 8.08 3.63
C LEU D 1 25.36 7.59 3.88
N PRO D 2 25.63 7.14 5.12
CA PRO D 2 26.95 6.65 5.55
C PRO D 2 27.33 5.30 4.94
N THR D 3 28.60 5.18 4.56
CA THR D 3 29.09 3.95 3.97
C THR D 3 30.31 3.44 4.73
N THR D 4 31.14 4.37 5.19
CA THR D 4 32.36 4.02 5.94
C THR D 4 32.52 4.99 7.11
N HIS D 5 33.31 4.59 8.10
CA HIS D 5 33.54 5.43 9.27
C HIS D 5 34.84 5.09 9.98
N GLU D 6 35.24 5.97 10.90
CA GLU D 6 36.45 5.75 11.69
C GLU D 6 36.18 6.30 13.08
N VAL D 7 36.91 5.82 14.07
CA VAL D 7 36.71 6.28 15.44
C VAL D 7 38.00 6.54 16.19
N HIS D 8 37.88 7.39 17.20
CA HIS D 8 38.99 7.70 18.06
C HIS D 8 38.36 7.80 19.43
N VAL D 9 38.63 6.81 20.27
CA VAL D 9 38.10 6.81 21.61
C VAL D 9 39.27 7.10 22.53
N TYR D 10 39.08 8.01 23.46
CA TYR D 10 40.13 8.38 24.40
C TYR D 10 39.50 8.69 25.74
N GLY D 11 40.30 8.60 26.79
CA GLY D 11 39.80 8.86 28.12
C GLY D 11 40.53 8.00 29.13
N SER D 12 39.80 7.43 30.07
CA SER D 12 40.44 6.61 31.08
C SER D 12 39.50 5.62 31.74
N ILE D 13 40.10 4.61 32.36
CA ILE D 13 39.34 3.60 33.09
C ILE D 13 40.03 3.42 34.44
N ASN D 14 39.31 3.72 35.51
CA ASN D 14 39.87 3.62 36.84
C ASN D 14 41.11 4.50 36.96
N GLY D 15 41.06 5.67 36.31
CA GLY D 15 42.16 6.61 36.35
C GLY D 15 43.33 6.34 35.41
N VAL D 16 43.26 5.23 34.69
CA VAL D 16 44.33 4.88 33.76
C VAL D 16 43.92 5.22 32.34
N GLU D 17 44.65 6.13 31.73
CA GLU D 17 44.36 6.58 30.36
C GLU D 17 44.46 5.47 29.33
N PHE D 18 43.68 5.59 28.27
CA PHE D 18 43.70 4.62 27.19
C PHE D 18 43.31 5.38 25.93
N ASP D 19 43.66 4.83 24.78
CA ASP D 19 43.36 5.49 23.52
C ASP D 19 43.23 4.46 22.42
N LEU D 20 42.10 4.50 21.71
CA LEU D 20 41.81 3.57 20.63
C LEU D 20 41.58 4.30 19.31
N VAL D 21 42.03 3.70 18.22
CA VAL D 21 41.84 4.26 16.89
C VAL D 21 41.54 3.14 15.91
N GLY D 22 40.71 3.41 14.92
CA GLY D 22 40.37 2.38 13.94
C GLY D 22 39.32 2.84 12.97
N SER D 23 38.97 1.96 12.03
CA SER D 23 37.97 2.30 11.03
C SER D 23 37.16 1.09 10.62
N GLY D 24 36.08 1.34 9.88
CA GLY D 24 35.23 0.25 9.43
C GLY D 24 34.20 0.72 8.42
N LYS D 25 33.21 -0.13 8.17
CA LYS D 25 32.17 0.19 7.22
C LYS D 25 30.81 -0.23 7.74
N GLY D 26 29.77 0.02 6.95
CA GLY D 26 28.42 -0.34 7.36
C GLY D 26 27.43 -0.22 6.22
N ASN D 27 26.29 -0.89 6.37
CA ASN D 27 25.26 -0.86 5.35
C ASN D 27 24.05 -0.09 5.86
N PRO D 28 23.90 1.18 5.43
CA PRO D 28 22.76 2.01 5.84
C PRO D 28 21.40 1.41 5.45
N LYS D 29 21.44 0.34 4.65
CA LYS D 29 20.23 -0.33 4.22
C LYS D 29 19.69 -1.32 5.26
N ASP D 30 20.58 -2.00 5.97
CA ASP D 30 20.17 -2.99 6.96
C ASP D 30 20.67 -2.78 8.39
N GLY D 31 21.44 -1.71 8.60
CA GLY D 31 21.94 -1.44 9.93
C GLY D 31 23.17 -2.24 10.34
N SER D 32 23.69 -3.08 9.46
CA SER D 32 24.88 -3.86 9.77
C SER D 32 26.04 -2.89 9.88
N GLU D 33 27.04 -3.24 10.68
CA GLU D 33 28.17 -2.36 10.92
C GLU D 33 29.35 -3.20 11.41
N GLU D 34 30.56 -2.83 11.00
CA GLU D 34 31.74 -3.56 11.45
C GLU D 34 32.92 -2.59 11.57
N ILE D 35 33.82 -2.87 12.51
CA ILE D 35 34.96 -1.99 12.71
C ILE D 35 36.08 -2.68 13.47
N GLN D 36 37.29 -2.19 13.29
CA GLN D 36 38.46 -2.72 13.97
C GLN D 36 39.19 -1.54 14.61
N VAL D 37 39.49 -1.67 15.90
CA VAL D 37 40.18 -0.62 16.61
C VAL D 37 41.41 -1.19 17.29
N LYS D 38 42.44 -0.35 17.45
CA LYS D 38 43.69 -0.79 18.08
C LYS D 38 44.16 0.25 19.08
N SER D 39 44.75 -0.21 20.17
CA SER D 39 45.24 0.68 21.21
C SER D 39 46.50 1.39 20.74
N THR D 40 46.67 2.63 21.18
CA THR D 40 47.84 3.40 20.81
C THR D 40 48.67 3.68 22.06
N LYS D 41 48.30 3.04 23.17
CA LYS D 41 49.01 3.24 24.44
C LYS D 41 49.34 1.93 25.16
N GLY D 42 49.53 0.87 24.39
CA GLY D 42 49.85 -0.42 24.99
C GLY D 42 48.65 -1.30 25.22
N PRO D 43 48.84 -2.47 25.84
CA PRO D 43 47.71 -3.38 26.12
C PRO D 43 46.68 -2.74 27.04
N LEU D 44 45.41 -3.06 26.79
CA LEU D 44 44.30 -2.55 27.58
C LEU D 44 44.22 -3.29 28.90
N GLY D 45 44.16 -2.53 29.99
CA GLY D 45 44.07 -3.14 31.31
C GLY D 45 42.66 -3.51 31.75
N PHE D 46 41.71 -3.51 30.82
CA PHE D 46 40.33 -3.84 31.17
C PHE D 46 39.63 -4.64 30.07
N SER D 47 38.49 -5.23 30.41
CA SER D 47 37.76 -6.04 29.45
C SER D 47 37.35 -5.24 28.21
N PRO D 48 37.63 -5.80 27.02
CA PRO D 48 37.27 -5.10 25.79
C PRO D 48 35.76 -5.02 25.55
N TYR D 49 35.00 -5.84 26.26
CA TYR D 49 33.55 -5.83 26.05
C TYR D 49 32.84 -4.57 26.52
N ILE D 50 33.47 -3.80 27.39
CA ILE D 50 32.81 -2.57 27.82
C ILE D 50 33.04 -1.50 26.76
N VAL D 51 33.96 -1.74 25.83
CA VAL D 51 34.21 -0.76 24.78
C VAL D 51 33.25 -0.95 23.59
N VAL D 52 32.65 -2.13 23.50
CA VAL D 52 31.73 -2.42 22.40
C VAL D 52 30.74 -1.30 22.08
N PRO D 53 29.94 -0.87 23.06
CA PRO D 53 28.98 0.21 22.81
C PRO D 53 29.70 1.50 22.43
N ASN D 54 30.90 1.67 22.97
CA ASN D 54 31.70 2.87 22.70
C ASN D 54 32.46 2.75 21.38
N ILE D 55 32.14 1.75 20.58
CA ILE D 55 32.85 1.59 19.31
C ILE D 55 31.90 1.33 18.14
N1 CR2 D 56 30.71 0.77 18.34
CA1 CR2 D 56 29.39 0.79 17.73
C1 CR2 D 56 28.24 1.19 18.60
N2 CR2 D 56 27.50 0.38 19.32
N3 CR2 D 56 27.88 2.46 18.77
C2 CR2 D 56 26.89 2.42 19.57
O2 CR2 D 56 26.22 3.29 20.03
CA2 CR2 D 56 26.67 1.01 19.93
CA3 CR2 D 56 28.52 3.55 18.11
C3 CR2 D 56 27.99 4.60 17.16
O3 CR2 D 56 28.64 5.62 16.93
CB2 CR2 D 56 25.66 0.53 20.84
CG2 CR2 D 56 25.18 -0.75 21.42
CD1 CR2 D 56 24.23 -0.80 22.39
CD2 CR2 D 56 25.79 -1.91 21.00
CE1 CR2 D 56 23.87 -2.01 22.96
CE2 CR2 D 56 25.45 -3.11 21.57
CZ CR2 D 56 24.51 -3.14 22.50
OH CR2 D 56 24.24 -4.27 22.97
N PHE D 57 27.62 3.89 16.11
CA PHE D 57 27.35 4.53 14.82
C PHE D 57 25.94 4.21 14.33
N HIS D 58 24.97 4.82 15.00
CA HIS D 58 23.56 4.63 14.68
C HIS D 58 23.13 5.23 13.36
N GLN D 59 23.99 6.02 12.74
CA GLN D 59 23.63 6.62 11.46
C GLN D 59 23.45 5.55 10.39
N TYR D 60 23.89 4.32 10.70
CA TYR D 60 23.74 3.20 9.76
C TYR D 60 22.38 2.54 9.95
N LEU D 61 21.70 2.93 11.03
CA LEU D 61 20.40 2.35 11.35
C LEU D 61 19.21 2.90 10.58
N PRO D 62 18.54 2.06 9.78
CA PRO D 62 17.38 2.56 9.05
C PRO D 62 16.14 2.19 9.86
N PHE D 63 15.01 2.79 9.53
CA PHE D 63 13.78 2.48 10.24
C PHE D 63 12.90 1.71 9.25
N PRO D 64 11.84 1.06 9.76
CA PRO D 64 10.96 0.31 8.86
C PRO D 64 10.39 1.15 7.72
N ASP D 65 9.81 2.29 8.07
CA ASP D 65 9.20 3.18 7.08
C ASP D 65 10.12 4.31 6.58
N GLY D 66 11.41 4.21 6.84
CA GLY D 66 12.31 5.25 6.37
C GLY D 66 13.60 5.30 7.15
N MET D 67 14.17 6.50 7.29
CA MET D 67 15.42 6.64 8.02
C MET D 67 15.18 6.82 9.51
N SER D 68 16.20 6.48 10.29
CA SER D 68 16.12 6.66 11.73
C SER D 68 16.54 8.11 11.89
N PRO D 69 16.21 8.74 13.02
CA PRO D 69 16.61 10.14 13.20
C PRO D 69 18.12 10.30 13.12
N PHE D 70 18.87 9.29 13.55
CA PHE D 70 20.32 9.33 13.53
C PHE D 70 20.82 9.33 12.08
N GLN D 71 20.22 8.46 11.27
CA GLN D 71 20.58 8.34 9.86
C GLN D 71 20.20 9.56 9.05
N ALA D 72 19.05 10.15 9.37
CA ALA D 72 18.56 11.32 8.68
C ALA D 72 19.47 12.53 8.97
N ALA D 73 19.93 12.61 10.21
CA ALA D 73 20.80 13.70 10.63
C ALA D 73 22.18 13.54 10.02
N ALA D 74 22.54 12.32 9.63
CA ALA D 74 23.82 12.04 9.02
C ALA D 74 23.75 12.40 7.53
N ASP D 75 22.67 11.95 6.90
CA ASP D 75 22.43 12.19 5.47
C ASP D 75 22.29 13.69 5.28
N ASP D 76 21.71 14.33 6.29
CA ASP D 76 21.45 15.76 6.34
C ASP D 76 22.75 16.54 6.51
N GLY D 77 23.63 16.03 7.36
CA GLY D 77 24.89 16.69 7.61
C GLY D 77 24.80 17.49 8.90
N SER D 78 23.57 17.76 9.34
CA SER D 78 23.33 18.51 10.58
C SER D 78 23.86 17.77 11.81
N GLY D 79 23.69 16.45 11.80
CA GLY D 79 24.19 15.63 12.90
C GLY D 79 23.56 15.75 14.27
N TYR D 80 24.22 15.14 15.24
CA TYR D 80 23.77 15.13 16.62
C TYR D 80 24.95 14.82 17.53
N VAL D 81 24.77 15.11 18.82
CA VAL D 81 25.81 14.84 19.80
C VAL D 81 25.25 13.75 20.71
N VAL D 82 26.11 12.95 21.33
CA VAL D 82 25.65 11.86 22.18
C VAL D 82 26.19 11.90 23.60
N HIS D 83 25.30 11.74 24.57
CA HIS D 83 25.70 11.73 25.97
C HIS D 83 25.23 10.39 26.53
N ARG D 84 26.16 9.47 26.75
CA ARG D 84 25.82 8.14 27.26
C ARG D 84 26.31 7.85 28.67
N THR D 85 25.42 7.27 29.47
CA THR D 85 25.74 6.91 30.84
C THR D 85 25.45 5.42 31.04
N ILE D 86 26.45 4.68 31.54
CA ILE D 86 26.30 3.26 31.81
C ILE D 86 26.61 3.03 33.27
N GLN D 87 25.67 2.41 33.98
CA GLN D 87 25.87 2.14 35.39
C GLN D 87 25.86 0.61 35.58
N PHE D 88 26.95 0.05 36.10
CA PHE D 88 27.06 -1.39 36.32
C PHE D 88 26.60 -1.77 37.72
N GLU D 89 26.07 -3.00 37.86
CA GLU D 89 25.56 -3.49 39.15
C GLU D 89 26.66 -3.38 40.19
N ASP D 90 27.87 -3.37 39.67
CA ASP D 90 29.11 -3.29 40.41
C ASP D 90 29.29 -1.98 41.16
N GLY D 91 28.70 -0.93 40.62
CA GLY D 91 28.85 0.39 41.21
C GLY D 91 29.72 1.22 40.27
N ALA D 92 30.32 0.56 39.29
CA ALA D 92 31.18 1.24 38.32
C ALA D 92 30.35 2.11 37.39
N SER D 93 30.92 3.23 36.99
CA SER D 93 30.26 4.18 36.09
C SER D 93 31.07 4.35 34.83
N LEU D 94 30.40 4.48 33.69
CA LEU D 94 31.08 4.67 32.42
C LEU D 94 30.33 5.73 31.62
N THR D 95 30.98 6.85 31.39
CA THR D 95 30.36 7.95 30.65
C THR D 95 30.95 8.12 29.25
N GLY D 96 30.08 8.44 28.30
CA GLY D 96 30.54 8.64 26.95
C GLY D 96 30.01 9.91 26.32
N ASN D 97 30.90 10.65 25.67
CA ASN D 97 30.53 11.88 24.98
C ASN D 97 30.99 11.69 23.54
N TYR D 98 30.03 11.57 22.62
CA TYR D 98 30.40 11.39 21.21
C TYR D 98 30.05 12.58 20.33
N ARG D 99 30.92 12.83 19.36
CA ARG D 99 30.72 13.90 18.39
C ARG D 99 31.15 13.33 17.05
N TYR D 100 30.45 13.71 15.99
CA TYR D 100 30.77 13.19 14.66
C TYR D 100 31.02 14.27 13.63
N SER D 101 31.64 13.85 12.53
CA SER D 101 31.96 14.72 11.41
C SER D 101 31.54 13.95 10.17
N TYR D 102 30.93 14.62 9.20
CA TYR D 102 30.50 13.94 7.98
C TYR D 102 31.16 14.47 6.73
N ASP D 103 31.47 13.55 5.82
CA ASP D 103 32.11 13.91 4.57
C ASP D 103 31.84 12.86 3.49
N GLY D 104 30.83 13.12 2.67
CA GLY D 104 30.48 12.22 1.59
C GLY D 104 30.40 10.74 1.90
N GLY D 105 29.49 10.35 2.80
CA GLY D 105 29.35 8.95 3.13
C GLY D 105 30.36 8.41 4.13
N HIS D 106 31.30 9.25 4.56
CA HIS D 106 32.30 8.82 5.52
C HIS D 106 32.09 9.55 6.86
N ILE D 107 32.06 8.77 7.93
CA ILE D 107 31.87 9.34 9.27
C ILE D 107 33.13 9.27 10.13
N LYS D 108 33.42 10.37 10.81
CA LYS D 108 34.57 10.42 11.70
C LYS D 108 34.03 10.66 13.10
N GLY D 109 34.27 9.70 13.98
CA GLY D 109 33.80 9.81 15.35
C GLY D 109 34.90 10.14 16.34
N GLU D 110 34.57 11.02 17.29
CA GLU D 110 35.49 11.44 18.33
C GLU D 110 34.78 11.17 19.65
N PHE D 111 35.15 10.08 20.33
CA PHE D 111 34.50 9.68 21.57
C PHE D 111 35.33 9.83 22.84
N HIS D 112 34.84 10.61 23.79
CA HIS D 112 35.51 10.80 25.06
C HIS D 112 34.80 9.88 26.04
N VAL D 113 35.52 8.86 26.50
CA VAL D 113 34.96 7.89 27.42
C VAL D 113 35.71 7.76 28.75
N VAL D 114 34.98 7.92 29.84
CA VAL D 114 35.57 7.81 31.17
C VAL D 114 34.83 6.76 32.00
N GLY D 115 35.60 5.84 32.57
CA GLY D 115 35.02 4.80 33.39
C GLY D 115 35.70 4.78 34.75
N SER D 116 34.93 4.52 35.80
CA SER D 116 35.49 4.48 37.14
C SER D 116 34.74 3.56 38.09
N GLY D 117 35.38 3.24 39.20
CA GLY D 117 34.75 2.41 40.19
C GLY D 117 34.65 0.93 39.86
N PHE D 118 35.42 0.45 38.90
CA PHE D 118 35.41 -0.98 38.57
C PHE D 118 36.24 -1.71 39.62
N PRO D 119 35.63 -2.64 40.37
CA PRO D 119 36.39 -3.36 41.40
C PRO D 119 37.63 -4.03 40.83
N ALA D 120 38.74 -3.95 41.56
CA ALA D 120 39.98 -4.56 41.10
C ALA D 120 39.80 -6.07 40.83
N ASP D 121 38.94 -6.71 41.62
CA ASP D 121 38.68 -8.15 41.48
C ASP D 121 37.43 -8.41 40.68
N GLY D 122 36.89 -7.38 40.06
CA GLY D 122 35.67 -7.53 39.27
C GLY D 122 35.88 -8.08 37.88
N PRO D 123 34.79 -8.48 37.20
CA PRO D 123 34.78 -9.04 35.84
C PRO D 123 35.45 -8.16 34.79
N VAL D 124 35.34 -6.85 34.95
CA VAL D 124 35.93 -5.92 34.00
C VAL D 124 37.45 -5.81 34.10
N MET D 125 37.95 -5.57 35.31
CA MET D 125 39.39 -5.43 35.48
C MET D 125 40.17 -6.75 35.35
N THR D 126 39.50 -7.87 35.57
CA THR D 126 40.17 -9.17 35.45
C THR D 126 39.87 -9.82 34.10
N LYS D 127 39.20 -9.06 33.23
CA LYS D 127 38.84 -9.50 31.90
C LYS D 127 38.13 -10.85 31.90
N SER D 128 37.10 -10.96 32.74
CA SER D 128 36.33 -12.19 32.85
C SER D 128 35.06 -12.19 32.03
N LEU D 129 34.81 -11.10 31.30
CA LEU D 129 33.63 -11.01 30.46
C LEU D 129 33.97 -11.77 29.19
N THR D 130 33.01 -12.51 28.66
CA THR D 130 33.24 -13.30 27.45
C THR D 130 32.55 -12.76 26.20
N ALA D 131 31.53 -11.94 26.39
CA ALA D 131 30.80 -11.35 25.27
C ALA D 131 29.70 -10.39 25.74
N VAL D 132 29.07 -9.73 24.79
CA VAL D 132 27.98 -8.81 25.08
C VAL D 132 26.70 -9.53 24.66
N ASP D 133 25.74 -9.66 25.56
CA ASP D 133 24.49 -10.32 25.22
C ASP D 133 23.70 -9.47 24.25
N TRP D 134 22.94 -10.12 23.39
CA TRP D 134 22.10 -9.39 22.44
C TRP D 134 21.18 -8.53 23.29
N SER D 135 20.80 -7.37 22.78
CA SER D 135 19.95 -6.45 23.54
C SER D 135 18.88 -5.75 22.72
N VAL D 136 17.90 -5.18 23.43
CA VAL D 136 16.84 -4.43 22.80
C VAL D 136 16.73 -3.08 23.52
N ALA D 137 16.88 -2.01 22.76
CA ALA D 137 16.78 -0.67 23.34
C ALA D 137 15.39 -0.09 23.14
N THR D 138 14.91 0.67 24.13
CA THR D 138 13.61 1.32 24.03
C THR D 138 13.93 2.81 23.78
N MET D 139 13.47 3.35 22.65
CA MET D 139 13.72 4.75 22.31
C MET D 139 12.46 5.61 22.26
N LEU D 140 12.58 6.83 22.76
CA LEU D 140 11.49 7.80 22.79
C LEU D 140 12.04 9.12 22.26
N PHE D 141 11.14 9.98 21.80
CA PHE D 141 11.54 11.28 21.28
C PHE D 141 10.69 12.31 22.02
N PRO D 142 11.15 12.73 23.22
CA PRO D 142 10.45 13.71 24.07
C PRO D 142 10.16 15.07 23.41
N ASN D 143 10.99 15.45 22.43
CA ASN D 143 10.80 16.70 21.70
C ASN D 143 11.48 16.53 20.34
N ASP D 144 11.25 17.46 19.41
CA ASP D 144 11.81 17.31 18.08
C ASP D 144 13.32 17.40 17.90
N THR D 145 14.04 17.59 18.99
CA THR D 145 15.49 17.67 18.91
C THR D 145 16.18 16.68 19.87
N THR D 146 15.40 15.75 20.42
CA THR D 146 15.95 14.80 21.37
C THR D 146 15.47 13.35 21.22
N VAL D 147 16.40 12.42 21.42
CA VAL D 147 16.11 11.00 21.37
C VAL D 147 16.71 10.44 22.66
N VAL D 148 15.92 9.66 23.38
CA VAL D 148 16.37 9.04 24.62
C VAL D 148 16.26 7.53 24.40
N SER D 149 17.35 6.81 24.70
CA SER D 149 17.42 5.37 24.53
C SER D 149 17.91 4.70 25.81
N THR D 150 17.13 3.74 26.32
CA THR D 150 17.52 3.02 27.53
C THR D 150 17.67 1.53 27.21
N ILE D 151 18.69 0.90 27.78
CA ILE D 151 18.94 -0.52 27.53
C ILE D 151 19.31 -1.31 28.78
N ASP D 152 18.67 -2.47 28.96
CA ASP D 152 19.01 -3.36 30.07
C ASP D 152 20.09 -4.23 29.41
N TRP D 153 21.32 -4.08 29.90
CA TRP D 153 22.48 -4.73 29.32
C TRP D 153 23.15 -5.79 30.19
N THR D 154 23.69 -6.83 29.55
CA THR D 154 24.40 -7.89 30.27
C THR D 154 25.54 -8.46 29.43
N CYS D 155 26.58 -8.90 30.13
CA CYS D 155 27.75 -9.52 29.54
C CYS D 155 28.03 -10.79 30.34
N PRO D 156 28.09 -11.95 29.65
CA PRO D 156 28.36 -13.19 30.39
C PRO D 156 29.80 -13.19 30.90
N THR D 157 30.04 -13.87 32.02
CA THR D 157 31.40 -13.93 32.55
C THR D 157 31.90 -15.37 32.48
N THR D 158 33.17 -15.56 32.82
CA THR D 158 33.80 -16.87 32.83
C THR D 158 33.03 -17.81 33.76
N SER D 159 32.67 -17.29 34.93
CA SER D 159 31.95 -18.06 35.94
C SER D 159 30.50 -18.42 35.55
N GLY D 160 30.09 -18.05 34.35
CA GLY D 160 28.73 -18.36 33.93
C GLY D 160 27.66 -17.35 34.29
N LYS D 161 27.90 -16.57 35.35
CA LYS D 161 26.93 -15.57 35.77
C LYS D 161 27.03 -14.35 34.86
N ARG D 162 25.96 -13.60 34.72
CA ARG D 162 25.99 -12.41 33.87
C ARG D 162 26.29 -11.16 34.69
N TYR D 163 26.97 -10.23 34.05
CA TYR D 163 27.34 -8.96 34.67
C TYR D 163 26.32 -7.94 34.15
N HIS D 164 25.54 -7.34 35.05
CA HIS D 164 24.50 -6.38 34.66
C HIS D 164 24.85 -4.89 34.66
N ALA D 165 24.15 -4.15 33.80
CA ALA D 165 24.32 -2.71 33.69
C ALA D 165 23.11 -2.13 32.99
N THR D 166 22.95 -0.82 33.08
CA THR D 166 21.84 -0.15 32.40
C THR D 166 22.49 0.95 31.60
N LEU D 167 22.07 1.10 30.35
CA LEU D 167 22.58 2.16 29.50
C LEU D 167 21.51 3.20 29.29
N ARG D 168 21.90 4.47 29.38
CA ARG D 168 20.99 5.56 29.16
C ARG D 168 21.74 6.47 28.21
N THR D 169 21.18 6.66 27.02
CA THR D 169 21.82 7.51 26.04
C THR D 169 20.91 8.62 25.57
N ASN D 170 21.37 9.86 25.72
CA ASN D 170 20.61 11.03 25.30
C ASN D 170 21.25 11.60 24.05
N TYR D 171 20.47 11.72 22.97
CA TYR D 171 20.93 12.25 21.70
C TYR D 171 20.32 13.64 21.47
N THR D 172 21.18 14.63 21.25
CA THR D 172 20.72 15.99 21.01
C THR D 172 21.03 16.37 19.55
N PHE D 173 19.97 16.64 18.78
CA PHE D 173 20.11 16.99 17.36
C PHE D 173 20.20 18.49 17.09
N ALA D 174 20.94 18.83 16.04
CA ALA D 174 21.12 20.23 15.63
C ALA D 174 19.88 20.75 14.92
N LYS D 175 19.21 19.87 14.17
CA LYS D 175 18.01 20.25 13.45
C LYS D 175 16.83 19.38 13.87
N PRO D 176 15.62 19.92 13.79
CA PRO D 176 14.42 19.17 14.18
C PRO D 176 14.30 17.84 13.42
N ILE D 177 13.84 16.82 14.14
CA ILE D 177 13.65 15.49 13.58
C ILE D 177 12.34 15.49 12.79
N ALA D 178 12.36 14.89 11.61
CA ALA D 178 11.18 14.83 10.75
C ALA D 178 9.91 14.41 11.50
N ALA D 179 8.82 15.12 11.23
CA ALA D 179 7.54 14.86 11.87
C ALA D 179 7.12 13.40 11.66
N THR D 180 7.54 12.83 10.53
CA THR D 180 7.21 11.44 10.22
C THR D 180 7.72 10.51 11.30
N ILE D 181 8.99 10.69 11.66
CA ILE D 181 9.64 9.87 12.67
C ILE D 181 9.03 10.08 14.05
N LEU D 182 8.94 11.33 14.50
CA LEU D 182 8.38 11.65 15.81
C LEU D 182 6.99 11.07 16.03
N GLN D 183 6.33 10.69 14.93
CA GLN D 183 4.99 10.14 15.03
C GLN D 183 4.93 8.71 15.60
N LYS D 184 5.90 7.88 15.25
CA LYS D 184 5.91 6.50 15.75
C LYS D 184 6.80 6.29 16.97
N GLN D 185 6.17 6.15 18.14
CA GLN D 185 6.89 5.94 19.39
C GLN D 185 6.11 4.94 20.24
N PRO D 186 6.84 4.10 21.00
CA PRO D 186 8.30 4.05 21.09
C PRO D 186 8.87 3.29 19.91
N MET D 187 10.19 3.37 19.74
CA MET D 187 10.86 2.62 18.68
C MET D 187 11.85 1.72 19.41
N PHE D 188 11.88 0.44 19.05
CA PHE D 188 12.81 -0.49 19.69
C PHE D 188 13.92 -0.91 18.73
N VAL D 189 15.11 -1.14 19.25
CA VAL D 189 16.22 -1.54 18.41
C VAL D 189 16.89 -2.79 18.98
N PHE D 190 16.86 -3.86 18.19
CA PHE D 190 17.47 -5.13 18.56
C PHE D 190 18.89 -5.15 18.01
N ARG D 191 19.86 -5.47 18.88
CA ARG D 191 21.26 -5.51 18.44
C ARG D 191 21.97 -6.80 18.81
N LYS D 192 22.87 -7.22 17.91
CA LYS D 192 23.67 -8.41 18.11
C LYS D 192 25.10 -8.04 17.77
N THR D 193 26.06 -8.58 18.52
CA THR D 193 27.45 -8.28 18.26
C THR D 193 28.30 -9.55 18.25
N GLU D 194 29.39 -9.50 17.49
CA GLU D 194 30.34 -10.59 17.38
C GLU D 194 31.67 -9.91 17.61
N VAL D 195 32.42 -10.38 18.60
CA VAL D 195 33.69 -9.76 18.92
C VAL D 195 34.89 -10.70 18.95
N LYS D 196 35.96 -10.27 18.30
CA LYS D 196 37.21 -11.01 18.29
C LYS D 196 38.21 -9.98 18.77
N ALA D 197 38.90 -10.27 19.87
CA ALA D 197 39.86 -9.29 20.39
C ALA D 197 41.07 -9.84 21.11
N SER D 198 42.14 -9.04 21.07
CA SER D 198 43.39 -9.36 21.72
C SER D 198 43.62 -8.26 22.75
N ASP D 199 44.86 -8.11 23.20
CA ASP D 199 45.18 -7.09 24.19
C ASP D 199 45.21 -5.67 23.67
N ALA D 200 45.54 -5.51 22.39
CA ALA D 200 45.62 -4.19 21.80
C ALA D 200 44.76 -4.02 20.55
N GLU D 201 43.94 -5.02 20.26
CA GLU D 201 43.07 -4.95 19.08
C GLU D 201 41.70 -5.55 19.32
N ILE D 202 40.67 -4.80 18.91
CA ILE D 202 39.29 -5.25 19.06
C ILE D 202 38.61 -5.19 17.70
N ASN D 203 37.96 -6.30 17.33
CA ASN D 203 37.24 -6.38 16.06
C ASN D 203 35.78 -6.58 16.40
N LEU D 204 34.93 -5.74 15.82
CA LEU D 204 33.50 -5.83 16.08
C LEU D 204 32.61 -5.88 14.86
N LYS D 205 31.59 -6.72 14.96
CA LYS D 205 30.58 -6.85 13.92
C LYS D 205 29.29 -6.63 14.69
N GLU D 206 28.47 -5.72 14.20
CA GLU D 206 27.21 -5.41 14.86
C GLU D 206 26.05 -5.42 13.89
N TRP D 207 24.92 -5.93 14.36
CA TRP D 207 23.71 -6.00 13.57
C TRP D 207 22.64 -5.26 14.36
N GLN D 208 21.93 -4.36 13.69
CA GLN D 208 20.88 -3.58 14.36
C GLN D 208 19.60 -3.67 13.57
N LYS D 209 18.48 -3.77 14.29
CA LYS D 209 17.20 -3.85 13.62
C LYS D 209 16.15 -3.13 14.45
N ALA D 210 15.65 -2.03 13.89
CA ALA D 210 14.64 -1.23 14.56
C ALA D 210 13.26 -1.73 14.21
N PHE D 211 12.32 -1.57 15.14
CA PHE D 211 10.95 -1.98 14.90
C PHE D 211 10.02 -1.25 15.83
N HIS D 212 8.79 -1.04 15.37
CA HIS D 212 7.77 -0.34 16.14
C HIS D 212 6.73 -1.36 16.54
N ASP D 213 6.50 -2.32 15.65
CA ASP D 213 5.53 -3.39 15.86
C ASP D 213 6.21 -4.71 15.55
N LEU D 214 5.65 -5.79 16.07
CA LEU D 214 6.19 -7.13 15.83
C LEU D 214 5.06 -8.10 15.49
N LEU E 1 -34.33 7.23 -0.11
CA LEU E 1 -34.25 8.69 -0.36
C LEU E 1 -35.55 9.41 -0.02
N PRO E 2 -35.45 10.62 0.59
CA PRO E 2 -36.60 11.44 0.99
C PRO E 2 -37.35 12.04 -0.20
N THR E 3 -38.68 12.06 -0.08
CA THR E 3 -39.53 12.61 -1.13
C THR E 3 -40.49 13.65 -0.55
N THR E 4 -40.94 13.42 0.68
CA THR E 4 -41.86 14.34 1.34
C THR E 4 -41.47 14.48 2.82
N HIS E 5 -41.93 15.55 3.45
CA HIS E 5 -41.61 15.77 4.85
C HIS E 5 -42.62 16.67 5.54
N GLU E 6 -42.54 16.71 6.86
CA GLU E 6 -43.42 17.57 7.64
C GLU E 6 -42.62 18.08 8.83
N VAL E 7 -43.03 19.21 9.39
CA VAL E 7 -42.31 19.80 10.52
C VAL E 7 -43.20 20.30 11.64
N HIS E 8 -42.61 20.36 12.82
CA HIS E 8 -43.30 20.88 13.99
C HIS E 8 -42.22 21.67 14.71
N VAL E 9 -42.34 22.98 14.68
CA VAL E 9 -41.38 23.82 15.35
C VAL E 9 -42.10 24.39 16.54
N TYR E 10 -41.45 24.36 17.70
CA TYR E 10 -42.06 24.88 18.92
C TYR E 10 -40.98 25.50 19.78
N GLY E 11 -41.39 26.39 20.67
CA GLY E 11 -40.41 27.05 21.52
C GLY E 11 -40.87 28.45 21.85
N SER E 12 -39.95 29.40 21.83
CA SER E 12 -40.32 30.77 22.13
C SER E 12 -39.37 31.80 21.58
N ILE E 13 -39.86 33.03 21.47
CA ILE E 13 -39.05 34.14 20.99
C ILE E 13 -39.27 35.26 22.00
N ASN E 14 -38.18 35.71 22.62
CA ASN E 14 -38.26 36.75 23.61
C ASN E 14 -39.24 36.38 24.72
N GLY E 15 -39.24 35.09 25.07
CA GLY E 15 -40.12 34.61 26.13
C GLY E 15 -41.55 34.32 25.75
N VAL E 16 -41.90 34.61 24.51
CA VAL E 16 -43.27 34.37 24.04
C VAL E 16 -43.32 33.10 23.22
N GLU E 17 -44.06 32.10 23.70
CA GLU E 17 -44.19 30.83 23.01
C GLU E 17 -44.81 30.95 21.63
N PHE E 18 -44.45 30.02 20.76
CA PHE E 18 -44.98 29.98 19.41
C PHE E 18 -44.94 28.53 18.98
N ASP E 19 -45.75 28.18 17.99
CA ASP E 19 -45.81 26.81 17.52
C ASP E 19 -46.22 26.79 16.06
N LEU E 20 -45.40 26.10 15.25
CA LEU E 20 -45.64 25.99 13.82
C LEU E 20 -45.77 24.53 13.36
N VAL E 21 -46.66 24.29 12.41
CA VAL E 21 -46.86 22.95 11.87
C VAL E 21 -47.11 23.05 10.37
N GLY E 22 -46.61 22.06 9.62
CA GLY E 22 -46.82 22.07 8.19
C GLY E 22 -46.09 20.95 7.50
N SER E 23 -46.23 20.87 6.18
CA SER E 23 -45.58 19.82 5.41
C SER E 23 -45.16 20.29 4.03
N GLY E 24 -44.38 19.47 3.35
CA GLY E 24 -43.88 19.81 2.03
C GLY E 24 -43.22 18.65 1.34
N LYS E 25 -42.50 18.95 0.26
CA LYS E 25 -41.82 17.92 -0.51
C LYS E 25 -40.45 18.40 -0.93
N GLY E 26 -39.72 17.54 -1.64
CA GLY E 26 -38.39 17.90 -2.09
C GLY E 26 -37.84 16.90 -3.09
N ASN E 27 -36.84 17.32 -3.83
CA ASN E 27 -36.23 16.47 -4.83
C ASN E 27 -34.82 16.10 -4.42
N PRO E 28 -34.63 14.87 -3.89
CA PRO E 28 -33.31 14.42 -3.45
C PRO E 28 -32.27 14.40 -4.57
N LYS E 29 -32.74 14.60 -5.81
CA LYS E 29 -31.86 14.62 -6.97
C LYS E 29 -31.16 15.98 -7.17
N ASP E 30 -31.84 17.08 -6.85
CA ASP E 30 -31.26 18.40 -7.03
C ASP E 30 -31.21 19.28 -5.78
N GLY E 31 -31.70 18.77 -4.66
CA GLY E 31 -31.67 19.55 -3.44
C GLY E 31 -32.79 20.57 -3.28
N SER E 32 -33.69 20.64 -4.24
CA SER E 32 -34.80 21.60 -4.15
C SER E 32 -35.69 21.13 -3.01
N GLU E 33 -36.39 22.07 -2.39
CA GLU E 33 -37.22 21.74 -1.25
C GLU E 33 -38.28 22.84 -1.08
N GLU E 34 -39.48 22.46 -0.67
CA GLU E 34 -40.54 23.46 -0.46
C GLU E 34 -41.45 23.00 0.68
N ILE E 35 -42.00 23.97 1.41
CA ILE E 35 -42.86 23.63 2.53
C ILE E 35 -43.74 24.80 2.92
N GLN E 36 -44.84 24.49 3.60
CA GLN E 36 -45.78 25.49 4.08
C GLN E 36 -46.05 25.20 5.55
N VAL E 37 -45.91 26.21 6.38
CA VAL E 37 -46.15 26.02 7.80
C VAL E 37 -47.15 27.06 8.29
N LYS E 38 -47.91 26.71 9.32
CA LYS E 38 -48.91 27.62 9.86
C LYS E 38 -48.86 27.63 11.39
N SER E 39 -49.06 28.80 11.98
CA SER E 39 -49.05 28.93 13.42
C SER E 39 -50.27 28.28 14.03
N THR E 40 -50.09 27.71 15.22
CA THR E 40 -51.19 27.06 15.91
C THR E 40 -51.49 27.83 17.20
N LYS E 41 -50.88 29.00 17.35
CA LYS E 41 -51.06 29.81 18.54
C LYS E 41 -51.31 31.29 18.24
N GLY E 42 -51.92 31.55 17.09
CA GLY E 42 -52.20 32.93 16.71
C GLY E 42 -51.12 33.56 15.85
N PRO E 43 -51.26 34.85 15.52
CA PRO E 43 -50.27 35.54 14.69
C PRO E 43 -48.89 35.57 15.35
N LEU E 44 -47.85 35.45 14.53
CA LEU E 44 -46.48 35.46 15.01
C LEU E 44 -46.05 36.88 15.34
N GLY E 45 -45.49 37.07 16.53
CA GLY E 45 -45.06 38.39 16.92
C GLY E 45 -43.66 38.78 16.48
N PHE E 46 -43.10 38.02 15.54
CA PHE E 46 -41.74 38.31 15.06
C PHE E 46 -41.61 38.03 13.56
N SER E 47 -40.53 38.54 12.97
CA SER E 47 -40.30 38.35 11.54
C SER E 47 -40.25 36.89 11.14
N PRO E 48 -40.96 36.51 10.08
CA PRO E 48 -40.96 35.12 9.66
C PRO E 48 -39.63 34.68 9.03
N TYR E 49 -38.80 35.64 8.65
CA TYR E 49 -37.53 35.31 8.02
C TYR E 49 -36.53 34.62 8.94
N ILE E 50 -36.68 34.76 10.26
CA ILE E 50 -35.74 34.07 11.13
C ILE E 50 -36.17 32.61 11.26
N VAL E 51 -37.37 32.28 10.78
CA VAL E 51 -37.82 30.89 10.87
C VAL E 51 -37.38 30.09 9.65
N VAL E 52 -37.02 30.78 8.58
CA VAL E 52 -36.59 30.12 7.35
C VAL E 52 -35.62 28.96 7.55
N PRO E 53 -34.46 29.20 8.21
CA PRO E 53 -33.50 28.12 8.43
C PRO E 53 -34.11 27.01 9.32
N ASN E 54 -35.00 27.44 10.21
CA ASN E 54 -35.66 26.51 11.12
C ASN E 54 -36.84 25.80 10.48
N ILE E 55 -36.97 25.90 9.16
CA ILE E 55 -38.08 25.27 8.49
C ILE E 55 -37.63 24.55 7.22
N1 CR2 E 56 -36.54 24.90 6.56
CA1 CR2 E 56 -35.54 24.28 5.71
C1 CR2 E 56 -34.12 24.43 6.15
N2 CR2 E 56 -33.31 25.41 5.80
N3 CR2 E 56 -33.53 23.61 6.97
C2 CR2 E 56 -32.35 24.05 7.13
O2 CR2 E 56 -31.44 23.66 7.80
CA2 CR2 E 56 -32.25 25.27 6.34
CA3 CR2 E 56 -34.19 22.47 7.52
C3 CR2 E 56 -33.85 21.00 7.44
O3 CR2 E 56 -34.40 20.20 8.21
CB2 CR2 E 56 -31.07 26.10 6.25
CG2 CR2 E 56 -30.62 27.36 5.59
CD1 CR2 E 56 -29.42 27.93 5.85
CD2 CR2 E 56 -31.49 27.98 4.72
CE1 CR2 E 56 -29.07 29.12 5.27
CE2 CR2 E 56 -31.14 29.17 4.14
CZ CR2 E 56 -29.97 29.70 4.42
OH CR2 E 56 -29.71 30.80 3.85
N PHE E 57 -33.99 20.71 6.16
CA PHE E 57 -34.09 19.34 5.66
C PHE E 57 -33.02 19.04 4.63
N HIS E 58 -31.78 18.95 5.13
CA HIS E 58 -30.62 18.68 4.31
C HIS E 58 -30.59 17.27 3.72
N GLN E 59 -31.47 16.39 4.18
CA GLN E 59 -31.49 15.04 3.63
C GLN E 59 -31.85 15.06 2.14
N TYR E 60 -32.34 16.20 1.66
CA TYR E 60 -32.70 16.34 0.23
C TYR E 60 -31.46 16.76 -0.56
N LEU E 61 -30.41 17.12 0.15
CA LEU E 61 -29.18 17.59 -0.47
C LEU E 61 -28.26 16.49 -1.01
N PRO E 62 -28.04 16.46 -2.33
CA PRO E 62 -27.14 15.45 -2.87
C PRO E 62 -25.77 16.11 -3.01
N PHE E 63 -24.74 15.31 -3.23
CA PHE E 63 -23.39 15.84 -3.42
C PHE E 63 -23.03 15.60 -4.89
N PRO E 64 -21.99 16.27 -5.39
CA PRO E 64 -21.60 16.08 -6.79
C PRO E 64 -21.33 14.60 -7.13
N ASP E 65 -20.50 13.94 -6.32
CA ASP E 65 -20.13 12.55 -6.56
C ASP E 65 -20.98 11.52 -5.81
N GLY E 66 -22.11 11.94 -5.25
CA GLY E 66 -22.95 11.01 -4.52
C GLY E 66 -23.88 11.68 -3.53
N MET E 67 -24.18 11.00 -2.44
CA MET E 67 -25.08 11.56 -1.43
C MET E 67 -24.32 12.41 -0.44
N SER E 68 -25.04 13.32 0.19
CA SER E 68 -24.45 14.17 1.21
C SER E 68 -24.55 13.30 2.45
N PRO E 69 -23.75 13.58 3.47
CA PRO E 69 -23.86 12.75 4.67
C PRO E 69 -25.28 12.78 5.28
N PHE E 70 -25.96 13.90 5.10
CA PHE E 70 -27.32 14.05 5.65
C PHE E 70 -28.27 13.13 4.89
N GLN E 71 -28.12 13.11 3.57
CA GLN E 71 -28.97 12.30 2.70
C GLN E 71 -28.70 10.81 2.86
N ALA E 72 -27.44 10.46 3.07
CA ALA E 72 -27.06 9.06 3.25
C ALA E 72 -27.61 8.55 4.57
N ALA E 73 -27.58 9.40 5.59
CA ALA E 73 -28.09 9.03 6.90
C ALA E 73 -29.61 8.90 6.89
N ALA E 74 -30.25 9.57 5.93
CA ALA E 74 -31.70 9.51 5.80
C ALA E 74 -32.08 8.23 5.07
N ASP E 75 -31.39 7.98 3.96
CA ASP E 75 -31.60 6.79 3.13
C ASP E 75 -31.31 5.55 3.98
N ASP E 76 -30.32 5.70 4.85
CA ASP E 76 -29.85 4.68 5.77
C ASP E 76 -30.89 4.42 6.86
N GLY E 77 -31.49 5.50 7.37
CA GLY E 77 -32.47 5.38 8.42
C GLY E 77 -31.82 5.67 9.77
N SER E 78 -30.49 5.62 9.80
CA SER E 78 -29.74 5.87 11.03
C SER E 78 -29.91 7.31 11.51
N GLY E 79 -29.97 8.24 10.55
CA GLY E 79 -30.17 9.65 10.87
C GLY E 79 -29.10 10.43 11.61
N TYR E 80 -29.47 11.63 12.05
CA TYR E 80 -28.57 12.50 12.77
C TYR E 80 -29.39 13.49 13.58
N VAL E 81 -28.74 14.14 14.54
CA VAL E 81 -29.41 15.14 15.35
C VAL E 81 -28.73 16.46 15.00
N VAL E 82 -29.44 17.58 15.14
CA VAL E 82 -28.87 18.87 14.80
C VAL E 82 -28.88 19.89 15.94
N HIS E 83 -27.74 20.54 16.15
CA HIS E 83 -27.65 21.56 17.18
C HIS E 83 -27.22 22.84 16.46
N ARG E 84 -28.15 23.79 16.32
CA ARG E 84 -27.85 25.04 15.63
C ARG E 84 -27.85 26.26 16.52
N THR E 85 -26.86 27.12 16.31
CA THR E 85 -26.74 28.35 17.06
C THR E 85 -26.63 29.52 16.06
N ILE E 86 -27.50 30.51 16.23
CA ILE E 86 -27.49 31.70 15.38
C ILE E 86 -27.27 32.90 16.29
N GLN E 87 -26.28 33.71 15.97
CA GLN E 87 -26.03 34.90 16.78
C GLN E 87 -26.17 36.10 15.87
N PHE E 88 -27.07 37.02 16.23
CA PHE E 88 -27.31 38.22 15.42
C PHE E 88 -26.47 39.39 15.89
N GLU E 89 -26.11 40.28 14.96
CA GLU E 89 -25.27 41.44 15.26
C GLU E 89 -25.91 42.24 16.38
N ASP E 90 -27.22 42.02 16.50
CA ASP E 90 -28.09 42.66 17.46
C ASP E 90 -27.81 42.26 18.90
N GLY E 91 -27.33 41.04 19.07
CA GLY E 91 -27.06 40.55 20.41
C GLY E 91 -28.04 39.43 20.66
N ALA E 92 -29.03 39.30 19.78
CA ALA E 92 -30.05 38.27 19.91
C ALA E 92 -29.47 36.89 19.63
N SER E 93 -30.00 35.89 20.32
CA SER E 93 -29.54 34.52 20.13
C SER E 93 -30.70 33.64 19.74
N LEU E 94 -30.44 32.71 18.83
CA LEU E 94 -31.48 31.78 18.38
C LEU E 94 -30.91 30.37 18.32
N THR E 95 -31.40 29.49 19.19
CA THR E 95 -30.93 28.11 19.25
C THR E 95 -31.92 27.13 18.68
N GLY E 96 -31.40 26.14 17.98
CA GLY E 96 -32.27 25.12 17.41
C GLY E 96 -31.80 23.71 17.69
N ASN E 97 -32.74 22.84 18.06
CA ASN E 97 -32.44 21.44 18.34
C ASN E 97 -33.38 20.64 17.45
N TYR E 98 -32.85 19.98 16.42
CA TYR E 98 -33.71 19.20 15.52
C TYR E 98 -33.50 17.71 15.65
N ARG E 99 -34.58 16.96 15.46
CA ARG E 99 -34.59 15.51 15.50
C ARG E 99 -35.53 15.08 14.42
N TYR E 100 -35.20 13.98 13.74
CA TYR E 100 -36.03 13.50 12.65
C TYR E 100 -36.44 12.06 12.81
N SER E 101 -37.46 11.69 12.04
CA SER E 101 -38.02 10.34 12.02
C SER E 101 -38.16 9.99 10.54
N TYR E 102 -37.84 8.75 10.17
CA TYR E 102 -37.95 8.35 8.76
C TYR E 102 -38.91 7.20 8.53
N ASP E 103 -39.64 7.29 7.43
CA ASP E 103 -40.62 6.27 7.09
C ASP E 103 -40.90 6.26 5.59
N GLY E 104 -40.21 5.37 4.89
CA GLY E 104 -40.37 5.23 3.45
C GLY E 104 -40.42 6.50 2.62
N GLY E 105 -39.33 7.26 2.64
CA GLY E 105 -39.29 8.48 1.84
C GLY E 105 -39.99 9.68 2.47
N HIS E 106 -40.56 9.49 3.65
CA HIS E 106 -41.23 10.60 4.32
C HIS E 106 -40.49 10.96 5.60
N ILE E 107 -40.18 12.25 5.75
CA ILE E 107 -39.47 12.71 6.93
C ILE E 107 -40.36 13.51 7.88
N LYS E 108 -40.22 13.24 9.17
CA LYS E 108 -40.97 13.97 10.18
C LYS E 108 -39.96 14.69 11.05
N GLY E 109 -40.01 16.02 11.04
CA GLY E 109 -39.08 16.79 11.84
C GLY E 109 -39.71 17.38 13.09
N GLU E 110 -38.95 17.35 14.17
CA GLU E 110 -39.41 17.89 15.45
C GLU E 110 -38.32 18.90 15.88
N PHE E 111 -38.60 20.18 15.71
CA PHE E 111 -37.63 21.24 16.02
C PHE E 111 -37.94 22.10 17.24
N HIS E 112 -37.02 22.12 18.20
CA HIS E 112 -37.19 22.94 19.39
C HIS E 112 -36.33 24.20 19.15
N VAL E 113 -36.99 25.34 18.98
CA VAL E 113 -36.30 26.59 18.72
C VAL E 113 -36.55 27.69 19.75
N VAL E 114 -35.48 28.22 20.33
CA VAL E 114 -35.60 29.28 21.31
C VAL E 114 -34.80 30.50 20.89
N GLY E 115 -35.45 31.66 20.90
CA GLY E 115 -34.80 32.89 20.53
C GLY E 115 -34.94 33.93 21.62
N SER E 116 -33.91 34.73 21.84
CA SER E 116 -33.99 35.75 22.87
C SER E 116 -33.12 36.94 22.58
N GLY E 117 -33.35 38.00 23.32
CA GLY E 117 -32.56 39.19 23.16
C GLY E 117 -32.80 40.04 21.92
N PHE E 118 -33.90 39.81 21.21
CA PHE E 118 -34.20 40.63 20.03
C PHE E 118 -34.73 41.97 20.52
N PRO E 119 -34.06 43.07 20.17
CA PRO E 119 -34.51 44.41 20.61
C PRO E 119 -35.96 44.67 20.20
N ALA E 120 -36.73 45.26 21.11
CA ALA E 120 -38.12 45.57 20.83
C ALA E 120 -38.27 46.43 19.58
N ASP E 121 -37.30 47.32 19.36
CA ASP E 121 -37.31 48.22 18.21
C ASP E 121 -36.46 47.68 17.06
N GLY E 122 -36.03 46.43 17.18
CA GLY E 122 -35.19 45.83 16.15
C GLY E 122 -35.96 45.30 14.96
N PRO E 123 -35.25 44.98 13.85
CA PRO E 123 -35.81 44.47 12.61
C PRO E 123 -36.66 43.21 12.75
N VAL E 124 -36.30 42.36 13.70
CA VAL E 124 -37.03 41.11 13.92
C VAL E 124 -38.37 41.30 14.60
N MET E 125 -38.39 42.06 15.69
CA MET E 125 -39.64 42.26 16.42
C MET E 125 -40.60 43.22 15.72
N THR E 126 -40.08 44.10 14.86
CA THR E 126 -40.93 45.05 14.13
C THR E 126 -41.22 44.54 12.73
N LYS E 127 -40.80 43.31 12.44
CA LYS E 127 -40.99 42.66 11.14
C LYS E 127 -40.52 43.53 9.97
N SER E 128 -39.30 44.04 10.08
CA SER E 128 -38.71 44.88 9.05
C SER E 128 -37.82 44.12 8.07
N LEU E 129 -37.66 42.83 8.29
CA LEU E 129 -36.84 42.02 7.38
C LEU E 129 -37.71 41.74 6.17
N THR E 130 -37.12 41.78 4.98
CA THR E 130 -37.87 41.56 3.76
C THR E 130 -37.58 40.24 3.05
N ALA E 131 -36.45 39.63 3.40
CA ALA E 131 -36.05 38.35 2.80
C ALA E 131 -34.76 37.83 3.39
N VAL E 132 -34.40 36.61 3.00
CA VAL E 132 -33.15 36.02 3.43
C VAL E 132 -32.21 36.07 2.22
N ASP E 133 -31.04 36.66 2.37
CA ASP E 133 -30.09 36.71 1.27
C ASP E 133 -29.55 35.31 0.95
N TRP E 134 -29.25 35.08 -0.32
CA TRP E 134 -28.69 33.81 -0.74
C TRP E 134 -27.41 33.65 0.08
N SER E 135 -27.06 32.41 0.40
CA SER E 135 -25.89 32.17 1.23
C SER E 135 -25.07 30.96 0.81
N VAL E 136 -23.84 30.91 1.30
CA VAL E 136 -22.94 29.79 1.04
C VAL E 136 -22.41 29.28 2.38
N ALA E 137 -22.65 28.00 2.69
CA ALA E 137 -22.17 27.44 3.93
C ALA E 137 -20.85 26.70 3.71
N THR E 138 -19.96 26.74 4.69
CA THR E 138 -18.68 26.03 4.62
C THR E 138 -18.82 24.85 5.58
N MET E 139 -18.71 23.63 5.06
CA MET E 139 -18.85 22.42 5.88
C MET E 139 -17.58 21.59 5.99
N LEU E 140 -17.32 21.10 7.19
CA LEU E 140 -16.15 20.27 7.48
C LEU E 140 -16.64 19.03 8.22
N PHE E 141 -15.83 17.97 8.19
CA PHE E 141 -16.19 16.74 8.89
C PHE E 141 -15.01 16.40 9.78
N PRO E 142 -14.97 16.98 10.99
CA PRO E 142 -13.88 16.75 11.98
C PRO E 142 -13.63 15.29 12.36
N ASN E 143 -14.67 14.46 12.29
CA ASN E 143 -14.56 13.04 12.59
C ASN E 143 -15.68 12.33 11.82
N ASP E 144 -15.65 11.00 11.77
CA ASP E 144 -16.66 10.26 11.01
C ASP E 144 -18.10 10.29 11.51
N THR E 145 -18.35 11.00 12.60
CA THR E 145 -19.72 11.09 13.11
C THR E 145 -20.17 12.54 13.29
N THR E 146 -19.41 13.47 12.73
CA THR E 146 -19.72 14.89 12.88
C THR E 146 -19.56 15.75 11.63
N VAL E 147 -20.51 16.67 11.45
CA VAL E 147 -20.49 17.62 10.36
C VAL E 147 -20.68 18.99 11.02
N VAL E 148 -19.81 19.94 10.69
CA VAL E 148 -19.89 21.28 11.21
C VAL E 148 -20.11 22.19 10.00
N SER E 149 -21.10 23.08 10.09
CA SER E 149 -21.43 24.00 9.01
C SER E 149 -21.56 25.43 9.56
N THR E 150 -20.80 26.36 8.98
CA THR E 150 -20.85 27.76 9.40
C THR E 150 -21.31 28.61 8.23
N ILE E 151 -22.16 29.60 8.53
CA ILE E 151 -22.68 30.49 7.49
C ILE E 151 -22.71 31.96 7.89
N ASP E 152 -22.26 32.83 6.98
CA ASP E 152 -22.31 34.28 7.21
C ASP E 152 -23.67 34.62 6.59
N TRP E 153 -24.61 35.02 7.44
CA TRP E 153 -25.98 35.25 7.03
C TRP E 153 -26.48 36.70 7.09
N THR E 154 -27.31 37.07 6.13
CA THR E 154 -27.89 38.42 6.13
C THR E 154 -29.31 38.42 5.59
N CYS E 155 -30.11 39.33 6.14
CA CYS E 155 -31.52 39.54 5.76
C CYS E 155 -31.68 41.03 5.49
N PRO E 156 -32.13 41.41 4.29
CA PRO E 156 -32.30 42.83 4.00
C PRO E 156 -33.47 43.37 4.84
N THR E 157 -33.43 44.67 5.16
CA THR E 157 -34.50 45.27 5.93
C THR E 157 -35.20 46.34 5.10
N THR E 158 -36.30 46.86 5.64
CA THR E 158 -37.08 47.90 4.98
C THR E 158 -36.20 49.10 4.69
N SER E 159 -35.37 49.46 5.66
CA SER E 159 -34.47 50.60 5.54
C SER E 159 -33.32 50.41 4.56
N GLY E 160 -33.28 49.27 3.88
CA GLY E 160 -32.22 49.01 2.91
C GLY E 160 -30.95 48.39 3.48
N LYS E 161 -30.69 48.58 4.77
CA LYS E 161 -29.50 48.02 5.39
C LYS E 161 -29.73 46.54 5.67
N ARG E 162 -28.66 45.77 5.71
CA ARG E 162 -28.81 44.34 5.98
C ARG E 162 -28.64 44.06 7.46
N TYR E 163 -29.33 43.02 7.91
CA TYR E 163 -29.28 42.60 9.31
C TYR E 163 -28.37 41.37 9.31
N HIS E 164 -27.25 41.44 10.02
CA HIS E 164 -26.27 40.35 10.06
C HIS E 164 -26.38 39.32 11.18
N ALA E 165 -25.91 38.11 10.87
CA ALA E 165 -25.90 37.01 11.84
C ALA E 165 -24.90 35.96 11.36
N THR E 166 -24.55 35.04 12.24
CA THR E 166 -23.66 33.95 11.90
C THR E 166 -24.37 32.70 12.38
N LEU E 167 -24.38 31.69 11.54
CA LEU E 167 -24.99 30.41 11.86
C LEU E 167 -23.93 29.36 12.06
N ARG E 168 -24.05 28.59 13.13
CA ARG E 168 -23.12 27.53 13.40
C ARG E 168 -23.99 26.32 13.66
N THR E 169 -23.86 25.31 12.83
CA THR E 169 -24.67 24.11 13.00
C THR E 169 -23.80 22.87 13.14
N ASN E 170 -24.00 22.15 14.24
CA ASN E 170 -23.26 20.91 14.49
C ASN E 170 -24.19 19.73 14.30
N TYR E 171 -23.82 18.83 13.40
CA TYR E 171 -24.61 17.63 13.11
C TYR E 171 -23.93 16.39 13.71
N THR E 172 -24.66 15.63 14.52
CA THR E 172 -24.12 14.43 15.13
C THR E 172 -24.82 13.19 14.57
N PHE E 173 -24.08 12.35 13.88
CA PHE E 173 -24.64 11.15 13.27
C PHE E 173 -24.61 9.90 14.12
N ALA E 174 -25.60 9.03 13.93
CA ALA E 174 -25.71 7.79 14.67
C ALA E 174 -24.73 6.74 14.13
N LYS E 175 -24.50 6.77 12.82
CA LYS E 175 -23.56 5.85 12.19
C LYS E 175 -22.46 6.60 11.47
N PRO E 176 -21.27 5.99 11.37
CA PRO E 176 -20.14 6.63 10.69
C PRO E 176 -20.48 7.04 9.27
N ILE E 177 -19.99 8.21 8.88
CA ILE E 177 -20.20 8.76 7.54
C ILE E 177 -19.25 8.02 6.58
N ALA E 178 -19.76 7.69 5.39
CA ALA E 178 -18.97 6.98 4.38
C ALA E 178 -17.59 7.59 4.15
N ALA E 179 -16.57 6.75 4.10
CA ALA E 179 -15.20 7.19 3.87
C ALA E 179 -15.11 8.04 2.61
N THR E 180 -15.96 7.75 1.63
CA THR E 180 -15.95 8.50 0.37
C THR E 180 -16.21 9.97 0.62
N ILE E 181 -17.25 10.25 1.41
CA ILE E 181 -17.62 11.62 1.74
C ILE E 181 -16.54 12.34 2.55
N LEU E 182 -16.13 11.72 3.65
CA LEU E 182 -15.11 12.32 4.53
C LEU E 182 -13.84 12.70 3.79
N GLN E 183 -13.65 12.13 2.60
CA GLN E 183 -12.46 12.39 1.81
C GLN E 183 -12.41 13.78 1.21
N LYS E 184 -13.56 14.28 0.76
CA LYS E 184 -13.62 15.61 0.14
C LYS E 184 -14.06 16.73 1.10
N GLN E 185 -13.09 17.54 1.53
CA GLN E 185 -13.35 18.66 2.44
C GLN E 185 -12.48 19.84 2.03
N PRO E 186 -13.01 21.08 2.20
CA PRO E 186 -14.35 21.35 2.74
C PRO E 186 -15.39 21.19 1.64
N MET E 187 -16.66 21.17 2.04
CA MET E 187 -17.77 21.09 1.10
C MET E 187 -18.58 22.36 1.31
N PHE E 188 -18.95 23.02 0.22
CA PHE E 188 -19.70 24.26 0.32
C PHE E 188 -21.13 24.07 -0.19
N VAL E 189 -22.08 24.76 0.42
CA VAL E 189 -23.47 24.63 -0.01
C VAL E 189 -24.08 26.00 -0.27
N PHE E 190 -24.47 26.22 -1.51
CA PHE E 190 -25.09 27.48 -1.93
C PHE E 190 -26.60 27.32 -1.81
N ARG E 191 -27.25 28.27 -1.15
CA ARG E 191 -28.70 28.20 -0.95
C ARG E 191 -29.44 29.48 -1.34
N LYS E 192 -30.62 29.29 -1.91
CA LYS E 192 -31.48 30.40 -2.31
C LYS E 192 -32.87 30.08 -1.75
N THR E 193 -33.59 31.10 -1.32
CA THR E 193 -34.93 30.90 -0.80
C THR E 193 -35.91 31.91 -1.37
N GLU E 194 -37.17 31.51 -1.45
CA GLU E 194 -38.25 32.37 -1.91
C GLU E 194 -39.31 32.21 -0.84
N VAL E 195 -39.72 33.32 -0.25
CA VAL E 195 -40.70 33.28 0.82
C VAL E 195 -41.94 34.15 0.62
N LYS E 196 -43.08 33.54 0.86
CA LYS E 196 -44.37 34.22 0.78
C LYS E 196 -44.99 33.95 2.13
N ALA E 197 -45.28 34.99 2.89
CA ALA E 197 -45.84 34.78 4.22
C ALA E 197 -46.82 35.83 4.72
N SER E 198 -47.69 35.38 5.63
CA SER E 198 -48.68 36.23 6.27
C SER E 198 -48.37 36.15 7.76
N ASP E 199 -49.33 36.53 8.58
CA ASP E 199 -49.14 36.53 10.04
C ASP E 199 -49.14 35.14 10.67
N ALA E 200 -49.87 34.22 10.07
CA ALA E 200 -49.95 32.87 10.62
C ALA E 200 -49.56 31.80 9.62
N GLU E 201 -49.04 32.20 8.46
CA GLU E 201 -48.63 31.22 7.45
C GLU E 201 -47.35 31.62 6.73
N ILE E 202 -46.44 30.66 6.59
CA ILE E 202 -45.18 30.89 5.91
C ILE E 202 -45.00 29.83 4.84
N ASN E 203 -44.71 30.28 3.62
CA ASN E 203 -44.49 29.38 2.50
C ASN E 203 -43.03 29.56 2.06
N LEU E 204 -42.31 28.44 1.97
CA LEU E 204 -40.92 28.49 1.59
C LEU E 204 -40.53 27.57 0.45
N LYS E 205 -39.66 28.09 -0.41
CA LYS E 205 -39.11 27.35 -1.53
C LYS E 205 -37.62 27.54 -1.35
N GLU E 206 -36.88 26.44 -1.28
CA GLU E 206 -35.44 26.50 -1.09
C GLU E 206 -34.70 25.68 -2.15
N TRP E 207 -33.57 26.20 -2.59
CA TRP E 207 -32.72 25.55 -3.57
C TRP E 207 -31.36 25.40 -2.94
N GLN E 208 -30.80 24.20 -2.98
CA GLN E 208 -29.49 23.96 -2.39
C GLN E 208 -28.58 23.32 -3.42
N LYS E 209 -27.31 23.72 -3.42
CA LYS E 209 -26.36 23.14 -4.35
C LYS E 209 -25.00 23.05 -3.69
N ALA E 210 -24.55 21.80 -3.49
CA ALA E 210 -23.27 21.56 -2.86
C ALA E 210 -22.17 21.51 -3.91
N PHE E 211 -20.97 21.89 -3.52
CA PHE E 211 -19.84 21.84 -4.42
C PHE E 211 -18.54 21.81 -3.64
N HIS E 212 -17.53 21.19 -4.25
CA HIS E 212 -16.21 21.07 -3.64
C HIS E 212 -15.24 21.95 -4.41
N ASP E 213 -15.48 22.04 -5.71
CA ASP E 213 -14.62 22.82 -6.59
C ASP E 213 -15.49 23.66 -7.52
N LEU E 214 -14.94 24.77 -8.01
CA LEU E 214 -15.65 25.63 -8.94
C LEU E 214 -14.70 26.06 -10.06
N LEU F 1 5.31 -46.70 3.71
CA LEU F 1 5.51 -46.33 2.27
C LEU F 1 4.36 -46.83 1.40
N PRO F 2 3.94 -46.00 0.43
CA PRO F 2 2.85 -46.33 -0.50
C PRO F 2 3.19 -47.43 -1.50
N THR F 3 2.23 -48.31 -1.76
CA THR F 3 2.42 -49.39 -2.70
C THR F 3 1.31 -49.39 -3.76
N THR F 4 0.10 -49.06 -3.34
CA THR F 4 -1.03 -49.01 -4.25
C THR F 4 -1.88 -47.78 -3.95
N HIS F 5 -2.69 -47.37 -4.91
CA HIS F 5 -3.56 -46.21 -4.71
C HIS F 5 -4.77 -46.21 -5.63
N GLU F 6 -5.72 -45.35 -5.32
CA GLU F 6 -6.93 -45.22 -6.14
C GLU F 6 -7.32 -43.74 -6.19
N VAL F 7 -8.04 -43.34 -7.22
CA VAL F 7 -8.44 -41.94 -7.36
C VAL F 7 -9.88 -41.76 -7.74
N HIS F 8 -10.39 -40.58 -7.40
CA HIS F 8 -11.73 -40.19 -7.74
C HIS F 8 -11.60 -38.71 -8.10
N VAL F 9 -11.71 -38.40 -9.38
CA VAL F 9 -11.61 -37.02 -9.82
C VAL F 9 -13.02 -36.62 -10.23
N TYR F 10 -13.46 -35.47 -9.78
CA TYR F 10 -14.79 -35.00 -10.11
C TYR F 10 -14.73 -33.49 -10.27
N GLY F 11 -15.69 -32.94 -11.00
CA GLY F 11 -15.74 -31.52 -11.21
C GLY F 11 -16.36 -31.20 -12.54
N SER F 12 -15.77 -30.27 -13.28
CA SER F 12 -16.31 -29.90 -14.57
C SER F 12 -15.30 -29.25 -15.48
N ILE F 13 -15.60 -29.26 -16.77
CA ILE F 13 -14.76 -28.64 -17.78
C ILE F 13 -15.70 -27.85 -18.67
N ASN F 14 -15.51 -26.54 -18.71
CA ASN F 14 -16.34 -25.67 -19.49
C ASN F 14 -17.78 -25.82 -19.07
N GLY F 15 -17.99 -25.98 -17.77
CA GLY F 15 -19.33 -26.10 -17.22
C GLY F 15 -19.98 -27.46 -17.34
N VAL F 16 -19.30 -28.39 -17.98
CA VAL F 16 -19.85 -29.74 -18.15
C VAL F 16 -19.21 -30.72 -17.16
N GLU F 17 -20.02 -31.23 -16.24
CA GLU F 17 -19.54 -32.15 -15.22
C GLU F 17 -18.93 -33.41 -15.78
N PHE F 18 -17.97 -33.95 -15.04
CA PHE F 18 -17.32 -35.19 -15.43
C PHE F 18 -16.90 -35.89 -14.14
N ASP F 19 -16.70 -37.20 -14.22
CA ASP F 19 -16.32 -37.97 -13.05
C ASP F 19 -15.48 -39.17 -13.44
N LEU F 20 -14.31 -39.29 -12.84
CA LEU F 20 -13.40 -40.40 -13.12
C LEU F 20 -13.09 -41.21 -11.86
N VAL F 21 -12.93 -42.52 -12.05
CA VAL F 21 -12.61 -43.42 -10.94
C VAL F 21 -11.64 -44.47 -11.45
N GLY F 22 -10.73 -44.91 -10.59
CA GLY F 22 -9.77 -45.91 -10.99
C GLY F 22 -8.73 -46.18 -9.92
N SER F 23 -7.81 -47.10 -10.22
CA SER F 23 -6.77 -47.45 -9.27
C SER F 23 -5.47 -47.82 -9.97
N GLY F 24 -4.42 -47.98 -9.17
CA GLY F 24 -3.13 -48.33 -9.72
C GLY F 24 -2.11 -48.64 -8.64
N LYS F 25 -0.86 -48.69 -9.03
CA LYS F 25 0.21 -48.99 -8.09
C LYS F 25 1.43 -48.13 -8.36
N GLY F 26 2.46 -48.30 -7.54
CA GLY F 26 3.67 -47.53 -7.72
C GLY F 26 4.82 -48.07 -6.91
N ASN F 27 6.03 -47.68 -7.29
CA ASN F 27 7.22 -48.11 -6.59
C ASN F 27 7.85 -46.94 -5.83
N PRO F 28 7.63 -46.87 -4.51
CA PRO F 28 8.20 -45.78 -3.70
C PRO F 28 9.74 -45.74 -3.74
N LYS F 29 10.34 -46.76 -4.35
CA LYS F 29 11.79 -46.85 -4.46
C LYS F 29 12.34 -46.06 -5.63
N ASP F 30 11.59 -46.01 -6.74
CA ASP F 30 12.06 -45.28 -7.92
C ASP F 30 11.13 -44.20 -8.46
N GLY F 31 9.98 -44.01 -7.81
CA GLY F 31 9.05 -42.98 -8.25
C GLY F 31 8.15 -43.36 -9.42
N SER F 32 8.26 -44.61 -9.89
CA SER F 32 7.42 -45.05 -10.99
C SER F 32 5.99 -45.14 -10.46
N GLU F 33 5.03 -44.96 -11.35
CA GLU F 33 3.64 -44.96 -10.94
C GLU F 33 2.77 -45.27 -12.16
N GLU F 34 1.68 -46.01 -11.95
CA GLU F 34 0.79 -46.32 -13.06
C GLU F 34 -0.65 -46.41 -12.55
N ILE F 35 -1.60 -46.06 -13.41
CA ILE F 35 -2.99 -46.09 -13.01
C ILE F 35 -3.93 -46.12 -14.21
N GLN F 36 -5.14 -46.59 -13.97
CA GLN F 36 -6.16 -46.65 -15.00
C GLN F 36 -7.43 -46.03 -14.43
N VAL F 37 -8.02 -45.11 -15.16
CA VAL F 37 -9.22 -44.46 -14.70
C VAL F 37 -10.29 -44.57 -15.79
N LYS F 38 -11.55 -44.57 -15.37
CA LYS F 38 -12.66 -44.67 -16.30
C LYS F 38 -13.77 -43.69 -15.92
N SER F 39 -14.42 -43.13 -16.94
CA SER F 39 -15.48 -42.18 -16.71
C SER F 39 -16.71 -42.87 -16.20
N THR F 40 -17.46 -42.19 -15.33
CA THR F 40 -18.69 -42.75 -14.78
C THR F 40 -19.87 -41.93 -15.26
N LYS F 41 -19.62 -41.01 -16.21
CA LYS F 41 -20.67 -40.15 -16.75
C LYS F 41 -20.68 -40.07 -18.26
N GLY F 42 -20.23 -41.14 -18.92
CA GLY F 42 -20.22 -41.15 -20.37
C GLY F 42 -18.89 -40.71 -20.94
N PRO F 43 -18.77 -40.62 -22.28
CA PRO F 43 -17.53 -40.21 -22.92
C PRO F 43 -17.11 -38.80 -22.50
N LEU F 44 -15.80 -38.59 -22.40
CA LEU F 44 -15.24 -37.29 -22.01
C LEU F 44 -15.26 -36.33 -23.19
N GLY F 45 -15.82 -35.15 -22.97
CA GLY F 45 -15.89 -34.17 -24.04
C GLY F 45 -14.64 -33.31 -24.22
N PHE F 46 -13.53 -33.73 -23.62
CA PHE F 46 -12.29 -32.98 -23.72
C PHE F 46 -11.05 -33.88 -23.79
N SER F 47 -9.92 -33.30 -24.18
CA SER F 47 -8.70 -34.07 -24.30
C SER F 47 -8.29 -34.74 -22.99
N PRO F 48 -7.97 -36.03 -23.04
CA PRO F 48 -7.57 -36.73 -21.81
C PRO F 48 -6.21 -36.29 -21.27
N TYR F 49 -5.42 -35.63 -22.11
CA TYR F 49 -4.10 -35.22 -21.68
C TYR F 49 -4.08 -34.13 -20.59
N ILE F 50 -5.16 -33.38 -20.45
CA ILE F 50 -5.17 -32.39 -19.38
C ILE F 50 -5.50 -33.06 -18.05
N VAL F 51 -5.93 -34.32 -18.09
CA VAL F 51 -6.23 -35.03 -16.85
C VAL F 51 -4.99 -35.71 -16.30
N VAL F 52 -3.97 -35.87 -17.15
CA VAL F 52 -2.76 -36.54 -16.72
C VAL F 52 -2.22 -36.11 -15.36
N PRO F 53 -1.95 -34.79 -15.19
CA PRO F 53 -1.43 -34.30 -13.92
C PRO F 53 -2.43 -34.52 -12.81
N ASN F 54 -3.71 -34.50 -13.18
CA ASN F 54 -4.78 -34.68 -12.22
C ASN F 54 -5.06 -36.16 -11.93
N ILE F 55 -4.16 -37.02 -12.39
CA ILE F 55 -4.36 -38.45 -12.15
C ILE F 55 -3.08 -39.14 -11.68
N1 CR2 F 56 -1.88 -38.65 -11.98
CA1 CR2 F 56 -0.57 -38.63 -11.38
C1 CR2 F 56 0.05 -37.29 -11.11
N2 CR2 F 56 0.80 -36.62 -11.95
N3 CR2 F 56 -0.14 -36.63 -10.00
C2 CR2 F 56 0.49 -35.54 -10.13
O2 CR2 F 56 0.63 -34.61 -9.39
CA2 CR2 F 56 1.11 -35.58 -11.46
CA3 CR2 F 56 -0.93 -37.12 -8.92
C3 CR2 F 56 -0.61 -37.38 -7.47
O3 CR2 F 56 -1.51 -37.53 -6.64
CB2 CR2 F 56 1.92 -34.52 -12.03
CG2 CR2 F 56 2.65 -34.22 -13.27
CD1 CR2 F 56 3.25 -33.01 -13.50
CD2 CR2 F 56 2.67 -35.19 -14.27
CE1 CR2 F 56 3.87 -32.75 -14.70
CE2 CR2 F 56 3.29 -34.93 -15.47
CZ CR2 F 56 3.86 -33.73 -15.65
OH CR2 F 56 4.39 -33.56 -16.77
N PHE F 57 0.28 -38.36 -7.53
CA PHE F 57 0.65 -39.18 -6.37
C PHE F 57 2.14 -39.11 -6.11
N HIS F 58 2.57 -37.94 -5.63
CA HIS F 58 3.99 -37.71 -5.34
C HIS F 58 4.52 -38.49 -4.15
N GLN F 59 3.63 -39.14 -3.39
CA GLN F 59 4.08 -39.90 -2.24
C GLN F 59 4.95 -41.07 -2.67
N TYR F 60 4.96 -41.37 -3.98
CA TYR F 60 5.77 -42.45 -4.54
C TYR F 60 7.16 -41.93 -4.89
N LEU F 61 7.31 -40.61 -4.82
CA LEU F 61 8.57 -39.97 -5.17
C LEU F 61 9.63 -39.98 -4.06
N PRO F 62 10.77 -40.65 -4.31
CA PRO F 62 11.81 -40.65 -3.28
C PRO F 62 12.80 -39.55 -3.66
N PHE F 63 13.66 -39.18 -2.72
CA PHE F 63 14.69 -38.17 -2.99
C PHE F 63 16.03 -38.89 -3.04
N PRO F 64 17.06 -38.25 -3.59
CA PRO F 64 18.37 -38.91 -3.65
C PRO F 64 18.88 -39.38 -2.29
N ASP F 65 18.85 -38.49 -1.31
CA ASP F 65 19.34 -38.81 0.03
C ASP F 65 18.27 -39.27 1.00
N GLY F 66 17.08 -39.61 0.50
CA GLY F 66 16.02 -40.05 1.39
C GLY F 66 14.64 -39.89 0.81
N MET F 67 13.65 -39.65 1.65
CA MET F 67 12.28 -39.50 1.18
C MET F 67 11.99 -38.06 0.76
N SER F 68 11.02 -37.91 -0.12
CA SER F 68 10.60 -36.58 -0.56
C SER F 68 9.64 -36.16 0.54
N PRO F 69 9.39 -34.87 0.68
CA PRO F 69 8.45 -34.46 1.74
C PRO F 69 7.08 -35.11 1.57
N PHE F 70 6.69 -35.34 0.32
CA PHE F 70 5.39 -35.94 0.03
C PHE F 70 5.36 -37.38 0.54
N GLN F 71 6.43 -38.11 0.25
CA GLN F 71 6.56 -39.50 0.64
C GLN F 71 6.68 -39.66 2.16
N ALA F 72 7.39 -38.74 2.80
CA ALA F 72 7.57 -38.79 4.26
C ALA F 72 6.23 -38.53 4.95
N ALA F 73 5.46 -37.62 4.39
CA ALA F 73 4.14 -37.28 4.95
C ALA F 73 3.16 -38.43 4.75
N ALA F 74 3.43 -39.27 3.76
CA ALA F 74 2.57 -40.41 3.47
C ALA F 74 2.93 -41.55 4.43
N ASP F 75 4.22 -41.80 4.57
CA ASP F 75 4.75 -42.85 5.45
C ASP F 75 4.37 -42.50 6.88
N ASP F 76 4.35 -41.20 7.14
CA ASP F 76 4.02 -40.60 8.42
C ASP F 76 2.53 -40.74 8.73
N GLY F 77 1.71 -40.56 7.71
CA GLY F 77 0.26 -40.64 7.87
C GLY F 77 -0.31 -39.25 8.06
N SER F 78 0.54 -38.28 8.39
CA SER F 78 0.10 -36.90 8.59
C SER F 78 -0.42 -36.27 7.30
N GLY F 79 0.22 -36.60 6.19
CA GLY F 79 -0.22 -36.12 4.90
C GLY F 79 -0.11 -34.64 4.56
N TYR F 80 -0.74 -34.29 3.44
CA TYR F 80 -0.72 -32.91 2.97
C TYR F 80 -1.88 -32.70 2.03
N VAL F 81 -2.23 -31.44 1.80
CA VAL F 81 -3.31 -31.10 0.88
C VAL F 81 -2.64 -30.43 -0.32
N VAL F 82 -3.29 -30.49 -1.47
CA VAL F 82 -2.70 -29.89 -2.68
C VAL F 82 -3.61 -28.89 -3.38
N HIS F 83 -3.06 -27.72 -3.72
CA HIS F 83 -3.81 -26.71 -4.42
C HIS F 83 -3.05 -26.44 -5.71
N ARG F 84 -3.59 -26.91 -6.84
CA ARG F 84 -2.91 -26.73 -8.13
C ARG F 84 -3.64 -25.80 -9.09
N THR F 85 -2.87 -24.95 -9.74
CA THR F 85 -3.40 -24.00 -10.70
C THR F 85 -2.64 -24.18 -12.02
N ILE F 86 -3.39 -24.38 -13.11
CA ILE F 86 -2.82 -24.53 -14.44
C ILE F 86 -3.41 -23.45 -15.33
N GLN F 87 -2.55 -22.68 -15.98
CA GLN F 87 -3.02 -21.63 -16.85
C GLN F 87 -2.48 -21.91 -18.24
N PHE F 88 -3.38 -22.09 -19.21
CA PHE F 88 -2.98 -22.37 -20.59
C PHE F 88 -2.84 -21.09 -21.43
N GLU F 89 -1.94 -21.12 -22.41
CA GLU F 89 -1.68 -19.96 -23.27
C GLU F 89 -2.96 -19.49 -23.91
N ASP F 90 -3.89 -20.43 -23.96
CA ASP F 90 -5.22 -20.27 -24.50
C ASP F 90 -6.09 -19.30 -23.71
N GLY F 91 -5.83 -19.20 -22.42
CA GLY F 91 -6.64 -18.36 -21.55
C GLY F 91 -7.44 -19.28 -20.64
N ALA F 92 -7.46 -20.57 -20.95
CA ALA F 92 -8.18 -21.54 -20.13
C ALA F 92 -7.53 -21.72 -18.78
N SER F 93 -8.34 -21.96 -17.76
CA SER F 93 -7.84 -22.18 -16.41
C SER F 93 -8.28 -23.57 -15.91
N LEU F 94 -7.40 -24.22 -15.16
CA LEU F 94 -7.70 -25.55 -14.60
C LEU F 94 -7.20 -25.61 -13.17
N THR F 95 -8.14 -25.68 -12.23
CA THR F 95 -7.82 -25.74 -10.81
C THR F 95 -8.00 -27.13 -10.22
N GLY F 96 -7.06 -27.50 -9.35
CA GLY F 96 -7.15 -28.79 -8.69
C GLY F 96 -7.00 -28.72 -7.17
N ASN F 97 -7.88 -29.39 -6.46
CA ASN F 97 -7.83 -29.47 -5.00
C ASN F 97 -7.76 -30.95 -4.66
N TYR F 98 -6.61 -31.41 -4.16
CA TYR F 98 -6.47 -32.83 -3.81
C TYR F 98 -6.38 -33.08 -2.30
N ARG F 99 -6.93 -34.20 -1.88
CA ARG F 99 -6.89 -34.63 -0.49
C ARG F 99 -6.67 -36.13 -0.52
N TYR F 100 -5.88 -36.64 0.41
CA TYR F 100 -5.60 -38.06 0.43
C TYR F 100 -5.93 -38.72 1.77
N SER F 101 -6.02 -40.04 1.71
CA SER F 101 -6.31 -40.89 2.87
C SER F 101 -5.29 -42.03 2.83
N TYR F 102 -4.73 -42.39 3.97
CA TYR F 102 -3.74 -43.47 4.00
C TYR F 102 -4.16 -44.66 4.84
N ASP F 103 -3.83 -45.84 4.34
CA ASP F 103 -4.17 -47.07 5.03
C ASP F 103 -3.24 -48.19 4.62
N GLY F 104 -2.23 -48.43 5.44
CA GLY F 104 -1.26 -49.48 5.19
C GLY F 104 -0.70 -49.62 3.78
N GLY F 105 -0.02 -48.59 3.29
CA GLY F 105 0.56 -48.68 1.96
C GLY F 105 -0.42 -48.41 0.83
N HIS F 106 -1.68 -48.15 1.17
CA HIS F 106 -2.68 -47.87 0.15
C HIS F 106 -3.17 -46.43 0.26
N ILE F 107 -3.14 -45.71 -0.86
CA ILE F 107 -3.57 -44.32 -0.89
C ILE F 107 -4.89 -44.12 -1.61
N LYS F 108 -5.76 -43.32 -1.00
CA LYS F 108 -7.05 -43.02 -1.61
C LYS F 108 -7.07 -41.51 -1.87
N GLY F 109 -7.15 -41.14 -3.14
CA GLY F 109 -7.17 -39.74 -3.51
C GLY F 109 -8.53 -39.23 -3.91
N GLU F 110 -8.86 -38.03 -3.46
CA GLU F 110 -10.13 -37.39 -3.75
C GLU F 110 -9.78 -36.03 -4.38
N PHE F 111 -9.87 -35.94 -5.71
CA PHE F 111 -9.51 -34.72 -6.45
C PHE F 111 -10.68 -33.92 -7.04
N HIS F 112 -10.80 -32.66 -6.64
CA HIS F 112 -11.84 -31.78 -7.17
C HIS F 112 -11.17 -30.92 -8.23
N VAL F 113 -11.54 -31.14 -9.49
CA VAL F 113 -10.91 -30.41 -10.58
C VAL F 113 -11.90 -29.63 -11.42
N VAL F 114 -11.66 -28.33 -11.55
CA VAL F 114 -12.52 -27.48 -12.37
C VAL F 114 -11.69 -26.81 -13.45
N GLY F 115 -12.18 -26.89 -14.69
CA GLY F 115 -11.52 -26.28 -15.82
C GLY F 115 -12.49 -25.38 -16.58
N SER F 116 -12.00 -24.25 -17.07
CA SER F 116 -12.87 -23.33 -17.80
C SER F 116 -12.14 -22.51 -18.84
N GLY F 117 -12.91 -21.89 -19.73
CA GLY F 117 -12.34 -21.05 -20.77
C GLY F 117 -11.58 -21.75 -21.88
N PHE F 118 -11.80 -23.05 -22.06
CA PHE F 118 -11.12 -23.73 -23.18
C PHE F 118 -11.89 -23.38 -24.45
N PRO F 119 -11.23 -22.79 -25.44
CA PRO F 119 -11.92 -22.43 -26.69
C PRO F 119 -12.60 -23.63 -27.35
N ALA F 120 -13.80 -23.44 -27.86
CA ALA F 120 -14.53 -24.53 -28.49
C ALA F 120 -13.74 -25.14 -29.65
N ASP F 121 -12.95 -24.31 -30.33
CA ASP F 121 -12.13 -24.76 -31.45
C ASP F 121 -10.69 -25.01 -31.04
N GLY F 122 -10.44 -25.00 -29.73
CA GLY F 122 -9.10 -25.22 -29.25
C GLY F 122 -8.68 -26.68 -29.19
N PRO F 123 -7.37 -26.95 -29.00
CA PRO F 123 -6.77 -28.28 -28.92
C PRO F 123 -7.40 -29.20 -27.87
N VAL F 124 -7.81 -28.61 -26.77
CA VAL F 124 -8.42 -29.39 -25.69
C VAL F 124 -9.85 -29.88 -26.00
N MET F 125 -10.72 -28.98 -26.44
CA MET F 125 -12.09 -29.36 -26.72
C MET F 125 -12.24 -30.19 -27.99
N THR F 126 -11.28 -30.09 -28.91
CA THR F 126 -11.35 -30.85 -30.15
C THR F 126 -10.45 -32.08 -30.07
N LYS F 127 -9.93 -32.34 -28.88
CA LYS F 127 -9.05 -33.48 -28.63
C LYS F 127 -7.91 -33.60 -29.62
N SER F 128 -7.20 -32.49 -29.83
CA SER F 128 -6.07 -32.46 -30.78
C SER F 128 -4.73 -32.65 -30.10
N LEU F 129 -4.73 -32.81 -28.79
CA LEU F 129 -3.47 -33.03 -28.08
C LEU F 129 -3.13 -34.49 -28.30
N THR F 130 -1.86 -34.78 -28.50
CA THR F 130 -1.41 -36.16 -28.73
C THR F 130 -0.65 -36.78 -27.56
N ALA F 131 -0.12 -35.94 -26.67
CA ALA F 131 0.63 -36.43 -25.52
C ALA F 131 1.08 -35.29 -24.62
N VAL F 132 1.68 -35.65 -23.49
CA VAL F 132 2.21 -34.68 -22.54
C VAL F 132 3.73 -34.72 -22.68
N ASP F 133 4.36 -33.59 -22.96
CA ASP F 133 5.81 -33.58 -23.08
C ASP F 133 6.45 -33.82 -21.73
N TRP F 134 7.62 -34.45 -21.75
CA TRP F 134 8.37 -34.70 -20.52
C TRP F 134 8.60 -33.32 -19.92
N SER F 135 8.66 -33.26 -18.59
CA SER F 135 8.82 -31.98 -17.91
C SER F 135 9.73 -32.04 -16.70
N VAL F 136 10.16 -30.86 -16.26
CA VAL F 136 11.02 -30.74 -15.10
C VAL F 136 10.40 -29.67 -14.19
N ALA F 137 10.09 -30.04 -12.96
CA ALA F 137 9.51 -29.09 -12.02
C ALA F 137 10.58 -28.52 -11.10
N THR F 138 10.44 -27.25 -10.74
CA THR F 138 11.36 -26.60 -9.81
C THR F 138 10.58 -26.48 -8.50
N MET F 139 11.10 -27.08 -7.43
CA MET F 139 10.43 -27.05 -6.13
C MET F 139 11.23 -26.32 -5.06
N LEU F 140 10.52 -25.57 -4.23
CA LEU F 140 11.12 -24.82 -3.14
C LEU F 140 10.28 -25.09 -1.88
N PHE F 141 10.88 -24.87 -0.72
CA PHE F 141 10.18 -25.08 0.54
C PHE F 141 10.31 -23.78 1.33
N PRO F 142 9.43 -22.81 1.08
CA PRO F 142 9.43 -21.50 1.75
C PRO F 142 9.35 -21.54 3.28
N ASN F 143 8.74 -22.59 3.83
CA ASN F 143 8.66 -22.78 5.26
C ASN F 143 8.52 -24.28 5.53
N ASP F 144 8.64 -24.69 6.79
CA ASP F 144 8.59 -26.12 7.11
C ASP F 144 7.28 -26.85 6.89
N THR F 145 6.25 -26.14 6.43
CA THR F 145 4.97 -26.79 6.19
C THR F 145 4.47 -26.55 4.77
N THR F 146 5.35 -26.05 3.90
CA THR F 146 4.95 -25.73 2.53
C THR F 146 5.95 -26.12 1.44
N VAL F 147 5.41 -26.62 0.33
CA VAL F 147 6.21 -26.96 -0.83
C VAL F 147 5.54 -26.27 -2.01
N VAL F 148 6.34 -25.58 -2.83
CA VAL F 148 5.81 -24.88 -4.00
C VAL F 148 6.54 -25.49 -5.20
N SER F 149 5.77 -25.87 -6.21
CA SER F 149 6.30 -26.50 -7.43
C SER F 149 5.77 -25.79 -8.69
N THR F 150 6.68 -25.37 -9.56
CA THR F 150 6.27 -24.71 -10.77
C THR F 150 6.79 -25.48 -11.96
N ILE F 151 5.96 -25.61 -12.99
CA ILE F 151 6.34 -26.34 -14.19
C ILE F 151 5.95 -25.66 -15.49
N ASP F 152 6.89 -25.58 -16.42
CA ASP F 152 6.63 -25.04 -17.75
C ASP F 152 6.20 -26.31 -18.49
N TRP F 153 4.92 -26.36 -18.86
CA TRP F 153 4.30 -27.53 -19.46
C TRP F 153 3.85 -27.39 -20.91
N THR F 154 3.98 -28.47 -21.68
CA THR F 154 3.53 -28.46 -23.07
C THR F 154 2.98 -29.82 -23.48
N CYS F 155 2.03 -29.78 -24.41
CA CYS F 155 1.40 -30.96 -24.97
C CYS F 155 1.41 -30.78 -26.49
N PRO F 156 1.99 -31.73 -27.24
CA PRO F 156 2.03 -31.60 -28.70
C PRO F 156 0.61 -31.74 -29.26
N THR F 157 0.34 -31.11 -30.40
CA THR F 157 -0.98 -31.22 -31.00
C THR F 157 -0.86 -31.92 -32.35
N THR F 158 -2.01 -32.20 -32.96
CA THR F 158 -2.06 -32.87 -34.25
C THR F 158 -1.30 -32.04 -35.29
N SER F 159 -1.51 -30.73 -35.24
CA SER F 159 -0.87 -29.79 -36.17
C SER F 159 0.63 -29.65 -35.99
N GLY F 160 1.20 -30.39 -35.04
CA GLY F 160 2.64 -30.29 -34.81
C GLY F 160 3.09 -29.23 -33.82
N LYS F 161 2.29 -28.18 -33.65
CA LYS F 161 2.65 -27.12 -32.71
C LYS F 161 2.35 -27.57 -31.29
N ARG F 162 3.06 -27.00 -30.32
CA ARG F 162 2.81 -27.37 -28.94
C ARG F 162 1.84 -26.42 -28.27
N TYR F 163 1.06 -26.97 -27.34
CA TYR F 163 0.09 -26.19 -26.59
C TYR F 163 0.74 -25.92 -25.23
N HIS F 164 0.95 -24.63 -24.91
CA HIS F 164 1.62 -24.25 -23.66
C HIS F 164 0.76 -23.96 -22.44
N ALA F 165 1.35 -24.17 -21.27
CA ALA F 165 0.68 -23.91 -19.99
C ALA F 165 1.73 -23.83 -18.89
N THR F 166 1.35 -23.29 -17.75
CA THR F 166 2.25 -23.22 -16.62
C THR F 166 1.47 -23.83 -15.48
N LEU F 167 2.14 -24.67 -14.70
CA LEU F 167 1.52 -25.30 -13.55
C LEU F 167 2.15 -24.72 -12.30
N ARG F 168 1.31 -24.47 -11.31
CA ARG F 168 1.77 -23.94 -10.05
C ARG F 168 1.04 -24.78 -9.03
N THR F 169 1.78 -25.51 -8.23
CA THR F 169 1.17 -26.35 -7.21
C THR F 169 1.70 -26.01 -5.83
N ASN F 170 0.78 -25.70 -4.91
CA ASN F 170 1.13 -25.42 -3.54
C ASN F 170 0.70 -26.57 -2.63
N TYR F 171 1.68 -27.16 -1.94
CA TYR F 171 1.43 -28.26 -1.01
C TYR F 171 1.49 -27.78 0.44
N THR F 172 0.43 -28.03 1.19
CA THR F 172 0.38 -27.62 2.59
C THR F 172 0.39 -28.88 3.48
N PHE F 173 1.45 -29.04 4.26
CA PHE F 173 1.60 -30.20 5.15
C PHE F 173 1.03 -30.03 6.56
N ALA F 174 0.55 -31.14 7.13
CA ALA F 174 -0.03 -31.14 8.46
C ALA F 174 1.07 -31.09 9.53
N LYS F 175 2.21 -31.70 9.24
CA LYS F 175 3.33 -31.72 10.16
C LYS F 175 4.57 -31.16 9.49
N PRO F 176 5.46 -30.55 10.29
CA PRO F 176 6.69 -29.97 9.76
C PRO F 176 7.51 -30.97 8.95
N ILE F 177 8.08 -30.50 7.85
CA ILE F 177 8.91 -31.31 6.98
C ILE F 177 10.28 -31.43 7.63
N ALA F 178 10.86 -32.63 7.59
CA ALA F 178 12.17 -32.90 8.17
C ALA F 178 13.23 -31.87 7.81
N ALA F 179 13.98 -31.44 8.82
CA ALA F 179 15.04 -30.46 8.62
C ALA F 179 16.01 -30.91 7.53
N THR F 180 16.19 -32.22 7.41
CA THR F 180 17.10 -32.75 6.40
C THR F 180 16.69 -32.31 5.00
N ILE F 181 15.40 -32.48 4.71
CA ILE F 181 14.85 -32.13 3.40
C ILE F 181 14.92 -30.62 3.15
N LEU F 182 14.39 -29.83 4.08
CA LEU F 182 14.38 -28.38 3.95
C LEU F 182 15.76 -27.81 3.66
N GLN F 183 16.80 -28.58 3.95
CA GLN F 183 18.16 -28.13 3.75
C GLN F 183 18.59 -28.05 2.29
N LYS F 184 18.14 -28.98 1.47
CA LYS F 184 18.52 -28.99 0.04
C LYS F 184 17.47 -28.37 -0.87
N GLN F 185 17.74 -27.14 -1.33
CA GLN F 185 16.85 -26.42 -2.23
C GLN F 185 17.65 -25.67 -3.28
N PRO F 186 17.12 -25.57 -4.50
CA PRO F 186 15.81 -26.12 -4.91
C PRO F 186 15.95 -27.61 -5.23
N MET F 187 14.82 -28.27 -5.41
CA MET F 187 14.80 -29.69 -5.78
C MET F 187 14.05 -29.74 -7.10
N PHE F 188 14.61 -30.43 -8.08
CA PHE F 188 13.96 -30.55 -9.38
C PHE F 188 13.41 -31.95 -9.58
N VAL F 189 12.30 -32.08 -10.30
CA VAL F 189 11.71 -33.37 -10.56
C VAL F 189 11.45 -33.54 -12.03
N PHE F 190 12.10 -34.54 -12.63
CA PHE F 190 11.93 -34.84 -14.05
C PHE F 190 10.85 -35.91 -14.18
N ARG F 191 9.86 -35.66 -15.05
CA ARG F 191 8.78 -36.62 -15.25
C ARG F 191 8.54 -36.98 -16.70
N LYS F 192 8.15 -38.24 -16.91
CA LYS F 192 7.84 -38.78 -18.22
C LYS F 192 6.54 -39.54 -18.08
N THR F 193 5.69 -39.46 -19.10
CA THR F 193 4.42 -40.17 -19.07
C THR F 193 4.15 -40.92 -20.38
N GLU F 194 3.39 -42.00 -20.26
CA GLU F 194 2.99 -42.81 -21.39
C GLU F 194 1.50 -42.94 -21.21
N VAL F 195 0.73 -42.55 -22.22
CA VAL F 195 -0.70 -42.61 -22.12
C VAL F 195 -1.40 -43.36 -23.25
N LYS F 196 -2.34 -44.20 -22.87
CA LYS F 196 -3.16 -44.96 -23.79
C LYS F 196 -4.57 -44.65 -23.33
N ALA F 197 -5.39 -44.07 -24.20
CA ALA F 197 -6.74 -43.72 -23.78
C ALA F 197 -7.81 -43.77 -24.86
N SER F 198 -9.03 -43.99 -24.41
CA SER F 198 -10.21 -44.04 -25.26
C SER F 198 -11.12 -42.92 -24.78
N ASP F 199 -12.39 -42.99 -25.14
CA ASP F 199 -13.34 -41.95 -24.76
C ASP F 199 -13.76 -41.99 -23.29
N ALA F 200 -13.75 -43.18 -22.70
CA ALA F 200 -14.15 -43.32 -21.30
C ALA F 200 -13.09 -43.99 -20.42
N GLU F 201 -11.90 -44.21 -20.98
CA GLU F 201 -10.83 -44.84 -20.22
C GLU F 201 -9.46 -44.26 -20.51
N ILE F 202 -8.72 -43.95 -19.44
CA ILE F 202 -7.38 -43.40 -19.55
C ILE F 202 -6.40 -44.27 -18.77
N ASN F 203 -5.31 -44.65 -19.42
CA ASN F 203 -4.29 -45.47 -18.79
C ASN F 203 -3.02 -44.66 -18.77
N LEU F 204 -2.43 -44.55 -17.58
CA LEU F 204 -1.22 -43.77 -17.43
C LEU F 204 -0.07 -44.48 -16.74
N LYS F 205 1.13 -44.24 -17.27
CA LYS F 205 2.35 -44.76 -16.71
C LYS F 205 3.19 -43.50 -16.54
N GLU F 206 3.71 -43.31 -15.33
CA GLU F 206 4.50 -42.13 -15.05
C GLU F 206 5.81 -42.49 -14.37
N TRP F 207 6.86 -41.76 -14.75
CA TRP F 207 8.18 -41.97 -14.19
C TRP F 207 8.62 -40.63 -13.62
N GLN F 208 9.09 -40.63 -12.37
CA GLN F 208 9.53 -39.39 -11.72
C GLN F 208 10.93 -39.58 -11.17
N LYS F 209 11.75 -38.54 -11.30
CA LYS F 209 13.10 -38.60 -10.78
C LYS F 209 13.51 -37.25 -10.25
N ALA F 210 13.70 -37.19 -8.93
CA ALA F 210 14.11 -35.95 -8.28
C ALA F 210 15.61 -35.82 -8.27
N PHE F 211 16.10 -34.59 -8.28
CA PHE F 211 17.53 -34.36 -8.22
C PHE F 211 17.80 -32.95 -7.74
N HIS F 212 18.95 -32.79 -7.08
CA HIS F 212 19.37 -31.50 -6.54
C HIS F 212 20.54 -31.01 -7.39
N ASP F 213 21.31 -31.95 -7.90
CA ASP F 213 22.48 -31.61 -8.68
C ASP F 213 22.55 -32.52 -9.89
N LEU F 214 23.36 -32.14 -10.88
CA LEU F 214 23.54 -32.97 -12.07
C LEU F 214 25.00 -32.97 -12.53
N LEU G 1 34.61 -24.40 -32.88
CA LEU G 1 34.11 -24.39 -31.47
C LEU G 1 34.74 -23.27 -30.67
N PRO G 2 33.96 -22.64 -29.78
CA PRO G 2 34.41 -21.53 -28.93
C PRO G 2 35.36 -21.96 -27.82
N THR G 3 36.36 -21.13 -27.56
CA THR G 3 37.35 -21.41 -26.52
C THR G 3 37.46 -20.22 -25.56
N THR G 4 37.35 -19.02 -26.09
CA THR G 4 37.44 -17.81 -25.28
C THR G 4 36.39 -16.81 -25.75
N HIS G 5 36.07 -15.83 -24.90
CA HIS G 5 35.07 -14.84 -25.25
C HIS G 5 35.23 -13.55 -24.44
N GLU G 6 34.55 -12.51 -24.87
CA GLU G 6 34.59 -11.23 -24.17
C GLU G 6 33.18 -10.62 -24.27
N VAL G 7 32.85 -9.74 -23.32
CA VAL G 7 31.53 -9.13 -23.33
C VAL G 7 31.56 -7.63 -23.07
N HIS G 8 30.53 -6.97 -23.56
CA HIS G 8 30.33 -5.55 -23.35
C HIS G 8 28.84 -5.41 -23.10
N VAL G 9 28.47 -5.16 -21.85
CA VAL G 9 27.08 -4.99 -21.50
C VAL G 9 26.89 -3.52 -21.23
N TYR G 10 25.85 -2.93 -21.81
CA TYR G 10 25.58 -1.52 -21.63
C TYR G 10 24.07 -1.31 -21.59
N GLY G 11 23.66 -0.20 -20.99
CA GLY G 11 22.24 0.09 -20.89
C GLY G 11 21.96 0.88 -19.63
N SER G 12 20.90 0.50 -18.92
CA SER G 12 20.54 1.22 -17.71
C SER G 12 19.67 0.41 -16.77
N ILE G 13 19.66 0.83 -15.50
CA ILE G 13 18.86 0.19 -14.48
C ILE G 13 18.16 1.32 -13.74
N ASN G 14 16.83 1.32 -13.79
CA ASN G 14 16.05 2.36 -13.14
C ASN G 14 16.46 3.73 -13.66
N GLY G 15 16.76 3.79 -14.96
CA GLY G 15 17.12 5.05 -15.58
C GLY G 15 18.57 5.47 -15.43
N VAL G 16 19.34 4.72 -14.66
CA VAL G 16 20.75 5.05 -14.44
C VAL G 16 21.65 4.18 -15.30
N GLU G 17 22.36 4.81 -16.24
CA GLU G 17 23.25 4.08 -17.14
C GLU G 17 24.34 3.33 -16.43
N PHE G 18 24.79 2.24 -17.06
CA PHE G 18 25.87 1.44 -16.51
C PHE G 18 26.57 0.81 -17.71
N ASP G 19 27.81 0.40 -17.51
CA ASP G 19 28.57 -0.21 -18.61
C ASP G 19 29.59 -1.20 -18.05
N LEU G 20 29.55 -2.42 -18.57
CA LEU G 20 30.46 -3.47 -18.11
C LEU G 20 31.30 -4.02 -19.27
N VAL G 21 32.55 -4.36 -18.98
CA VAL G 21 33.45 -4.93 -19.98
C VAL G 21 34.30 -6.01 -19.32
N GLY G 22 34.64 -7.04 -20.07
CA GLY G 22 35.45 -8.11 -19.51
C GLY G 22 35.60 -9.28 -20.47
N SER G 23 36.35 -10.29 -20.04
CA SER G 23 36.56 -11.46 -20.89
C SER G 23 36.68 -12.73 -20.07
N GLY G 24 36.67 -13.86 -20.76
CA GLY G 24 36.77 -15.14 -20.09
C GLY G 24 37.00 -16.28 -21.05
N LYS G 25 36.82 -17.50 -20.55
CA LYS G 25 37.00 -18.68 -21.38
C LYS G 25 35.91 -19.71 -21.09
N GLY G 26 35.97 -20.83 -21.78
CA GLY G 26 34.98 -21.87 -21.58
C GLY G 26 35.36 -23.17 -22.25
N ASN G 27 34.75 -24.26 -21.81
CA ASN G 27 35.04 -25.56 -22.38
C ASN G 27 33.83 -26.07 -23.17
N PRO G 28 33.87 -25.95 -24.50
CA PRO G 28 32.76 -26.41 -25.35
C PRO G 28 32.46 -27.91 -25.20
N LYS G 29 33.34 -28.61 -24.49
CA LYS G 29 33.18 -30.05 -24.25
C LYS G 29 32.22 -30.36 -23.10
N ASP G 30 32.23 -29.52 -22.07
CA ASP G 30 31.37 -29.75 -20.90
C ASP G 30 30.44 -28.60 -20.52
N GLY G 31 30.46 -27.52 -21.28
CA GLY G 31 29.59 -26.40 -20.96
C GLY G 31 30.05 -25.47 -19.86
N SER G 32 31.22 -25.74 -19.27
CA SER G 32 31.73 -24.87 -18.21
C SER G 32 32.08 -23.53 -18.85
N GLU G 33 32.03 -22.47 -18.05
CA GLU G 33 32.29 -21.14 -18.58
C GLU G 33 32.65 -20.23 -17.42
N GLU G 34 33.57 -19.29 -17.65
CA GLU G 34 33.95 -18.36 -16.59
C GLU G 34 34.30 -17.02 -17.21
N ILE G 35 34.09 -15.95 -16.46
CA ILE G 35 34.37 -14.63 -16.97
C ILE G 35 34.48 -13.60 -15.86
N GLN G 36 35.14 -12.50 -16.15
CA GLN G 36 35.30 -11.42 -15.19
C GLN G 36 34.94 -10.14 -15.92
N VAL G 37 34.07 -9.34 -15.30
CA VAL G 37 33.67 -8.08 -15.90
C VAL G 37 33.86 -6.96 -14.90
N LYS G 38 34.11 -5.76 -15.41
CA LYS G 38 34.35 -4.59 -14.56
C LYS G 38 33.60 -3.39 -15.11
N SER G 39 33.09 -2.56 -14.20
CA SER G 39 32.35 -1.37 -14.58
C SER G 39 33.28 -0.33 -15.14
N THR G 40 32.77 0.45 -16.08
CA THR G 40 33.57 1.51 -16.69
C THR G 40 32.93 2.86 -16.38
N LYS G 41 31.95 2.87 -15.48
CA LYS G 41 31.25 4.10 -15.11
C LYS G 41 31.09 4.25 -13.60
N GLY G 42 31.99 3.67 -12.83
CA GLY G 42 31.89 3.78 -11.39
C GLY G 42 31.21 2.59 -10.74
N PRO G 43 31.02 2.63 -9.42
CA PRO G 43 30.37 1.52 -8.71
C PRO G 43 28.93 1.30 -9.18
N LEU G 44 28.52 0.03 -9.24
CA LEU G 44 27.19 -0.35 -9.66
C LEU G 44 26.18 -0.06 -8.57
N GLY G 45 25.12 0.65 -8.91
CA GLY G 45 24.10 0.98 -7.93
C GLY G 45 23.04 -0.09 -7.71
N PHE G 46 23.29 -1.31 -8.19
CA PHE G 46 22.32 -2.40 -8.05
C PHE G 46 23.00 -3.75 -7.82
N SER G 47 22.24 -4.73 -7.36
CA SER G 47 22.79 -6.05 -7.10
C SER G 47 23.45 -6.66 -8.33
N PRO G 48 24.66 -7.21 -8.16
CA PRO G 48 25.35 -7.81 -9.29
C PRO G 48 24.72 -9.12 -9.76
N TYR G 49 23.90 -9.71 -8.91
CA TYR G 49 23.29 -10.98 -9.27
C TYR G 49 22.30 -10.94 -10.42
N ILE G 50 21.78 -9.75 -10.73
CA ILE G 50 20.85 -9.68 -11.84
C ILE G 50 21.65 -9.60 -13.15
N VAL G 51 22.96 -9.39 -13.04
CA VAL G 51 23.79 -9.32 -14.25
C VAL G 51 24.30 -10.70 -14.65
N VAL G 52 24.24 -11.64 -13.72
CA VAL G 52 24.72 -12.99 -13.99
C VAL G 52 24.26 -13.58 -15.33
N PRO G 53 22.93 -13.62 -15.57
CA PRO G 53 22.43 -14.17 -16.84
C PRO G 53 22.89 -13.32 -18.01
N ASN G 54 23.06 -12.03 -17.75
CA ASN G 54 23.49 -11.08 -18.78
C ASN G 54 25.01 -11.09 -18.97
N ILE G 55 25.69 -12.08 -18.41
CA ILE G 55 27.13 -12.14 -18.54
C ILE G 55 27.60 -13.55 -18.85
N1 CR2 G 56 26.92 -14.60 -18.47
CA1 CR2 G 56 26.73 -15.96 -18.98
C1 CR2 G 56 25.33 -16.35 -19.27
N2 CR2 G 56 24.49 -16.91 -18.43
N3 CR2 G 56 24.78 -16.15 -20.45
C2 CR2 G 56 23.59 -16.60 -20.35
O2 CR2 G 56 22.68 -16.65 -21.13
CA2 CR2 G 56 23.43 -17.10 -18.97
CA3 CR2 G 56 25.46 -15.54 -21.54
C3 CR2 G 56 25.75 -16.06 -22.94
O3 CR2 G 56 26.09 -15.29 -23.84
CB2 CR2 G 56 22.22 -17.67 -18.42
CG2 CR2 G 56 21.72 -18.23 -17.16
CD1 CR2 G 56 20.42 -18.61 -16.98
CD2 CR2 G 56 22.60 -18.32 -16.09
CE1 CR2 G 56 19.98 -19.06 -15.75
CE2 CR2 G 56 22.16 -18.77 -14.87
CZ CR2 G 56 20.89 -19.12 -14.72
OH CR2 G 56 20.55 -19.52 -13.59
N PHE G 57 26.54 -17.11 -22.73
CA PHE G 57 27.35 -17.69 -23.80
C PHE G 57 27.06 -19.17 -23.95
N HIS G 58 25.88 -19.45 -24.48
CA HIS G 58 25.43 -20.82 -24.67
C HIS G 58 26.19 -21.57 -25.76
N GLN G 59 27.00 -20.87 -26.54
CA GLN G 59 27.76 -21.55 -27.57
C GLN G 59 28.74 -22.57 -26.99
N TYR G 60 28.97 -22.48 -25.67
CA TYR G 60 29.86 -23.42 -24.98
C TYR G 60 29.09 -24.68 -24.58
N LEU G 61 27.77 -24.62 -24.71
CA LEU G 61 26.90 -25.72 -24.32
C LEU G 61 26.78 -26.86 -25.32
N PRO G 62 27.24 -28.06 -24.95
CA PRO G 62 27.13 -29.18 -25.87
C PRO G 62 25.86 -29.94 -25.52
N PHE G 63 25.43 -30.83 -26.40
CA PHE G 63 24.25 -31.64 -26.13
C PHE G 63 24.72 -33.07 -25.93
N PRO G 64 23.89 -33.93 -25.33
CA PRO G 64 24.30 -35.31 -25.12
C PRO G 64 24.77 -36.01 -26.40
N ASP G 65 23.96 -35.93 -27.46
CA ASP G 65 24.28 -36.58 -28.71
C ASP G 65 24.95 -35.67 -29.74
N GLY G 66 25.46 -34.53 -29.31
CA GLY G 66 26.12 -33.65 -30.25
C GLY G 66 26.16 -32.21 -29.78
N MET G 67 26.15 -31.28 -30.72
CA MET G 67 26.20 -29.87 -30.36
C MET G 67 24.82 -29.33 -30.08
N SER G 68 24.77 -28.26 -29.30
CA SER G 68 23.52 -27.60 -29.00
C SER G 68 23.34 -26.68 -30.20
N PRO G 69 22.10 -26.24 -30.47
CA PRO G 69 21.92 -25.35 -31.63
C PRO G 69 22.77 -24.08 -31.52
N PHE G 70 22.99 -23.62 -30.29
CA PHE G 70 23.79 -22.41 -30.06
C PHE G 70 25.25 -22.67 -30.44
N GLN G 71 25.76 -23.82 -30.02
CA GLN G 71 27.15 -24.19 -30.29
C GLN G 71 27.38 -24.46 -31.78
N ALA G 72 26.39 -25.09 -32.43
CA ALA G 72 26.49 -25.40 -33.85
C ALA G 72 26.50 -24.11 -34.67
N ALA G 73 25.73 -23.13 -34.23
CA ALA G 73 25.64 -21.85 -34.92
C ALA G 73 26.91 -21.05 -34.71
N ALA G 74 27.63 -21.36 -33.64
CA ALA G 74 28.88 -20.67 -33.33
C ALA G 74 30.00 -21.28 -34.18
N ASP G 75 30.04 -22.61 -34.19
CA ASP G 75 31.03 -23.37 -34.94
C ASP G 75 30.86 -23.07 -36.42
N ASP G 76 29.59 -22.87 -36.78
CA ASP G 76 29.15 -22.57 -38.13
C ASP G 76 29.56 -21.15 -38.55
N GLY G 77 29.42 -20.22 -37.61
CA GLY G 77 29.76 -18.84 -37.88
C GLY G 77 28.50 -18.06 -38.22
N SER G 78 27.43 -18.77 -38.55
CA SER G 78 26.15 -18.15 -38.89
C SER G 78 25.55 -17.41 -37.69
N GLY G 79 25.71 -18.00 -36.52
CA GLY G 79 25.24 -17.39 -35.29
C GLY G 79 23.74 -17.23 -35.05
N TYR G 80 23.42 -16.44 -34.04
CA TYR G 80 22.03 -16.19 -33.66
C TYR G 80 21.96 -14.92 -32.83
N VAL G 81 20.76 -14.33 -32.75
CA VAL G 81 20.53 -13.14 -31.95
C VAL G 81 19.68 -13.58 -30.75
N VAL G 82 19.77 -12.85 -29.65
CA VAL G 82 19.01 -13.23 -28.45
C VAL G 82 18.13 -12.11 -27.92
N HIS G 83 16.89 -12.46 -27.61
CA HIS G 83 15.94 -11.49 -27.04
C HIS G 83 15.49 -12.08 -25.70
N ARG G 84 15.96 -11.51 -24.60
CA ARG G 84 15.60 -12.02 -23.28
C ARG G 84 14.73 -11.08 -22.47
N THR G 85 13.74 -11.64 -21.80
CA THR G 85 12.84 -10.88 -20.96
C THR G 85 12.81 -11.52 -19.59
N ILE G 86 13.07 -10.72 -18.56
CA ILE G 86 13.03 -11.20 -17.19
C ILE G 86 12.01 -10.37 -16.43
N GLN G 87 11.05 -11.04 -15.79
CA GLN G 87 10.04 -10.32 -15.03
C GLN G 87 10.14 -10.78 -13.58
N PHE G 88 10.39 -9.84 -12.68
CA PHE G 88 10.53 -10.13 -11.26
C PHE G 88 9.21 -9.99 -10.51
N GLU G 89 9.03 -10.79 -9.47
CA GLU G 89 7.80 -10.79 -8.66
C GLU G 89 7.50 -9.40 -8.16
N ASP G 90 8.57 -8.61 -8.13
CA ASP G 90 8.60 -7.23 -7.70
C ASP G 90 7.84 -6.29 -8.62
N GLY G 91 7.82 -6.63 -9.90
CA GLY G 91 7.16 -5.80 -10.88
C GLY G 91 8.25 -5.23 -11.80
N ALA G 92 9.50 -5.40 -11.38
CA ALA G 92 10.63 -4.93 -12.16
C ALA G 92 10.78 -5.73 -13.44
N SER G 93 11.23 -5.07 -14.50
CA SER G 93 11.43 -5.69 -15.80
C SER G 93 12.88 -5.52 -16.23
N LEU G 94 13.45 -6.56 -16.84
CA LEU G 94 14.83 -6.52 -17.31
C LEU G 94 14.89 -7.15 -18.70
N THR G 95 15.18 -6.33 -19.70
CA THR G 95 15.28 -6.78 -21.08
C THR G 95 16.70 -6.89 -21.60
N GLY G 96 16.96 -7.94 -22.37
CA GLY G 96 18.30 -8.13 -22.91
C GLY G 96 18.29 -8.43 -24.40
N ASN G 97 19.15 -7.73 -25.14
CA ASN G 97 19.30 -7.93 -26.57
C ASN G 97 20.77 -8.27 -26.80
N TYR G 98 21.07 -9.52 -27.15
CA TYR G 98 22.46 -9.91 -27.39
C TYR G 98 22.78 -10.19 -28.85
N ARG G 99 24.00 -9.84 -29.23
CA ARG G 99 24.51 -10.08 -30.58
C ARG G 99 25.94 -10.54 -30.41
N TYR G 100 26.37 -11.49 -31.23
CA TYR G 100 27.73 -12.00 -31.13
C TYR G 100 28.51 -11.89 -32.44
N SER G 101 29.82 -12.03 -32.30
CA SER G 101 30.77 -11.98 -33.41
C SER G 101 31.71 -13.15 -33.19
N TYR G 102 32.06 -13.85 -34.27
CA TYR G 102 32.95 -15.00 -34.13
C TYR G 102 34.26 -14.86 -34.91
N ASP G 103 35.34 -15.34 -34.29
CA ASP G 103 36.65 -15.25 -34.91
C ASP G 103 37.59 -16.31 -34.35
N GLY G 104 37.68 -17.43 -35.06
CA GLY G 104 38.55 -18.53 -34.67
C GLY G 104 38.51 -18.96 -33.21
N GLY G 105 37.36 -19.42 -32.74
CA GLY G 105 37.25 -19.88 -31.35
C GLY G 105 37.09 -18.76 -30.33
N HIS G 106 37.06 -17.52 -30.79
CA HIS G 106 36.89 -16.41 -29.88
C HIS G 106 35.56 -15.71 -30.14
N ILE G 107 34.78 -15.52 -29.08
CA ILE G 107 33.48 -14.87 -29.20
C ILE G 107 33.45 -13.47 -28.60
N LYS G 108 32.85 -12.54 -29.33
CA LYS G 108 32.72 -11.18 -28.86
C LYS G 108 31.23 -10.90 -28.70
N GLY G 109 30.81 -10.64 -27.47
CA GLY G 109 29.40 -10.36 -27.22
C GLY G 109 29.11 -8.89 -26.96
N GLU G 110 28.01 -8.42 -27.53
CA GLU G 110 27.57 -7.03 -27.38
C GLU G 110 26.13 -7.12 -26.83
N PHE G 111 25.97 -6.87 -25.53
CA PHE G 111 24.68 -6.98 -24.88
C PHE G 111 24.04 -5.66 -24.43
N HIS G 112 22.85 -5.37 -24.94
CA HIS G 112 22.12 -4.16 -24.56
C HIS G 112 21.11 -4.60 -23.51
N VAL G 113 21.30 -4.16 -22.27
CA VAL G 113 20.41 -4.54 -21.17
C VAL G 113 19.73 -3.36 -20.48
N VAL G 114 18.40 -3.39 -20.41
CA VAL G 114 17.67 -2.32 -19.74
C VAL G 114 16.79 -2.90 -18.65
N GLY G 115 16.89 -2.32 -17.46
CA GLY G 115 16.09 -2.79 -16.34
C GLY G 115 15.33 -1.61 -15.75
N SER G 116 14.12 -1.85 -15.26
CA SER G 116 13.32 -0.78 -14.69
C SER G 116 12.30 -1.28 -13.66
N GLY G 117 11.77 -0.34 -12.90
CA GLY G 117 10.78 -0.68 -11.89
C GLY G 117 11.27 -1.45 -10.67
N PHE G 118 12.57 -1.44 -10.40
CA PHE G 118 13.07 -2.13 -9.21
C PHE G 118 12.78 -1.19 -8.04
N PRO G 119 12.01 -1.66 -7.04
CA PRO G 119 11.68 -0.81 -5.88
C PRO G 119 12.94 -0.28 -5.19
N ALA G 120 12.92 0.99 -4.80
CA ALA G 120 14.07 1.59 -4.14
C ALA G 120 14.47 0.81 -2.88
N ASP G 121 13.48 0.24 -2.21
CA ASP G 121 13.71 -0.53 -0.98
C ASP G 121 13.76 -2.02 -1.27
N GLY G 122 13.78 -2.39 -2.55
CA GLY G 122 13.82 -3.78 -2.92
C GLY G 122 15.19 -4.42 -2.82
N PRO G 123 15.26 -5.77 -2.89
CA PRO G 123 16.48 -6.59 -2.82
C PRO G 123 17.54 -6.22 -3.84
N VAL G 124 17.10 -5.79 -5.01
CA VAL G 124 18.04 -5.44 -6.07
C VAL G 124 18.74 -4.09 -5.85
N MET G 125 17.97 -3.06 -5.54
CA MET G 125 18.57 -1.75 -5.34
C MET G 125 19.33 -1.62 -4.01
N THR G 126 19.00 -2.47 -3.04
CA THR G 126 19.69 -2.42 -1.75
C THR G 126 20.75 -3.50 -1.66
N LYS G 127 20.99 -4.17 -2.78
CA LYS G 127 21.99 -5.23 -2.89
C LYS G 127 21.84 -6.29 -1.80
N SER G 128 20.62 -6.78 -1.61
CA SER G 128 20.35 -7.78 -0.60
C SER G 128 20.35 -9.21 -1.14
N LEU G 129 20.59 -9.35 -2.44
CA LEU G 129 20.63 -10.69 -3.04
C LEU G 129 22.00 -11.24 -2.70
N THR G 130 22.07 -12.52 -2.36
CA THR G 130 23.32 -13.15 -1.99
C THR G 130 23.89 -14.10 -3.04
N ALA G 131 23.04 -14.56 -3.95
CA ALA G 131 23.47 -15.48 -5.01
C ALA G 131 22.32 -15.84 -5.95
N VAL G 132 22.65 -16.58 -7.00
CA VAL G 132 21.66 -17.03 -7.97
C VAL G 132 21.44 -18.52 -7.72
N ASP G 133 20.22 -18.93 -7.45
CA ASP G 133 19.95 -20.35 -7.20
C ASP G 133 20.17 -21.15 -8.48
N TRP G 134 20.60 -22.40 -8.32
CA TRP G 134 20.81 -23.26 -9.47
C TRP G 134 19.46 -23.32 -10.16
N SER G 135 19.47 -23.47 -11.48
CA SER G 135 18.22 -23.51 -12.24
C SER G 135 18.18 -24.53 -13.37
N VAL G 136 16.98 -24.81 -13.85
CA VAL G 136 16.79 -25.74 -14.96
C VAL G 136 15.89 -25.04 -15.97
N ALA G 137 16.38 -24.91 -17.20
CA ALA G 137 15.62 -24.26 -18.24
C ALA G 137 14.93 -25.32 -19.12
N THR G 138 13.74 -24.98 -19.63
CA THR G 138 13.00 -25.86 -20.52
C THR G 138 13.09 -25.22 -21.91
N MET G 139 13.70 -25.92 -22.86
CA MET G 139 13.85 -25.40 -24.21
C MET G 139 13.06 -26.17 -25.26
N LEU G 140 12.47 -25.41 -26.19
CA LEU G 140 11.69 -25.97 -27.29
C LEU G 140 12.18 -25.30 -28.57
N PHE G 141 11.97 -25.97 -29.71
CA PHE G 141 12.35 -25.42 -31.00
C PHE G 141 11.10 -25.42 -31.87
N PRO G 142 10.27 -24.36 -31.76
CA PRO G 142 9.02 -24.21 -32.52
C PRO G 142 9.16 -24.30 -34.05
N ASN G 143 10.33 -23.91 -34.55
CA ASN G 143 10.61 -23.98 -35.98
C ASN G 143 12.12 -24.13 -36.14
N ASP G 144 12.60 -24.43 -37.35
CA ASP G 144 14.03 -24.63 -37.56
C ASP G 144 14.95 -23.41 -37.40
N THR G 145 14.39 -22.25 -37.09
CA THR G 145 15.22 -21.06 -36.91
C THR G 145 14.99 -20.40 -35.55
N THR G 146 14.31 -21.11 -34.64
CA THR G 146 13.99 -20.55 -33.34
C THR G 146 14.13 -21.51 -32.16
N VAL G 147 14.66 -20.97 -31.06
CA VAL G 147 14.78 -21.71 -29.82
C VAL G 147 14.12 -20.83 -28.75
N VAL G 148 13.28 -21.43 -27.92
CA VAL G 148 12.60 -20.70 -26.84
C VAL G 148 12.99 -21.39 -25.55
N SER G 149 13.46 -20.61 -24.59
CA SER G 149 13.90 -21.14 -23.30
C SER G 149 13.23 -20.37 -22.16
N THR G 150 12.57 -21.11 -21.26
CA THR G 150 11.91 -20.48 -20.11
C THR G 150 12.50 -21.02 -18.80
N ILE G 151 12.71 -20.11 -17.85
CA ILE G 151 13.30 -20.50 -16.56
C ILE G 151 12.61 -19.91 -15.34
N ASP G 152 12.33 -20.74 -14.34
CA ASP G 152 11.76 -20.28 -13.09
C ASP G 152 13.03 -19.99 -12.29
N TRP G 153 13.26 -18.70 -12.04
CA TRP G 153 14.47 -18.23 -11.41
C TRP G 153 14.33 -17.63 -10.00
N THR G 154 15.32 -17.87 -9.14
CA THR G 154 15.30 -17.30 -7.80
C THR G 154 16.70 -16.93 -7.32
N CYS G 155 16.76 -15.89 -6.48
CA CYS G 155 18.00 -15.40 -5.87
C CYS G 155 17.72 -15.26 -4.38
N PRO G 156 18.51 -15.92 -3.54
CA PRO G 156 18.28 -15.79 -2.09
C PRO G 156 18.62 -14.38 -1.64
N THR G 157 17.98 -13.92 -0.57
CA THR G 157 18.27 -12.58 -0.06
C THR G 157 18.85 -12.68 1.34
N THR G 158 19.29 -11.55 1.87
CA THR G 158 19.86 -11.48 3.21
C THR G 158 18.85 -11.99 4.24
N SER G 159 17.60 -11.58 4.07
CA SER G 159 16.51 -11.98 4.97
C SER G 159 16.12 -13.46 4.88
N GLY G 160 16.83 -14.22 4.07
CA GLY G 160 16.52 -15.64 3.95
C GLY G 160 15.45 -15.99 2.91
N LYS G 161 14.55 -15.06 2.60
CA LYS G 161 13.51 -15.31 1.61
C LYS G 161 14.09 -15.23 0.20
N ARG G 162 13.48 -15.93 -0.74
CA ARG G 162 13.98 -15.88 -2.11
C ARG G 162 13.26 -14.83 -2.93
N TYR G 163 13.99 -14.24 -3.87
CA TYR G 163 13.44 -13.23 -4.76
C TYR G 163 13.12 -13.95 -6.08
N HIS G 164 11.85 -13.97 -6.48
CA HIS G 164 11.45 -14.69 -7.70
C HIS G 164 11.37 -13.90 -9.00
N ALA G 165 11.57 -14.62 -10.09
CA ALA G 165 11.50 -14.04 -11.43
C ALA G 165 11.34 -15.16 -12.45
N THR G 166 10.91 -14.80 -13.65
CA THR G 166 10.76 -15.77 -14.73
C THR G 166 11.58 -15.22 -15.87
N LEU G 167 12.32 -16.09 -16.54
CA LEU G 167 13.12 -15.68 -17.68
C LEU G 167 12.53 -16.32 -18.91
N ARG G 168 12.46 -15.53 -19.97
CA ARG G 168 11.94 -16.01 -21.23
C ARG G 168 12.96 -15.52 -22.24
N THR G 169 13.60 -16.45 -22.92
CA THR G 169 14.61 -16.07 -23.90
C THR G 169 14.29 -16.66 -25.27
N ASN G 170 14.22 -15.78 -26.27
CA ASN G 170 13.94 -16.21 -27.63
C ASN G 170 15.19 -16.07 -28.48
N TYR G 171 15.64 -17.19 -29.04
CA TYR G 171 16.83 -17.19 -29.89
C TYR G 171 16.45 -17.31 -31.37
N THR G 172 16.90 -16.37 -32.18
CA THR G 172 16.62 -16.39 -33.61
C THR G 172 17.90 -16.67 -34.40
N PHE G 173 17.92 -17.81 -35.09
CA PHE G 173 19.11 -18.22 -35.86
C PHE G 173 19.12 -17.74 -37.31
N ALA G 174 20.33 -17.53 -37.84
CA ALA G 174 20.49 -17.08 -39.23
C ALA G 174 20.33 -18.23 -40.20
N LYS G 175 20.74 -19.43 -39.78
CA LYS G 175 20.63 -20.62 -40.60
C LYS G 175 19.81 -21.69 -39.88
N PRO G 176 19.10 -22.53 -40.65
CA PRO G 176 18.29 -23.60 -40.06
C PRO G 176 19.10 -24.50 -39.12
N ILE G 177 18.47 -24.87 -38.02
CA ILE G 177 19.08 -25.75 -37.02
C ILE G 177 19.02 -27.18 -37.57
N ALA G 178 20.10 -27.94 -37.38
CA ALA G 178 20.20 -29.32 -37.85
C ALA G 178 18.99 -30.17 -37.47
N ALA G 179 18.48 -30.92 -38.46
CA ALA G 179 17.33 -31.79 -38.24
C ALA G 179 17.54 -32.71 -37.05
N THR G 180 18.80 -33.09 -36.81
CA THR G 180 19.12 -33.97 -35.69
C THR G 180 18.67 -33.36 -34.38
N ILE G 181 19.03 -32.10 -34.17
CA ILE G 181 18.69 -31.39 -32.96
C ILE G 181 17.18 -31.20 -32.80
N LEU G 182 16.55 -30.63 -33.83
CA LEU G 182 15.12 -30.38 -33.82
C LEU G 182 14.30 -31.62 -33.46
N GLN G 183 14.92 -32.79 -33.61
CA GLN G 183 14.23 -34.05 -33.33
C GLN G 183 13.97 -34.33 -31.85
N LYS G 184 14.92 -33.99 -30.99
CA LYS G 184 14.77 -34.21 -29.54
C LYS G 184 14.27 -32.99 -28.79
N GLN G 185 13.01 -33.02 -28.39
CA GLN G 185 12.39 -31.93 -27.63
C GLN G 185 11.44 -32.50 -26.58
N PRO G 186 11.35 -31.85 -25.41
CA PRO G 186 12.09 -30.63 -25.05
C PRO G 186 13.50 -30.98 -24.61
N MET G 187 14.34 -29.95 -24.49
CA MET G 187 15.71 -30.11 -24.02
C MET G 187 15.81 -29.25 -22.76
N PHE G 188 16.34 -29.84 -21.68
CA PHE G 188 16.48 -29.11 -20.43
C PHE G 188 17.94 -28.79 -20.16
N VAL G 189 18.19 -27.65 -19.53
CA VAL G 189 19.55 -27.25 -19.22
C VAL G 189 19.67 -26.86 -17.74
N PHE G 190 20.49 -27.62 -17.02
CA PHE G 190 20.73 -27.38 -15.60
C PHE G 190 21.97 -26.49 -15.47
N ARG G 191 21.84 -25.40 -14.71
CA ARG G 191 22.93 -24.46 -14.53
C ARG G 191 23.25 -24.15 -13.08
N LYS G 192 24.53 -23.95 -12.80
CA LYS G 192 25.04 -23.63 -11.48
C LYS G 192 26.00 -22.48 -11.67
N THR G 193 26.01 -21.54 -10.73
CA THR G 193 26.91 -20.40 -10.82
C THR G 193 27.60 -20.13 -9.48
N GLU G 194 28.80 -19.58 -9.57
CA GLU G 194 29.61 -19.22 -8.41
C GLU G 194 30.00 -17.78 -8.69
N VAL G 195 29.65 -16.88 -7.78
CA VAL G 195 29.95 -15.47 -7.98
C VAL G 195 30.75 -14.81 -6.87
N LYS G 196 31.77 -14.06 -7.28
CA LYS G 196 32.60 -13.30 -6.36
C LYS G 196 32.57 -11.90 -6.93
N ALA G 197 32.06 -10.94 -6.18
CA ALA G 197 31.97 -9.58 -6.71
C ALA G 197 32.14 -8.44 -5.73
N SER G 198 32.60 -7.32 -6.27
CA SER G 198 32.80 -6.09 -5.51
C SER G 198 31.87 -5.06 -6.16
N ASP G 199 32.12 -3.78 -5.90
CA ASP G 199 31.29 -2.71 -6.43
C ASP G 199 31.49 -2.44 -7.91
N ALA G 200 32.68 -2.70 -8.42
CA ALA G 200 32.96 -2.46 -9.82
C ALA G 200 33.50 -3.68 -10.55
N GLU G 201 33.49 -4.82 -9.89
CA GLU G 201 33.99 -6.05 -10.51
C GLU G 201 33.17 -7.29 -10.17
N ILE G 202 32.82 -8.06 -11.20
CA ILE G 202 32.04 -9.28 -11.00
C ILE G 202 32.79 -10.45 -11.64
N ASN G 203 32.93 -11.52 -10.88
CA ASN G 203 33.61 -12.71 -11.36
C ASN G 203 32.59 -13.83 -11.36
N LEU G 204 32.46 -14.52 -12.49
CA LEU G 204 31.50 -15.59 -12.60
C LEU G 204 32.03 -16.90 -13.14
N LYS G 205 31.56 -17.98 -12.53
CA LYS G 205 31.89 -19.32 -12.96
C LYS G 205 30.54 -19.95 -13.16
N GLU G 206 30.32 -20.53 -14.34
CA GLU G 206 29.05 -21.15 -14.64
C GLU G 206 29.23 -22.56 -15.19
N TRP G 207 28.34 -23.45 -14.78
CA TRP G 207 28.35 -24.84 -15.22
C TRP G 207 27.00 -25.11 -15.86
N GLN G 208 27.00 -25.68 -17.07
CA GLN G 208 25.77 -25.97 -17.78
C GLN G 208 25.73 -27.43 -18.20
N LYS G 209 24.57 -28.05 -18.08
CA LYS G 209 24.45 -29.43 -18.48
C LYS G 209 23.08 -29.69 -19.08
N ALA G 210 23.08 -29.97 -20.38
CA ALA G 210 21.84 -30.22 -21.11
C ALA G 210 21.47 -31.68 -21.03
N PHE G 211 20.17 -31.96 -21.04
CA PHE G 211 19.69 -33.33 -21.00
C PHE G 211 18.30 -33.43 -21.56
N HIS G 212 18.00 -34.59 -22.13
CA HIS G 212 16.70 -34.86 -22.73
C HIS G 212 15.97 -35.90 -21.86
N ASP G 213 16.74 -36.82 -21.29
CA ASP G 213 16.20 -37.87 -20.44
C ASP G 213 17.05 -37.95 -19.16
N LEU G 214 16.59 -38.74 -18.20
CA LEU G 214 17.32 -38.92 -16.93
C LEU G 214 17.09 -40.32 -16.39
N LEU H 1 -2.30 -26.85 28.75
CA LEU H 1 -2.22 -25.42 28.30
C LEU H 1 -3.41 -24.61 28.73
N PRO H 2 -3.19 -23.35 29.13
CA PRO H 2 -4.23 -22.43 29.58
C PRO H 2 -5.14 -21.94 28.45
N THR H 3 -6.43 -21.81 28.77
CA THR H 3 -7.40 -21.36 27.80
C THR H 3 -8.22 -20.20 28.35
N THR H 4 -8.51 -20.26 29.65
CA THR H 4 -9.28 -19.21 30.31
C THR H 4 -8.67 -18.92 31.68
N HIS H 5 -8.98 -17.74 32.22
CA HIS H 5 -8.44 -17.36 33.53
C HIS H 5 -9.31 -16.32 34.22
N GLU H 6 -9.03 -16.11 35.50
CA GLU H 6 -9.75 -15.12 36.29
C GLU H 6 -8.75 -14.50 37.27
N VAL H 7 -9.04 -13.28 37.73
CA VAL H 7 -8.13 -12.60 38.64
C VAL H 7 -8.84 -11.93 39.80
N HIS H 8 -8.08 -11.73 40.87
CA HIS H 8 -8.55 -11.04 42.04
C HIS H 8 -7.35 -10.22 42.48
N VAL H 9 -7.44 -8.91 42.27
CA VAL H 9 -6.34 -8.03 42.68
C VAL H 9 -6.86 -7.28 43.88
N TYR H 10 -6.05 -7.22 44.93
CA TYR H 10 -6.45 -6.51 46.14
C TYR H 10 -5.22 -5.85 46.74
N GLY H 11 -5.45 -4.82 47.56
CA GLY H 11 -4.35 -4.12 48.17
C GLY H 11 -4.69 -2.68 48.37
N SER H 12 -3.76 -1.78 48.07
CA SER H 12 -4.02 -0.36 48.26
C SER H 12 -3.12 0.54 47.43
N ILE H 13 -3.57 1.77 47.24
CA ILE H 13 -2.83 2.76 46.49
C ILE H 13 -2.84 4.03 47.34
N ASN H 14 -1.67 4.47 47.75
CA ASN H 14 -1.56 5.65 48.59
C ASN H 14 -2.38 5.48 49.85
N GLY H 15 -2.37 4.26 50.39
CA GLY H 15 -3.08 3.97 51.62
C GLY H 15 -4.57 3.71 51.50
N VAL H 16 -5.11 3.83 50.29
CA VAL H 16 -6.53 3.61 50.07
C VAL H 16 -6.77 2.24 49.42
N GLU H 17 -7.44 1.35 50.16
CA GLU H 17 -7.72 0.01 49.67
C GLU H 17 -8.54 -0.02 48.39
N PHE H 18 -8.34 -1.07 47.61
CA PHE H 18 -9.07 -1.24 46.37
C PHE H 18 -9.15 -2.73 46.14
N ASP H 19 -10.12 -3.16 45.34
CA ASP H 19 -10.29 -4.58 45.07
C ASP H 19 -10.91 -4.78 43.70
N LEU H 20 -10.25 -5.61 42.88
CA LEU H 20 -10.72 -5.88 41.53
C LEU H 20 -10.98 -7.37 41.31
N VAL H 21 -12.01 -7.69 40.53
CA VAL H 21 -12.33 -9.07 40.22
C VAL H 21 -12.79 -9.15 38.76
N GLY H 22 -12.47 -10.25 38.09
CA GLY H 22 -12.87 -10.40 36.71
C GLY H 22 -12.30 -11.66 36.08
N SER H 23 -12.62 -11.88 34.81
CA SER H 23 -12.14 -13.06 34.11
C SER H 23 -11.90 -12.79 32.63
N GLY H 24 -11.26 -13.74 31.96
CA GLY H 24 -10.98 -13.57 30.56
C GLY H 24 -10.47 -14.86 29.92
N LYS H 25 -9.92 -14.74 28.72
CA LYS H 25 -9.41 -15.90 28.03
C LYS H 25 -8.10 -15.56 27.33
N GLY H 26 -7.50 -16.55 26.67
CA GLY H 26 -6.26 -16.32 25.97
C GLY H 26 -5.89 -17.46 25.05
N ASN H 27 -5.01 -17.18 24.10
CA ASN H 27 -4.59 -18.20 23.14
C ASN H 27 -3.14 -18.59 23.38
N PRO H 28 -2.92 -19.74 24.06
CA PRO H 28 -1.56 -20.20 24.35
C PRO H 28 -0.73 -20.43 23.08
N LYS H 29 -1.37 -20.33 21.93
CA LYS H 29 -0.68 -20.52 20.65
C LYS H 29 0.04 -19.26 20.17
N ASP H 30 -0.55 -18.09 20.43
CA ASP H 30 0.04 -16.83 19.99
C ASP H 30 0.31 -15.78 21.08
N GLY H 31 0.01 -16.13 22.33
CA GLY H 31 0.23 -15.20 23.42
C GLY H 31 -0.81 -14.11 23.61
N SER H 32 -1.85 -14.11 22.79
CA SER H 32 -2.90 -13.10 22.92
C SER H 32 -3.62 -13.38 24.23
N GLU H 33 -4.20 -12.33 24.82
CA GLU H 33 -4.86 -12.47 26.10
C GLU H 33 -5.82 -11.31 26.27
N GLU H 34 -6.97 -11.55 26.91
CA GLU H 34 -7.93 -10.48 27.13
C GLU H 34 -8.67 -10.74 28.43
N ILE H 35 -9.08 -9.67 29.09
CA ILE H 35 -9.78 -9.81 30.37
C ILE H 35 -10.56 -8.55 30.72
N GLN H 36 -11.53 -8.71 31.60
CA GLN H 36 -12.35 -7.60 32.07
C GLN H 36 -12.40 -7.70 33.58
N VAL H 37 -12.10 -6.60 34.25
CA VAL H 37 -12.13 -6.58 35.70
C VAL H 37 -13.00 -5.42 36.18
N LYS H 38 -13.61 -5.59 37.34
CA LYS H 38 -14.49 -4.57 37.90
C LYS H 38 -14.21 -4.39 39.38
N SER H 39 -14.28 -3.14 39.83
CA SER H 39 -14.04 -2.82 41.24
C SER H 39 -15.17 -3.34 42.11
N THR H 40 -14.84 -3.74 43.33
CA THR H 40 -15.85 -4.24 44.27
C THR H 40 -15.91 -3.32 45.48
N LYS H 41 -15.25 -2.16 45.36
CA LYS H 41 -15.22 -1.18 46.46
C LYS H 41 -15.46 0.25 45.99
N GLY H 42 -16.22 0.40 44.90
CA GLY H 42 -16.51 1.72 44.40
C GLY H 42 -15.57 2.18 43.31
N PRO H 43 -15.71 3.42 42.82
CA PRO H 43 -14.83 3.94 41.77
C PRO H 43 -13.38 3.98 42.22
N LEU H 44 -12.48 3.70 41.28
CA LEU H 44 -11.05 3.71 41.53
C LEU H 44 -10.52 5.13 41.61
N GLY H 45 -9.79 5.44 42.68
CA GLY H 45 -9.25 6.78 42.83
C GLY H 45 -7.93 7.03 42.12
N PHE H 46 -7.54 6.13 41.21
CA PHE H 46 -6.28 6.28 40.49
C PHE H 46 -6.37 5.82 39.04
N SER H 47 -5.40 6.19 38.23
CA SER H 47 -5.40 5.82 36.83
C SER H 47 -5.44 4.32 36.66
N PRO H 48 -6.31 3.82 35.76
CA PRO H 48 -6.42 2.38 35.54
C PRO H 48 -5.22 1.81 34.79
N TYR H 49 -4.43 2.66 34.16
CA TYR H 49 -3.29 2.19 33.40
C TYR H 49 -2.17 1.57 34.23
N ILE H 50 -2.12 1.87 35.52
CA ILE H 50 -1.08 1.26 36.34
C ILE H 50 -1.52 -0.15 36.72
N VAL H 51 -2.80 -0.50 36.48
CA VAL H 51 -3.26 -1.84 36.83
C VAL H 51 -3.05 -2.81 35.66
N VAL H 52 -2.84 -2.27 34.47
CA VAL H 52 -2.63 -3.09 33.29
C VAL H 52 -1.67 -4.28 33.51
N PRO H 53 -0.43 -4.01 33.96
CA PRO H 53 0.53 -5.11 34.18
C PRO H 53 0.04 -6.03 35.29
N ASN H 54 -0.70 -5.46 36.23
CA ASN H 54 -1.25 -6.22 37.34
C ASN H 54 -2.54 -6.95 36.98
N ILE H 55 -2.86 -7.01 35.69
CA ILE H 55 -4.08 -7.68 35.27
C ILE H 55 -3.87 -8.58 34.07
N1 CR2 H 56 -2.88 -8.34 33.22
CA1 CR2 H 56 -2.04 -9.12 32.32
C1 CR2 H 56 -0.56 -8.99 32.51
N2 CR2 H 56 0.20 -8.12 31.92
N3 CR2 H 56 0.11 -9.75 33.36
C2 CR2 H 56 1.32 -9.35 33.28
O2 CR2 H 56 2.32 -9.70 33.84
CA2 CR2 H 56 1.34 -8.25 32.31
CA3 CR2 H 56 -0.49 -10.78 34.15
C3 CR2 H 56 -0.23 -12.27 34.22
O3 CR2 H 56 -0.65 -12.92 35.17
CB2 CR2 H 56 2.52 -7.50 31.93
CG2 CR2 H 56 2.90 -6.37 31.05
CD1 CR2 H 56 4.17 -5.86 31.04
CD2 CR2 H 56 1.92 -5.79 30.26
CE1 CR2 H 56 4.46 -4.76 30.25
CE2 CR2 H 56 2.22 -4.71 29.48
CZ CR2 H 56 3.45 -4.22 29.50
OH CR2 H 56 3.66 -3.22 28.76
N PHE H 57 -0.56 -12.71 33.01
CA PHE H 57 -0.78 -14.11 32.74
C PHE H 57 0.13 -14.60 31.60
N HIS H 58 1.40 -14.72 31.93
CA HIS H 58 2.43 -15.13 30.99
C HIS H 58 2.32 -16.60 30.58
N GLN H 59 1.49 -17.37 31.28
CA GLN H 59 1.32 -18.77 30.93
C GLN H 59 0.73 -18.93 29.52
N TYR H 60 0.23 -17.84 28.96
CA TYR H 60 -0.33 -17.85 27.60
C TYR H 60 0.78 -17.60 26.58
N LEU H 61 1.96 -17.24 27.09
CA LEU H 61 3.07 -16.91 26.23
C LEU H 61 3.86 -18.11 25.71
N PRO H 62 3.88 -18.30 24.39
CA PRO H 62 4.65 -19.43 23.86
C PRO H 62 6.01 -18.89 23.43
N PHE H 63 6.96 -19.77 23.17
CA PHE H 63 8.27 -19.34 22.71
C PHE H 63 8.40 -19.79 21.26
N PRO H 64 9.37 -19.23 20.52
CA PRO H 64 9.54 -19.62 19.13
C PRO H 64 9.70 -21.14 18.95
N ASP H 65 10.62 -21.73 19.71
CA ASP H 65 10.89 -23.16 19.60
C ASP H 65 10.15 -24.02 20.61
N GLY H 66 9.14 -23.47 21.25
CA GLY H 66 8.40 -24.26 22.23
C GLY H 66 7.65 -23.43 23.24
N MET H 67 7.48 -23.95 24.45
CA MET H 67 6.77 -23.21 25.48
C MET H 67 7.72 -22.28 26.23
N SER H 68 7.13 -21.27 26.84
CA SER H 68 7.91 -20.32 27.62
C SER H 68 7.96 -21.03 28.96
N PRO H 69 8.89 -20.64 29.83
CA PRO H 69 8.96 -21.31 31.14
C PRO H 69 7.67 -21.12 31.92
N PHE H 70 6.99 -20.00 31.71
CA PHE H 70 5.74 -19.72 32.43
C PHE H 70 4.65 -20.67 31.94
N GLN H 71 4.60 -20.88 30.63
CA GLN H 71 3.59 -21.74 30.00
C GLN H 71 3.83 -23.21 30.34
N ALA H 72 5.10 -23.61 30.39
CA ALA H 72 5.47 -24.99 30.71
C ALA H 72 5.12 -25.30 32.15
N ALA H 73 5.30 -24.32 33.02
CA ALA H 73 5.00 -24.51 34.44
C ALA H 73 3.49 -24.54 34.67
N ALA H 74 2.74 -23.97 33.74
CA ALA H 74 1.28 -23.95 33.83
C ALA H 74 0.74 -25.29 33.36
N ASP H 75 1.24 -25.73 32.20
CA ASP H 75 0.86 -26.99 31.58
C ASP H 75 1.25 -28.13 32.53
N ASP H 76 2.35 -27.91 33.22
CA ASP H 76 2.93 -28.84 34.19
C ASP H 76 2.07 -28.90 35.45
N GLY H 77 1.57 -27.74 35.87
CA GLY H 77 0.77 -27.67 37.08
C GLY H 77 1.65 -27.26 38.26
N SER H 78 2.97 -27.38 38.10
CA SER H 78 3.90 -27.00 39.17
C SER H 78 3.85 -25.50 39.45
N GLY H 79 3.70 -24.71 38.40
CA GLY H 79 3.59 -23.26 38.53
C GLY H 79 4.78 -22.46 39.02
N TYR H 80 4.51 -21.20 39.33
CA TYR H 80 5.54 -20.29 39.80
C TYR H 80 4.89 -19.13 40.55
N VAL H 81 5.68 -18.42 41.33
CA VAL H 81 5.19 -17.28 42.10
C VAL H 81 5.85 -16.05 41.47
N VAL H 82 5.21 -14.90 41.58
CA VAL H 82 5.75 -13.69 40.97
C VAL H 82 5.96 -12.54 41.95
N HIS H 83 7.14 -11.93 41.89
CA HIS H 83 7.43 -10.78 42.75
C HIS H 83 7.79 -9.62 41.81
N ARG H 84 6.88 -8.66 41.69
CA ARG H 84 7.10 -7.53 40.79
C ARG H 84 7.28 -6.19 41.50
N THR H 85 8.25 -5.43 41.03
CA THR H 85 8.53 -4.11 41.59
C THR H 85 8.53 -3.09 40.45
N ILE H 86 7.72 -2.05 40.61
CA ILE H 86 7.65 -0.98 39.61
C ILE H 86 8.02 0.33 40.30
N GLN H 87 8.98 1.04 39.74
CA GLN H 87 9.41 2.30 40.32
C GLN H 87 9.18 3.38 39.27
N PHE H 88 8.38 4.38 39.63
CA PHE H 88 8.05 5.47 38.71
C PHE H 88 9.00 6.66 38.91
N GLU H 89 9.24 7.41 37.82
CA GLU H 89 10.14 8.56 37.85
C GLU H 89 9.70 9.52 38.93
N ASP H 90 8.43 9.38 39.26
CA ASP H 90 7.73 10.18 40.24
C ASP H 90 8.21 9.97 41.66
N GLY H 91 8.70 8.75 41.92
CA GLY H 91 9.13 8.42 43.26
C GLY H 91 8.16 7.40 43.83
N ALA H 92 7.04 7.22 43.14
CA ALA H 92 6.02 6.27 43.56
C ALA H 92 6.51 4.84 43.39
N SER H 93 6.06 3.96 44.26
CA SER H 93 6.44 2.54 44.20
C SER H 93 5.20 1.67 44.11
N LEU H 94 5.28 0.61 43.31
CA LEU H 94 4.15 -0.30 43.15
C LEU H 94 4.67 -1.74 43.20
N THR H 95 4.29 -2.46 44.25
CA THR H 95 4.72 -3.84 44.42
C THR H 95 3.62 -4.85 44.13
N GLY H 96 4.00 -5.96 43.50
CA GLY H 96 3.03 -6.98 43.19
C GLY H 96 3.50 -8.39 43.54
N ASN H 97 2.61 -9.12 44.20
CA ASN H 97 2.88 -10.51 44.61
C ASN H 97 1.78 -11.35 44.00
N TYR H 98 2.12 -12.16 43.00
CA TYR H 98 1.13 -13.00 42.34
C TYR H 98 1.30 -14.50 42.62
N ARG H 99 0.16 -15.18 42.74
CA ARG H 99 0.11 -16.62 42.97
C ARG H 99 -1.01 -17.15 42.09
N TYR H 100 -0.80 -18.32 41.51
CA TYR H 100 -1.81 -18.90 40.63
C TYR H 100 -2.24 -20.30 41.05
N SER H 101 -3.37 -20.71 40.49
CA SER H 101 -3.98 -22.01 40.73
C SER H 101 -4.37 -22.54 39.36
N TYR H 102 -4.15 -23.83 39.13
CA TYR H 102 -4.48 -24.39 37.83
C TYR H 102 -5.51 -25.51 37.90
N ASP H 103 -6.40 -25.53 36.91
CA ASP H 103 -7.45 -26.53 36.86
C ASP H 103 -7.96 -26.71 35.42
N GLY H 104 -7.41 -27.72 34.76
CA GLY H 104 -7.79 -28.04 33.39
C GLY H 104 -7.93 -26.89 32.41
N GLY H 105 -6.83 -26.20 32.16
CA GLY H 105 -6.86 -25.09 31.21
C GLY H 105 -7.40 -23.78 31.75
N HIS H 106 -7.81 -23.77 33.02
CA HIS H 106 -8.33 -22.56 33.64
C HIS H 106 -7.39 -22.08 34.74
N ILE H 107 -7.03 -20.81 34.68
CA ILE H 107 -6.12 -20.22 35.66
C ILE H 107 -6.82 -19.26 36.62
N LYS H 108 -6.51 -19.38 37.90
CA LYS H 108 -7.08 -18.49 38.89
C LYS H 108 -5.91 -17.72 39.50
N GLY H 109 -5.93 -16.40 39.34
CA GLY H 109 -4.86 -15.57 39.86
C GLY H 109 -5.27 -14.80 41.10
N GLU H 110 -4.35 -14.73 42.07
CA GLU H 110 -4.58 -14.01 43.31
C GLU H 110 -3.41 -13.02 43.42
N PHE H 111 -3.66 -11.75 43.11
CA PHE H 111 -2.62 -10.72 43.12
C PHE H 111 -2.73 -9.68 44.25
N HIS H 112 -1.68 -9.59 45.06
CA HIS H 112 -1.62 -8.60 46.15
C HIS H 112 -0.77 -7.46 45.62
N VAL H 113 -1.39 -6.30 45.41
CA VAL H 113 -0.71 -5.14 44.87
C VAL H 113 -0.77 -3.91 45.76
N VAL H 114 0.39 -3.37 46.11
CA VAL H 114 0.46 -2.17 46.95
C VAL H 114 1.24 -1.09 46.24
N GLY H 115 0.65 0.10 46.18
CA GLY H 115 1.29 1.23 45.55
C GLY H 115 1.32 2.41 46.51
N SER H 116 2.40 3.18 46.47
CA SER H 116 2.51 4.33 47.37
C SER H 116 3.36 5.43 46.79
N GLY H 117 3.27 6.60 47.42
CA GLY H 117 4.04 7.75 46.99
C GLY H 117 3.66 8.40 45.68
N PHE H 118 2.43 8.17 45.21
CA PHE H 118 2.00 8.81 43.98
C PHE H 118 1.60 10.24 44.34
N PRO H 119 2.25 11.24 43.73
CA PRO H 119 1.92 12.64 44.04
C PRO H 119 0.44 12.94 43.81
N ALA H 120 -0.16 13.67 44.74
CA ALA H 120 -1.58 14.02 44.64
C ALA H 120 -1.88 14.73 43.31
N ASP H 121 -0.93 15.52 42.83
CA ASP H 121 -1.08 16.25 41.58
C ASP H 121 -0.42 15.52 40.41
N GLY H 122 -0.01 14.28 40.64
CA GLY H 122 0.63 13.52 39.59
C GLY H 122 -0.33 12.88 38.61
N PRO H 123 0.19 12.40 37.46
CA PRO H 123 -0.56 11.75 36.38
C PRO H 123 -1.43 10.56 36.82
N VAL H 124 -0.95 9.83 37.82
CA VAL H 124 -1.68 8.67 38.32
C VAL H 124 -2.90 9.02 39.17
N MET H 125 -2.73 9.92 40.13
CA MET H 125 -3.84 10.27 40.99
C MET H 125 -4.88 11.18 40.32
N THR H 126 -4.47 11.89 39.27
CA THR H 126 -5.39 12.78 38.55
C THR H 126 -5.89 12.11 37.28
N LYS H 127 -5.56 10.82 37.12
CA LYS H 127 -5.98 10.04 35.96
C LYS H 127 -5.66 10.71 34.63
N SER H 128 -4.42 11.19 34.50
CA SER H 128 -3.98 11.86 33.28
C SER H 128 -3.28 10.94 32.31
N LEU H 129 -3.15 9.67 32.66
CA LEU H 129 -2.50 8.73 31.76
C LEU H 129 -3.55 8.35 30.73
N THR H 130 -3.12 8.20 29.48
CA THR H 130 -4.06 7.86 28.41
C THR H 130 -3.93 6.43 27.89
N ALA H 131 -2.79 5.80 28.14
CA ALA H 131 -2.54 4.44 27.67
C ALA H 131 -1.17 3.95 28.11
N VAL H 132 -0.91 2.66 27.83
CA VAL H 132 0.37 2.05 28.14
C VAL H 132 1.11 1.91 26.83
N ASP H 133 2.32 2.44 26.74
CA ASP H 133 3.08 2.31 25.49
C ASP H 133 3.51 0.87 25.28
N TRP H 134 3.62 0.47 24.02
CA TRP H 134 4.05 -0.87 23.72
C TRP H 134 5.43 -1.01 24.37
N SER H 135 5.78 -2.22 24.79
CA SER H 135 7.06 -2.44 25.47
C SER H 135 7.76 -3.73 25.10
N VAL H 136 9.05 -3.78 25.40
CA VAL H 136 9.86 -4.96 25.15
C VAL H 136 10.59 -5.31 26.44
N ALA H 137 10.38 -6.52 26.94
CA ALA H 137 11.04 -6.94 28.16
C ALA H 137 12.27 -7.77 27.85
N THR H 138 13.29 -7.67 28.69
CA THR H 138 14.51 -8.44 28.54
C THR H 138 14.47 -9.49 29.66
N MET H 139 14.46 -10.77 29.29
CA MET H 139 14.40 -11.85 30.27
C MET H 139 15.65 -12.71 30.30
N LEU H 140 16.05 -13.08 31.51
CA LEU H 140 17.23 -13.92 31.72
C LEU H 140 16.82 -15.02 32.70
N PHE H 141 17.56 -16.11 32.69
CA PHE H 141 17.27 -17.22 33.60
C PHE H 141 18.59 -17.52 34.34
N PRO H 142 18.85 -16.78 35.45
CA PRO H 142 20.06 -16.93 36.26
C PRO H 142 20.31 -18.35 36.79
N ASN H 143 19.24 -19.11 37.02
CA ASN H 143 19.36 -20.49 37.48
C ASN H 143 18.11 -21.25 37.00
N ASP H 144 18.10 -22.56 37.13
CA ASP H 144 16.96 -23.35 36.62
C ASP H 144 15.61 -23.17 37.31
N THR H 145 15.54 -22.32 38.32
CA THR H 145 14.28 -22.11 39.00
C THR H 145 13.91 -20.61 39.05
N THR H 146 14.60 -19.81 38.24
CA THR H 146 14.37 -18.37 38.26
C THR H 146 14.36 -17.65 36.91
N VAL H 147 13.40 -16.75 36.75
CA VAL H 147 13.32 -15.94 35.55
C VAL H 147 13.30 -14.49 36.03
N VAL H 148 14.12 -13.65 35.41
CA VAL H 148 14.16 -12.23 35.78
C VAL H 148 13.79 -11.46 34.52
N SER H 149 12.84 -10.55 34.65
CA SER H 149 12.39 -9.74 33.52
C SER H 149 12.42 -8.25 33.87
N THR H 150 13.10 -7.46 33.06
CA THR H 150 13.15 -6.01 33.29
C THR H 150 12.55 -5.28 32.10
N ILE H 151 11.79 -4.22 32.39
CA ILE H 151 11.14 -3.45 31.33
C ILE H 151 11.20 -1.94 31.52
N ASP H 152 11.58 -1.22 30.46
CA ASP H 152 11.60 0.24 30.49
C ASP H 152 10.18 0.57 30.03
N TRP H 153 9.39 1.11 30.96
CA TRP H 153 7.97 1.37 30.74
C TRP H 153 7.53 2.84 30.69
N THR H 154 6.56 3.14 29.82
CA THR H 154 6.02 4.49 29.71
C THR H 154 4.53 4.51 29.41
N CYS H 155 3.87 5.54 29.93
CA CYS H 155 2.44 5.77 29.72
C CYS H 155 2.27 7.22 29.28
N PRO H 156 1.65 7.46 28.12
CA PRO H 156 1.48 8.84 27.67
C PRO H 156 0.48 9.55 28.58
N THR H 157 0.63 10.85 28.74
CA THR H 157 -0.29 11.61 29.58
C THR H 157 -1.07 12.60 28.71
N THR H 158 -2.06 13.26 29.34
CA THR H 158 -2.88 14.24 28.66
C THR H 158 -2.01 15.33 28.06
N SER H 159 -1.03 15.78 28.84
CA SER H 159 -0.12 16.85 28.44
C SER H 159 0.86 16.47 27.33
N GLY H 160 0.76 15.25 26.81
CA GLY H 160 1.64 14.82 25.74
C GLY H 160 2.95 14.21 26.19
N LYS H 161 3.41 14.57 27.38
CA LYS H 161 4.66 14.01 27.90
C LYS H 161 4.43 12.59 28.41
N ARG H 162 5.48 11.76 28.40
CA ARG H 162 5.32 10.40 28.87
C ARG H 162 5.71 10.28 30.34
N TYR H 163 5.05 9.37 31.04
CA TYR H 163 5.30 9.11 32.45
C TYR H 163 6.18 7.85 32.48
N HIS H 164 7.40 7.96 33.02
CA HIS H 164 8.33 6.84 33.06
C HIS H 164 8.37 5.96 34.31
N ALA H 165 8.75 4.71 34.10
CA ALA H 165 8.86 3.74 35.19
C ALA H 165 9.72 2.58 34.73
N THR H 166 10.19 1.79 35.68
CA THR H 166 10.97 0.60 35.34
C THR H 166 10.29 -0.53 36.08
N LEU H 167 10.13 -1.66 35.39
CA LEU H 167 9.52 -2.84 35.98
C LEU H 167 10.57 -3.90 36.15
N ARG H 168 10.55 -4.53 37.30
CA ARG H 168 11.49 -5.60 37.58
C ARG H 168 10.63 -6.71 38.13
N THR H 169 10.61 -7.82 37.42
CA THR H 169 9.80 -8.95 37.86
C THR H 169 10.64 -10.19 38.04
N ASN H 170 10.58 -10.77 39.24
CA ASN H 170 11.32 -11.98 39.54
C ASN H 170 10.33 -13.14 39.66
N TYR H 171 10.53 -14.16 38.83
CA TYR H 171 9.67 -15.35 38.85
C TYR H 171 10.40 -16.53 39.49
N THR H 172 9.78 -17.14 40.51
CA THR H 172 10.37 -18.29 41.19
C THR H 172 9.54 -19.54 40.91
N PHE H 173 10.16 -20.53 40.25
CA PHE H 173 9.45 -21.77 39.88
C PHE H 173 9.57 -22.91 40.89
N ALA H 174 8.53 -23.73 40.96
CA ALA H 174 8.51 -24.86 41.89
C ALA H 174 9.37 -26.00 41.35
N LYS H 175 9.40 -26.14 40.03
CA LYS H 175 10.20 -27.19 39.40
C LYS H 175 11.19 -26.60 38.41
N PRO H 176 12.33 -27.28 38.23
CA PRO H 176 13.36 -26.80 37.30
C PRO H 176 12.81 -26.56 35.90
N ILE H 177 13.27 -25.48 35.28
CA ILE H 177 12.88 -25.10 33.93
C ILE H 177 13.65 -25.98 32.94
N ALA H 178 12.95 -26.47 31.92
CA ALA H 178 13.56 -27.34 30.91
C ALA H 178 14.89 -26.84 30.38
N ALA H 179 15.86 -27.74 30.31
CA ALA H 179 17.19 -27.39 29.82
C ALA H 179 17.12 -26.70 28.46
N THR H 180 16.11 -27.07 27.66
CA THR H 180 15.95 -26.50 26.33
C THR H 180 15.79 -24.98 26.40
N ILE H 181 14.91 -24.56 27.30
CA ILE H 181 14.64 -23.14 27.48
C ILE H 181 15.85 -22.39 28.02
N LEU H 182 16.40 -22.85 29.13
CA LEU H 182 17.55 -22.23 29.76
C LEU H 182 18.71 -22.01 28.79
N GLN H 183 18.69 -22.75 27.68
CA GLN H 183 19.76 -22.65 26.69
C GLN H 183 19.74 -21.35 25.89
N LYS H 184 18.56 -20.85 25.55
CA LYS H 184 18.46 -19.61 24.78
C LYS H 184 18.23 -18.36 25.63
N GLN H 185 19.27 -17.55 25.78
CA GLN H 185 19.18 -16.31 26.58
C GLN H 185 20.01 -15.22 25.90
N PRO H 186 19.55 -13.96 25.99
CA PRO H 186 18.32 -13.54 26.67
C PRO H 186 17.12 -13.78 25.78
N MET H 187 15.93 -13.70 26.36
CA MET H 187 14.69 -13.85 25.61
C MET H 187 13.95 -12.51 25.76
N PHE H 188 13.48 -11.96 24.65
CA PHE H 188 12.78 -10.68 24.70
C PHE H 188 11.29 -10.87 24.43
N VAL H 189 10.47 -10.07 25.08
CA VAL H 189 9.03 -10.17 24.87
C VAL H 189 8.43 -8.81 24.53
N PHE H 190 7.85 -8.72 23.35
CA PHE H 190 7.21 -7.50 22.87
C PHE H 190 5.74 -7.56 23.22
N ARG H 191 5.23 -6.52 23.86
CA ARG H 191 3.83 -6.47 24.26
C ARG H 191 3.09 -5.22 23.80
N LYS H 192 1.82 -5.41 23.48
CA LYS H 192 0.93 -4.33 23.04
C LYS H 192 -0.35 -4.50 23.83
N THR H 193 -0.96 -3.39 24.23
CA THR H 193 -2.21 -3.46 24.96
C THR H 193 -3.24 -2.46 24.42
N GLU H 194 -4.50 -2.83 24.57
CA GLU H 194 -5.62 -1.98 24.16
C GLU H 194 -6.50 -1.92 25.39
N VAL H 195 -6.77 -0.72 25.87
CA VAL H 195 -7.58 -0.57 27.07
C VAL H 195 -8.81 0.32 26.95
N LYS H 196 -9.93 -0.18 27.44
CA LYS H 196 -11.18 0.57 27.46
C LYS H 196 -11.60 0.49 28.91
N ALA H 197 -11.72 1.63 29.56
CA ALA H 197 -12.09 1.61 30.98
C ALA H 197 -12.93 2.77 31.48
N SER H 198 -13.66 2.50 32.55
CA SER H 198 -14.52 3.46 33.20
C SER H 198 -13.99 3.56 34.62
N ASP H 199 -14.81 4.07 35.53
CA ASP H 199 -14.40 4.25 36.92
C ASP H 199 -14.35 2.97 37.73
N ALA H 200 -15.19 2.00 37.38
CA ALA H 200 -15.22 0.75 38.11
C ALA H 200 -15.02 -0.47 37.21
N GLU H 201 -14.68 -0.23 35.95
CA GLU H 201 -14.46 -1.35 35.03
C GLU H 201 -13.31 -1.12 34.07
N ILE H 202 -12.45 -2.14 33.95
CA ILE H 202 -11.30 -2.06 33.05
C ILE H 202 -11.33 -3.24 32.11
N ASN H 203 -11.19 -2.97 30.82
CA ASN H 203 -11.18 -4.01 29.81
C ASN H 203 -9.82 -3.99 29.14
N LEU H 204 -9.15 -5.14 29.10
CA LEU H 204 -7.83 -5.21 28.51
C LEU H 204 -7.66 -6.29 27.47
N LYS H 205 -6.92 -5.93 26.42
CA LYS H 205 -6.57 -6.84 25.35
C LYS H 205 -5.05 -6.71 25.29
N GLU H 206 -4.37 -7.84 25.37
CA GLU H 206 -2.92 -7.83 25.35
C GLU H 206 -2.36 -8.80 24.31
N TRP H 207 -1.29 -8.39 23.65
CA TRP H 207 -0.64 -9.21 22.64
C TRP H 207 0.82 -9.36 23.07
N GLN H 208 1.32 -10.59 23.11
CA GLN H 208 2.69 -10.83 23.53
C GLN H 208 3.42 -11.64 22.48
N LYS H 209 4.68 -11.30 22.24
CA LYS H 209 5.47 -12.04 21.27
C LYS H 209 6.91 -12.14 21.70
N ALA H 210 7.32 -13.36 22.03
CA ALA H 210 8.68 -13.60 22.48
C ALA H 210 9.59 -13.86 21.30
N PHE H 211 10.86 -13.48 21.45
CA PHE H 211 11.83 -13.70 20.40
C PHE H 211 13.24 -13.70 20.98
N HIS H 212 14.13 -14.44 20.32
CA HIS H 212 15.51 -14.56 20.73
C HIS H 212 16.36 -13.85 19.69
N ASP H 213 15.94 -14.03 18.44
CA ASP H 213 16.61 -13.47 17.28
C ASP H 213 15.55 -12.69 16.51
N LEU H 214 15.99 -11.74 15.69
CA LEU H 214 15.10 -10.92 14.89
C LEU H 214 15.66 -10.70 13.49
#